data_2DVO
# 
_entry.id   2DVO 
# 
_audit_conform.dict_name       mmcif_pdbx.dic 
_audit_conform.dict_version    5.380 
_audit_conform.dict_location   http://mmcif.pdb.org/dictionaries/ascii/mmcif_pdbx.dic 
# 
loop_
_database_2.database_id 
_database_2.database_code 
_database_2.pdbx_database_accession 
_database_2.pdbx_DOI 
PDB   2DVO         pdb_00002dvo 10.2210/pdb2dvo/pdb 
RCSB  RCSB025899   ?            ?                   
WWPDB D_1000025899 ?            ?                   
# 
loop_
_pdbx_database_related.db_name 
_pdbx_database_related.db_id 
_pdbx_database_related.details 
_pdbx_database_related.content_type 
PDB      2DVN           'The same protein with the complex of IMP' unspecified 
PDB      2DVP           'The same protein without ligands'         unspecified 
TargetDB pho001001917.3 .                                          unspecified 
# 
_pdbx_database_status.status_code                     REL 
_pdbx_database_status.entry_id                        2DVO 
_pdbx_database_status.recvd_initial_deposition_date   2006-07-31 
_pdbx_database_status.deposit_site                    PDBJ 
_pdbx_database_status.process_site                    PDBJ 
_pdbx_database_status.status_code_sf                  REL 
_pdbx_database_status.status_code_mr                  ? 
_pdbx_database_status.SG_entry                        Y 
_pdbx_database_status.pdb_format_compatible           Y 
_pdbx_database_status.status_code_cs                  ? 
_pdbx_database_status.status_code_nmr_data            ? 
_pdbx_database_status.methods_development_category    ? 
# 
loop_
_audit_author.name 
_audit_author.pdbx_ordinal 
'Lokanath, N.K.'                                         1 
'Kunishima, N.'                                          2 
'RIKEN Structural Genomics/Proteomics Initiative (RSGI)' 3 
# 
_citation.id                        primary 
_citation.title                     
;Structures of dimeric nonstandard nucleotide triphosphate pyrophosphatase from Pyrococcus horikoshii OT3: functional significance of interprotomer conformational changes
;
_citation.journal_abbrev            J.Mol.Biol. 
_citation.journal_volume            375 
_citation.page_first                1013 
_citation.page_last                 1025 
_citation.year                      2008 
_citation.journal_id_ASTM           JMOBAK 
_citation.country                   UK 
_citation.journal_id_ISSN           0022-2836 
_citation.journal_id_CSD            0070 
_citation.book_publisher            ? 
_citation.pdbx_database_id_PubMed   18062990 
_citation.pdbx_database_id_DOI      10.1016/j.jmb.2007.11.018 
# 
loop_
_citation_author.citation_id 
_citation_author.name 
_citation_author.ordinal 
_citation_author.identifier_ORCID 
primary 'Lokanath, N.K.' 1 ? 
primary 'Pampa, K.J.'    2 ? 
primary 'Takio, K.'      3 ? 
primary 'Kunishima, N.'  4 ? 
# 
_cell.entry_id           2DVO 
_cell.length_a           78.261 
_cell.length_b           93.068 
_cell.length_c           54.051 
_cell.angle_alpha        90.00 
_cell.angle_beta         90.00 
_cell.angle_gamma        90.00 
_cell.Z_PDB              8 
_cell.pdbx_unique_axis   ? 
_cell.length_a_esd       ? 
_cell.length_b_esd       ? 
_cell.length_c_esd       ? 
_cell.angle_alpha_esd    ? 
_cell.angle_beta_esd     ? 
_cell.angle_gamma_esd    ? 
# 
_symmetry.entry_id                         2DVO 
_symmetry.space_group_name_H-M             'C 2 2 21' 
_symmetry.pdbx_full_space_group_name_H-M   ? 
_symmetry.cell_setting                     ? 
_symmetry.Int_Tables_number                20 
_symmetry.space_group_name_Hall            ? 
# 
loop_
_entity.id 
_entity.type 
_entity.src_method 
_entity.pdbx_description 
_entity.formula_weight 
_entity.pdbx_number_of_molecules 
_entity.pdbx_ec 
_entity.pdbx_mutation 
_entity.pdbx_fragment 
_entity.details 
1 polymer     man 'Hypothetical protein PH1917' 21233.420 1  ? ? ? ? 
2 non-polymer syn 'SODIUM ION'                  22.990    1  ? ? ? ? 
3 non-polymer syn 
;INOSINE 5'-TRIPHOSPHATE
;
508.166   1  ? ? ? ? 
4 water       nat water                         18.015    80 ? ? ? ? 
# 
_entity_name_com.entity_id   1 
_entity_name_com.name        NTPase 
# 
_entity_poly.entity_id                      1 
_entity_poly.type                           'polypeptide(L)' 
_entity_poly.nstd_linkage                   no 
_entity_poly.nstd_monomer                   no 
_entity_poly.pdbx_seq_one_letter_code       
;MKIFFITSNPGKVREVANFLGTFGIEIVQLKHEYPEIQAEKLEDVVDFGISWLKGKVPEPFMIEDSGLFIESLKGFPGVY
SSYVYRTIGLEGILKLMEGAEDRRAYFKSVIGFYIDGKAYKFSGVTWGRISNEKRGTHGFGYDPIFIPEGSEKTFAEMTI
EEKNALSHRGKALKAFFEWLKVNLKY
;
_entity_poly.pdbx_seq_one_letter_code_can   
;MKIFFITSNPGKVREVANFLGTFGIEIVQLKHEYPEIQAEKLEDVVDFGISWLKGKVPEPFMIEDSGLFIESLKGFPGVY
SSYVYRTIGLEGILKLMEGAEDRRAYFKSVIGFYIDGKAYKFSGVTWGRISNEKRGTHGFGYDPIFIPEGSEKTFAEMTI
EEKNALSHRGKALKAFFEWLKVNLKY
;
_entity_poly.pdbx_strand_id                 A 
_entity_poly.pdbx_target_identifier         pho001001917.3 
# 
loop_
_entity_poly_seq.entity_id 
_entity_poly_seq.num 
_entity_poly_seq.mon_id 
_entity_poly_seq.hetero 
1 1   MET n 
1 2   LYS n 
1 3   ILE n 
1 4   PHE n 
1 5   PHE n 
1 6   ILE n 
1 7   THR n 
1 8   SER n 
1 9   ASN n 
1 10  PRO n 
1 11  GLY n 
1 12  LYS n 
1 13  VAL n 
1 14  ARG n 
1 15  GLU n 
1 16  VAL n 
1 17  ALA n 
1 18  ASN n 
1 19  PHE n 
1 20  LEU n 
1 21  GLY n 
1 22  THR n 
1 23  PHE n 
1 24  GLY n 
1 25  ILE n 
1 26  GLU n 
1 27  ILE n 
1 28  VAL n 
1 29  GLN n 
1 30  LEU n 
1 31  LYS n 
1 32  HIS n 
1 33  GLU n 
1 34  TYR n 
1 35  PRO n 
1 36  GLU n 
1 37  ILE n 
1 38  GLN n 
1 39  ALA n 
1 40  GLU n 
1 41  LYS n 
1 42  LEU n 
1 43  GLU n 
1 44  ASP n 
1 45  VAL n 
1 46  VAL n 
1 47  ASP n 
1 48  PHE n 
1 49  GLY n 
1 50  ILE n 
1 51  SER n 
1 52  TRP n 
1 53  LEU n 
1 54  LYS n 
1 55  GLY n 
1 56  LYS n 
1 57  VAL n 
1 58  PRO n 
1 59  GLU n 
1 60  PRO n 
1 61  PHE n 
1 62  MET n 
1 63  ILE n 
1 64  GLU n 
1 65  ASP n 
1 66  SER n 
1 67  GLY n 
1 68  LEU n 
1 69  PHE n 
1 70  ILE n 
1 71  GLU n 
1 72  SER n 
1 73  LEU n 
1 74  LYS n 
1 75  GLY n 
1 76  PHE n 
1 77  PRO n 
1 78  GLY n 
1 79  VAL n 
1 80  TYR n 
1 81  SER n 
1 82  SER n 
1 83  TYR n 
1 84  VAL n 
1 85  TYR n 
1 86  ARG n 
1 87  THR n 
1 88  ILE n 
1 89  GLY n 
1 90  LEU n 
1 91  GLU n 
1 92  GLY n 
1 93  ILE n 
1 94  LEU n 
1 95  LYS n 
1 96  LEU n 
1 97  MET n 
1 98  GLU n 
1 99  GLY n 
1 100 ALA n 
1 101 GLU n 
1 102 ASP n 
1 103 ARG n 
1 104 ARG n 
1 105 ALA n 
1 106 TYR n 
1 107 PHE n 
1 108 LYS n 
1 109 SER n 
1 110 VAL n 
1 111 ILE n 
1 112 GLY n 
1 113 PHE n 
1 114 TYR n 
1 115 ILE n 
1 116 ASP n 
1 117 GLY n 
1 118 LYS n 
1 119 ALA n 
1 120 TYR n 
1 121 LYS n 
1 122 PHE n 
1 123 SER n 
1 124 GLY n 
1 125 VAL n 
1 126 THR n 
1 127 TRP n 
1 128 GLY n 
1 129 ARG n 
1 130 ILE n 
1 131 SER n 
1 132 ASN n 
1 133 GLU n 
1 134 LYS n 
1 135 ARG n 
1 136 GLY n 
1 137 THR n 
1 138 HIS n 
1 139 GLY n 
1 140 PHE n 
1 141 GLY n 
1 142 TYR n 
1 143 ASP n 
1 144 PRO n 
1 145 ILE n 
1 146 PHE n 
1 147 ILE n 
1 148 PRO n 
1 149 GLU n 
1 150 GLY n 
1 151 SER n 
1 152 GLU n 
1 153 LYS n 
1 154 THR n 
1 155 PHE n 
1 156 ALA n 
1 157 GLU n 
1 158 MET n 
1 159 THR n 
1 160 ILE n 
1 161 GLU n 
1 162 GLU n 
1 163 LYS n 
1 164 ASN n 
1 165 ALA n 
1 166 LEU n 
1 167 SER n 
1 168 HIS n 
1 169 ARG n 
1 170 GLY n 
1 171 LYS n 
1 172 ALA n 
1 173 LEU n 
1 174 LYS n 
1 175 ALA n 
1 176 PHE n 
1 177 PHE n 
1 178 GLU n 
1 179 TRP n 
1 180 LEU n 
1 181 LYS n 
1 182 VAL n 
1 183 ASN n 
1 184 LEU n 
1 185 LYS n 
1 186 TYR n 
# 
_entity_src_gen.entity_id                          1 
_entity_src_gen.pdbx_src_id                        1 
_entity_src_gen.pdbx_alt_source_flag               sample 
_entity_src_gen.pdbx_seq_type                      ? 
_entity_src_gen.pdbx_beg_seq_num                   ? 
_entity_src_gen.pdbx_end_seq_num                   ? 
_entity_src_gen.gene_src_common_name               ? 
_entity_src_gen.gene_src_genus                     Pyrococcus 
_entity_src_gen.pdbx_gene_src_gene                 ? 
_entity_src_gen.gene_src_species                   ? 
_entity_src_gen.gene_src_strain                    ? 
_entity_src_gen.gene_src_tissue                    ? 
_entity_src_gen.gene_src_tissue_fraction           ? 
_entity_src_gen.gene_src_details                   ? 
_entity_src_gen.pdbx_gene_src_fragment             ? 
_entity_src_gen.pdbx_gene_src_scientific_name      'Pyrococcus horikoshii' 
_entity_src_gen.pdbx_gene_src_ncbi_taxonomy_id     53953 
_entity_src_gen.pdbx_gene_src_variant              ? 
_entity_src_gen.pdbx_gene_src_cell_line            ? 
_entity_src_gen.pdbx_gene_src_atcc                 ? 
_entity_src_gen.pdbx_gene_src_organ                ? 
_entity_src_gen.pdbx_gene_src_organelle            ? 
_entity_src_gen.pdbx_gene_src_cell                 ? 
_entity_src_gen.pdbx_gene_src_cellular_location    ? 
_entity_src_gen.host_org_common_name               ? 
_entity_src_gen.pdbx_host_org_scientific_name      'Escherichia coli' 
_entity_src_gen.pdbx_host_org_ncbi_taxonomy_id     562 
_entity_src_gen.host_org_genus                     Escherichia 
_entity_src_gen.pdbx_host_org_gene                 ? 
_entity_src_gen.pdbx_host_org_organ                ? 
_entity_src_gen.host_org_species                   ? 
_entity_src_gen.pdbx_host_org_tissue               ? 
_entity_src_gen.pdbx_host_org_tissue_fraction      ? 
_entity_src_gen.pdbx_host_org_strain               'BL21 Codon Plus (DE3)-RIL' 
_entity_src_gen.pdbx_host_org_variant              ? 
_entity_src_gen.pdbx_host_org_cell_line            ? 
_entity_src_gen.pdbx_host_org_atcc                 ? 
_entity_src_gen.pdbx_host_org_culture_collection   ? 
_entity_src_gen.pdbx_host_org_cell                 ? 
_entity_src_gen.pdbx_host_org_organelle            ? 
_entity_src_gen.pdbx_host_org_cellular_location    ? 
_entity_src_gen.pdbx_host_org_vector_type          plasmid 
_entity_src_gen.pdbx_host_org_vector               ? 
_entity_src_gen.host_org_details                   ? 
_entity_src_gen.expression_system_id               ? 
_entity_src_gen.plasmid_name                       pET-11a 
_entity_src_gen.plasmid_details                    ? 
_entity_src_gen.pdbx_description                   ? 
# 
_struct_ref.id                         1 
_struct_ref.db_name                    UNP 
_struct_ref.db_code                    O59580_PYRHO 
_struct_ref.pdbx_db_accession          O59580 
_struct_ref.entity_id                  1 
_struct_ref.pdbx_seq_one_letter_code   
;MKIFFITSNPGKVREVANFLGTFGIEIVQLKHEYPEIQAEKLEDVVDFGISWLKGKVPEPFMIEDSGLFIESLKGFPGVY
SSYVYRTIGLEGILKLMEGAEDRRAYFKSVIGFYIDGKAYKFSGVTWGRISNEKRGTHGFGYDPIFIPEGSEKTFAEMTI
EEKNALSHRGKALKAFFEWLKVNLKY
;
_struct_ref.pdbx_align_begin           1 
_struct_ref.pdbx_db_isoform            ? 
# 
_struct_ref_seq.align_id                      1 
_struct_ref_seq.ref_id                        1 
_struct_ref_seq.pdbx_PDB_id_code              2DVO 
_struct_ref_seq.pdbx_strand_id                A 
_struct_ref_seq.seq_align_beg                 1 
_struct_ref_seq.pdbx_seq_align_beg_ins_code   ? 
_struct_ref_seq.seq_align_end                 186 
_struct_ref_seq.pdbx_seq_align_end_ins_code   ? 
_struct_ref_seq.pdbx_db_accession             O59580 
_struct_ref_seq.db_align_beg                  1 
_struct_ref_seq.pdbx_db_align_beg_ins_code    ? 
_struct_ref_seq.db_align_end                  186 
_struct_ref_seq.pdbx_db_align_end_ins_code    ? 
_struct_ref_seq.pdbx_auth_seq_align_beg       1 
_struct_ref_seq.pdbx_auth_seq_align_end       186 
# 
loop_
_chem_comp.id 
_chem_comp.type 
_chem_comp.mon_nstd_flag 
_chem_comp.name 
_chem_comp.pdbx_synonyms 
_chem_comp.formula 
_chem_comp.formula_weight 
ALA 'L-peptide linking' y ALANINE                   ?                      'C3 H7 N O2'        89.093  
ARG 'L-peptide linking' y ARGININE                  ?                      'C6 H15 N4 O2 1'    175.209 
ASN 'L-peptide linking' y ASPARAGINE                ?                      'C4 H8 N2 O3'       132.118 
ASP 'L-peptide linking' y 'ASPARTIC ACID'           ?                      'C4 H7 N O4'        133.103 
GLN 'L-peptide linking' y GLUTAMINE                 ?                      'C5 H10 N2 O3'      146.144 
GLU 'L-peptide linking' y 'GLUTAMIC ACID'           ?                      'C5 H9 N O4'        147.129 
GLY 'peptide linking'   y GLYCINE                   ?                      'C2 H5 N O2'        75.067  
HIS 'L-peptide linking' y HISTIDINE                 ?                      'C6 H10 N3 O2 1'    156.162 
HOH non-polymer         . WATER                     ?                      'H2 O'              18.015  
ILE 'L-peptide linking' y ISOLEUCINE                ?                      'C6 H13 N O2'       131.173 
ITT non-polymer         . 
;INOSINE 5'-TRIPHOSPHATE
;
'INOSINE TRIPHOSPHATE' 'C10 H15 N4 O14 P3' 508.166 
LEU 'L-peptide linking' y LEUCINE                   ?                      'C6 H13 N O2'       131.173 
LYS 'L-peptide linking' y LYSINE                    ?                      'C6 H15 N2 O2 1'    147.195 
MET 'L-peptide linking' y METHIONINE                ?                      'C5 H11 N O2 S'     149.211 
NA  non-polymer         . 'SODIUM ION'              ?                      'Na 1'              22.990  
PHE 'L-peptide linking' y PHENYLALANINE             ?                      'C9 H11 N O2'       165.189 
PRO 'L-peptide linking' y PROLINE                   ?                      'C5 H9 N O2'        115.130 
SER 'L-peptide linking' y SERINE                    ?                      'C3 H7 N O3'        105.093 
THR 'L-peptide linking' y THREONINE                 ?                      'C4 H9 N O3'        119.119 
TRP 'L-peptide linking' y TRYPTOPHAN                ?                      'C11 H12 N2 O2'     204.225 
TYR 'L-peptide linking' y TYROSINE                  ?                      'C9 H11 N O3'       181.189 
VAL 'L-peptide linking' y VALINE                    ?                      'C5 H11 N O2'       117.146 
# 
_exptl.entry_id          2DVO 
_exptl.method            'X-RAY DIFFRACTION' 
_exptl.crystals_number   1 
# 
_exptl_crystal.id                    1 
_exptl_crystal.density_meas          ? 
_exptl_crystal.density_Matthews      2.32 
_exptl_crystal.density_percent_sol   46.91 
_exptl_crystal.description           ? 
_exptl_crystal.F_000                 ? 
_exptl_crystal.preparation           ? 
# 
_exptl_crystal_grow.crystal_id      1 
_exptl_crystal_grow.method          MICROBATCH 
_exptl_crystal_grow.temp            295 
_exptl_crystal_grow.temp_details    ? 
_exptl_crystal_grow.pH              9.1 
_exptl_crystal_grow.pdbx_details    'PEG, Dioxnae, Bicine, pH 9.1, microbatch, temperature 295K' 
_exptl_crystal_grow.pdbx_pH_range   . 
# 
_diffrn.id                     1 
_diffrn.ambient_temp           100 
_diffrn.ambient_temp_details   ? 
_diffrn.crystal_id             1 
# 
_diffrn_detector.diffrn_id              1 
_diffrn_detector.detector               'IMAGE PLATE' 
_diffrn_detector.type                   'RIGAKU RAXIS V' 
_diffrn_detector.pdbx_collection_date   2004-02-28 
_diffrn_detector.details                ? 
# 
_diffrn_radiation.diffrn_id                        1 
_diffrn_radiation.wavelength_id                    1 
_diffrn_radiation.pdbx_monochromatic_or_laue_m_l   M 
_diffrn_radiation.monochromator                    GRAPHITE 
_diffrn_radiation.pdbx_diffrn_protocol             'SINGLE WAVELENGTH' 
_diffrn_radiation.pdbx_scattering_type             x-ray 
# 
_diffrn_radiation_wavelength.id           1 
_diffrn_radiation_wavelength.wavelength   1.0 
_diffrn_radiation_wavelength.wt           1.0 
# 
_diffrn_source.diffrn_id                   1 
_diffrn_source.source                      SYNCHROTRON 
_diffrn_source.type                        'SPRING-8 BEAMLINE BL26B1' 
_diffrn_source.pdbx_synchrotron_site       SPring-8 
_diffrn_source.pdbx_synchrotron_beamline   BL26B1 
_diffrn_source.pdbx_wavelength             ? 
_diffrn_source.pdbx_wavelength_list        1.0 
# 
_reflns.entry_id                     2DVO 
_reflns.observed_criterion_sigma_I   0.0 
_reflns.observed_criterion_sigma_F   0.0 
_reflns.d_resolution_low             30.0 
_reflns.d_resolution_high            2.2 
_reflns.number_obs                   10176 
_reflns.number_all                   10200 
_reflns.percent_possible_obs         99.5 
_reflns.pdbx_Rmerge_I_obs            0.055 
_reflns.pdbx_Rsym_value              ? 
_reflns.pdbx_netI_over_sigmaI        14.0 
_reflns.B_iso_Wilson_estimate        14.3 
_reflns.pdbx_redundancy              5.6 
_reflns.R_free_details               ? 
_reflns.limit_h_max                  ? 
_reflns.limit_h_min                  ? 
_reflns.limit_k_max                  ? 
_reflns.limit_k_min                  ? 
_reflns.limit_l_max                  ? 
_reflns.limit_l_min                  ? 
_reflns.observed_criterion_F_max     ? 
_reflns.observed_criterion_F_min     ? 
_reflns.pdbx_chi_squared             ? 
_reflns.pdbx_scaling_rejects         ? 
_reflns.pdbx_diffrn_id               1 
_reflns.pdbx_ordinal                 1 
# 
_reflns_shell.d_res_high             2.20 
_reflns_shell.d_res_low              2.28 
_reflns_shell.percent_possible_all   96.1 
_reflns_shell.Rmerge_I_obs           ? 
_reflns_shell.pdbx_Rsym_value        ? 
_reflns_shell.meanI_over_sigI_obs    ? 
_reflns_shell.pdbx_redundancy        ? 
_reflns_shell.percent_possible_obs   ? 
_reflns_shell.number_unique_all      ? 
_reflns_shell.number_measured_all    ? 
_reflns_shell.number_measured_obs    ? 
_reflns_shell.number_unique_obs      ? 
_reflns_shell.pdbx_chi_squared       ? 
_reflns_shell.pdbx_diffrn_id         ? 
_reflns_shell.pdbx_ordinal           1 
# 
_refine.entry_id                                 2DVO 
_refine.ls_number_reflns_obs                     10176 
_refine.ls_number_reflns_all                     10200 
_refine.pdbx_ls_sigma_I                          ? 
_refine.pdbx_ls_sigma_F                          0.0 
_refine.pdbx_data_cutoff_high_absF               1614736.85 
_refine.pdbx_data_cutoff_low_absF                0.000000 
_refine.pdbx_data_cutoff_high_rms_absF           ? 
_refine.ls_d_res_low                             20.00 
_refine.ls_d_res_high                            2.21 
_refine.ls_percent_reflns_obs                    99.1 
_refine.ls_R_factor_obs                          0.205 
_refine.ls_R_factor_all                          ? 
_refine.ls_R_factor_R_work                       0.205 
_refine.ls_R_factor_R_free                       0.229 
_refine.ls_R_factor_R_free_error                 0.010 
_refine.ls_R_factor_R_free_error_details         ? 
_refine.ls_percent_reflns_R_free                 5.3 
_refine.ls_number_reflns_R_free                  538 
_refine.ls_number_parameters                     ? 
_refine.ls_number_restraints                     ? 
_refine.occupancy_min                            ? 
_refine.occupancy_max                            ? 
_refine.correlation_coeff_Fo_to_Fc               ? 
_refine.correlation_coeff_Fo_to_Fc_free          ? 
_refine.B_iso_mean                               28.2 
_refine.aniso_B[1][1]                            3.43 
_refine.aniso_B[2][2]                            -11.34 
_refine.aniso_B[3][3]                            7.91 
_refine.aniso_B[1][2]                            0.00 
_refine.aniso_B[1][3]                            0.00 
_refine.aniso_B[2][3]                            0.00 
_refine.solvent_model_details                    'FLAT MODEL' 
_refine.solvent_model_param_ksol                 0.403832 
_refine.solvent_model_param_bsol                 45.5381 
_refine.pdbx_solvent_vdw_probe_radii             ? 
_refine.pdbx_solvent_ion_probe_radii             ? 
_refine.pdbx_solvent_shrinkage_radii             ? 
_refine.pdbx_ls_cross_valid_method               THROUGHOUT 
_refine.details                                  ? 
_refine.pdbx_starting_model                      'PDB ENTRY 1V7R' 
_refine.pdbx_method_to_determine_struct          'MOLECULAR REPLACEMENT' 
_refine.pdbx_isotropic_thermal_model             RESTRAINED 
_refine.pdbx_stereochemistry_target_values       'Engh & Huber' 
_refine.pdbx_stereochem_target_val_spec_case     ? 
_refine.pdbx_R_Free_selection_details            RANDOM 
_refine.pdbx_overall_ESU_R                       ? 
_refine.pdbx_overall_ESU_R_Free                  ? 
_refine.overall_SU_ML                            ? 
_refine.overall_SU_B                             ? 
_refine.ls_redundancy_reflns_obs                 ? 
_refine.B_iso_min                                ? 
_refine.B_iso_max                                ? 
_refine.overall_SU_R_Cruickshank_DPI             ? 
_refine.overall_SU_R_free                        ? 
_refine.ls_wR_factor_R_free                      ? 
_refine.ls_wR_factor_R_work                      ? 
_refine.overall_FOM_free_R_set                   ? 
_refine.overall_FOM_work_R_set                   ? 
_refine.pdbx_overall_phase_error                 ? 
_refine.pdbx_refine_id                           'X-RAY DIFFRACTION' 
_refine.pdbx_diffrn_id                           1 
_refine.pdbx_TLS_residual_ADP_flag               ? 
_refine.pdbx_overall_SU_R_free_Cruickshank_DPI   ? 
_refine.pdbx_overall_SU_R_Blow_DPI               ? 
_refine.pdbx_overall_SU_R_free_Blow_DPI          ? 
# 
_refine_analyze.entry_id                        2DVO 
_refine_analyze.Luzzati_coordinate_error_obs    0.25 
_refine_analyze.Luzzati_sigma_a_obs             0.16 
_refine_analyze.Luzzati_d_res_low_obs           5.00 
_refine_analyze.Luzzati_coordinate_error_free   0.29 
_refine_analyze.Luzzati_sigma_a_free            0.23 
_refine_analyze.Luzzati_d_res_low_free          ? 
_refine_analyze.number_disordered_residues      ? 
_refine_analyze.occupancy_sum_hydrogen          ? 
_refine_analyze.occupancy_sum_non_hydrogen      ? 
_refine_analyze.pdbx_Luzzati_d_res_high_obs     ? 
_refine_analyze.pdbx_refine_id                  'X-RAY DIFFRACTION' 
# 
_refine_hist.pdbx_refine_id                   'X-RAY DIFFRACTION' 
_refine_hist.cycle_id                         LAST 
_refine_hist.pdbx_number_atoms_protein        1490 
_refine_hist.pdbx_number_atoms_nucleic_acid   0 
_refine_hist.pdbx_number_atoms_ligand         32 
_refine_hist.number_atoms_solvent             80 
_refine_hist.number_atoms_total               1602 
_refine_hist.d_res_high                       2.21 
_refine_hist.d_res_low                        20.00 
# 
loop_
_refine_ls_restr.type 
_refine_ls_restr.dev_ideal 
_refine_ls_restr.dev_ideal_target 
_refine_ls_restr.weight 
_refine_ls_restr.number 
_refine_ls_restr.pdbx_refine_id 
_refine_ls_restr.pdbx_restraint_function 
c_bond_d           0.007 ?    ? ? 'X-RAY DIFFRACTION' ? 
c_angle_deg        1.2   ?    ? ? 'X-RAY DIFFRACTION' ? 
c_dihedral_angle_d 23.2  ?    ? ? 'X-RAY DIFFRACTION' ? 
c_improper_angle_d 0.78  ?    ? ? 'X-RAY DIFFRACTION' ? 
c_mcbond_it        1.36  1.50 ? ? 'X-RAY DIFFRACTION' ? 
c_mcangle_it       2.16  2.00 ? ? 'X-RAY DIFFRACTION' ? 
c_scbond_it        2.07  2.00 ? ? 'X-RAY DIFFRACTION' ? 
c_scangle_it       3.05  2.50 ? ? 'X-RAY DIFFRACTION' ? 
# 
_refine_ls_shell.pdbx_total_number_of_bins_used   6 
_refine_ls_shell.d_res_high                       2.20 
_refine_ls_shell.d_res_low                        2.34 
_refine_ls_shell.number_reflns_R_work             1481 
_refine_ls_shell.R_factor_R_work                  0.212 
_refine_ls_shell.percent_reflns_obs               90.7 
_refine_ls_shell.R_factor_R_free                  0.251 
_refine_ls_shell.R_factor_R_free_error            0.029 
_refine_ls_shell.percent_reflns_R_free            4.9 
_refine_ls_shell.number_reflns_R_free             77 
_refine_ls_shell.number_reflns_all                ? 
_refine_ls_shell.R_factor_all                     ? 
_refine_ls_shell.number_reflns_obs                ? 
_refine_ls_shell.redundancy_reflns_obs            ? 
_refine_ls_shell.pdbx_refine_id                   'X-RAY DIFFRACTION' 
# 
loop_
_pdbx_xplor_file.serial_no 
_pdbx_xplor_file.param_file 
_pdbx_xplor_file.topol_file 
_pdbx_xplor_file.pdbx_refine_id 
1 protein_rep.param protein.top 'X-RAY DIFFRACTION' 
2 water_rep.param   ion.top     'X-RAY DIFFRACTION' 
3 ion.param         water.top   'X-RAY DIFFRACTION' 
4 lig.param         lig.top     'X-RAY DIFFRACTION' 
# 
_struct.entry_id                  2DVO 
_struct.title                     'Structure of PH1917 protein with the complex of ITP from Pyrococcus horikoshii' 
_struct.pdbx_model_details        ? 
_struct.pdbx_CASP_flag            ? 
_struct.pdbx_model_type_details   ? 
# 
_struct_keywords.entry_id        2DVO 
_struct_keywords.pdbx_keywords   HYDROLASE 
_struct_keywords.text            
;NTPase, Structural Genomics, NPPSFA, National Project on Protein Structural and Functional Analyses, RIKEN Structural Genomics/Proteomics Initiative, RSGI, Hydrolase
;
# 
loop_
_struct_asym.id 
_struct_asym.pdbx_blank_PDB_chainid_flag 
_struct_asym.pdbx_modified 
_struct_asym.entity_id 
_struct_asym.details 
A N N 1 ? 
B N N 2 ? 
C N N 3 ? 
D N N 4 ? 
# 
_struct_biol.id        1 
_struct_biol.details   ? 
# 
loop_
_struct_conf.conf_type_id 
_struct_conf.id 
_struct_conf.pdbx_PDB_helix_id 
_struct_conf.beg_label_comp_id 
_struct_conf.beg_label_asym_id 
_struct_conf.beg_label_seq_id 
_struct_conf.pdbx_beg_PDB_ins_code 
_struct_conf.end_label_comp_id 
_struct_conf.end_label_asym_id 
_struct_conf.end_label_seq_id 
_struct_conf.pdbx_end_PDB_ins_code 
_struct_conf.beg_auth_comp_id 
_struct_conf.beg_auth_asym_id 
_struct_conf.beg_auth_seq_id 
_struct_conf.end_auth_comp_id 
_struct_conf.end_auth_asym_id 
_struct_conf.end_auth_seq_id 
_struct_conf.pdbx_PDB_helix_class 
_struct_conf.details 
_struct_conf.pdbx_PDB_helix_length 
HELX_P HELX_P1  1  ASN A 9   ? GLY A 21  ? ASN A 9   GLY A 21  1 ? 13 
HELX_P HELX_P2  2  THR A 22  ? GLY A 24  ? THR A 22  GLY A 24  5 ? 3  
HELX_P HELX_P3  3  LYS A 41  ? LYS A 54  ? LYS A 41  LYS A 54  1 ? 14 
HELX_P HELX_P4  4  SER A 72  ? LYS A 74  ? SER A 72  LYS A 74  5 ? 3  
HELX_P HELX_P5  5  PRO A 77  ? VAL A 79  ? PRO A 77  VAL A 79  5 ? 3  
HELX_P HELX_P6  6  TYR A 80  ? ILE A 88  ? TYR A 80  ILE A 88  1 ? 9  
HELX_P HELX_P7  7  ILE A 88  ? GLU A 98  ? ILE A 88  GLU A 98  1 ? 11 
HELX_P HELX_P8  8  TYR A 142 ? PRO A 144 ? TYR A 142 PRO A 144 5 ? 3  
HELX_P HELX_P9  9  THR A 154 ? MET A 158 ? THR A 154 MET A 158 5 ? 5  
HELX_P HELX_P10 10 THR A 159 ? SER A 167 ? THR A 159 SER A 167 1 ? 9  
HELX_P HELX_P11 11 SER A 167 ? LEU A 184 ? SER A 167 LEU A 184 1 ? 18 
# 
_struct_conf_type.id          HELX_P 
_struct_conf_type.criteria    ? 
_struct_conf_type.reference   ? 
# 
_struct_conn.id                            metalc1 
_struct_conn.conn_type_id                  metalc 
_struct_conn.pdbx_leaving_atom_flag        ? 
_struct_conn.pdbx_PDB_id                   ? 
_struct_conn.ptnr1_label_asym_id           A 
_struct_conn.ptnr1_label_comp_id           ASP 
_struct_conn.ptnr1_label_seq_id            65 
_struct_conn.ptnr1_label_atom_id           OD1 
_struct_conn.pdbx_ptnr1_label_alt_id       ? 
_struct_conn.pdbx_ptnr1_PDB_ins_code       ? 
_struct_conn.pdbx_ptnr1_standard_comp_id   ? 
_struct_conn.ptnr1_symmetry                1_555 
_struct_conn.ptnr2_label_asym_id           B 
_struct_conn.ptnr2_label_comp_id           NA 
_struct_conn.ptnr2_label_seq_id            . 
_struct_conn.ptnr2_label_atom_id           NA 
_struct_conn.pdbx_ptnr2_label_alt_id       ? 
_struct_conn.pdbx_ptnr2_PDB_ins_code       ? 
_struct_conn.ptnr1_auth_asym_id            A 
_struct_conn.ptnr1_auth_comp_id            ASP 
_struct_conn.ptnr1_auth_seq_id             65 
_struct_conn.ptnr2_auth_asym_id            A 
_struct_conn.ptnr2_auth_comp_id            NA 
_struct_conn.ptnr2_auth_seq_id             301 
_struct_conn.ptnr2_symmetry                1_555 
_struct_conn.pdbx_ptnr3_label_atom_id      ? 
_struct_conn.pdbx_ptnr3_label_seq_id       ? 
_struct_conn.pdbx_ptnr3_label_comp_id      ? 
_struct_conn.pdbx_ptnr3_label_asym_id      ? 
_struct_conn.pdbx_ptnr3_label_alt_id       ? 
_struct_conn.pdbx_ptnr3_PDB_ins_code       ? 
_struct_conn.details                       ? 
_struct_conn.pdbx_dist_value               2.571 
_struct_conn.pdbx_value_order              ? 
_struct_conn.pdbx_role                     ? 
# 
_struct_conn_type.id          metalc 
_struct_conn_type.criteria    ? 
_struct_conn_type.reference   ? 
# 
loop_
_struct_mon_prot_cis.pdbx_id 
_struct_mon_prot_cis.label_comp_id 
_struct_mon_prot_cis.label_seq_id 
_struct_mon_prot_cis.label_asym_id 
_struct_mon_prot_cis.label_alt_id 
_struct_mon_prot_cis.pdbx_PDB_ins_code 
_struct_mon_prot_cis.auth_comp_id 
_struct_mon_prot_cis.auth_seq_id 
_struct_mon_prot_cis.auth_asym_id 
_struct_mon_prot_cis.pdbx_label_comp_id_2 
_struct_mon_prot_cis.pdbx_label_seq_id_2 
_struct_mon_prot_cis.pdbx_label_asym_id_2 
_struct_mon_prot_cis.pdbx_PDB_ins_code_2 
_struct_mon_prot_cis.pdbx_auth_comp_id_2 
_struct_mon_prot_cis.pdbx_auth_seq_id_2 
_struct_mon_prot_cis.pdbx_auth_asym_id_2 
_struct_mon_prot_cis.pdbx_PDB_model_num 
_struct_mon_prot_cis.pdbx_omega_angle 
1 GLU 59 A . ? GLU 59 A PRO 60 A ? PRO 60 A 1 -0.21 
2 PHE 76 A . ? PHE 76 A PRO 77 A ? PRO 77 A 1 0.09  
# 
_struct_sheet.id               A 
_struct_sheet.type             ? 
_struct_sheet.number_strands   6 
_struct_sheet.details          ? 
# 
loop_
_struct_sheet_order.sheet_id 
_struct_sheet_order.range_id_1 
_struct_sheet_order.range_id_2 
_struct_sheet_order.offset 
_struct_sheet_order.sense 
A 1 2 ? parallel      
A 2 3 ? parallel      
A 3 4 ? anti-parallel 
A 4 5 ? anti-parallel 
A 5 6 ? anti-parallel 
# 
loop_
_struct_sheet_range.sheet_id 
_struct_sheet_range.id 
_struct_sheet_range.beg_label_comp_id 
_struct_sheet_range.beg_label_asym_id 
_struct_sheet_range.beg_label_seq_id 
_struct_sheet_range.pdbx_beg_PDB_ins_code 
_struct_sheet_range.end_label_comp_id 
_struct_sheet_range.end_label_asym_id 
_struct_sheet_range.end_label_seq_id 
_struct_sheet_range.pdbx_end_PDB_ins_code 
_struct_sheet_range.beg_auth_comp_id 
_struct_sheet_range.beg_auth_asym_id 
_struct_sheet_range.beg_auth_seq_id 
_struct_sheet_range.end_auth_comp_id 
_struct_sheet_range.end_auth_asym_id 
_struct_sheet_range.end_auth_seq_id 
A 1 GLU A 26  ? LEU A 30  ? GLU A 26  LEU A 30  
A 2 LYS A 2   ? ILE A 6   ? LYS A 2   ILE A 6   
A 3 PHE A 61  ? ILE A 70  ? PHE A 61  ILE A 70  
A 4 ARG A 104 ? ILE A 115 ? ARG A 104 ILE A 115 
A 5 LYS A 118 ? ILE A 130 ? LYS A 118 ILE A 130 
A 6 PHE A 146 ? PRO A 148 ? PHE A 146 PRO A 148 
# 
loop_
_pdbx_struct_sheet_hbond.sheet_id 
_pdbx_struct_sheet_hbond.range_id_1 
_pdbx_struct_sheet_hbond.range_id_2 
_pdbx_struct_sheet_hbond.range_1_label_atom_id 
_pdbx_struct_sheet_hbond.range_1_label_comp_id 
_pdbx_struct_sheet_hbond.range_1_label_asym_id 
_pdbx_struct_sheet_hbond.range_1_label_seq_id 
_pdbx_struct_sheet_hbond.range_1_PDB_ins_code 
_pdbx_struct_sheet_hbond.range_1_auth_atom_id 
_pdbx_struct_sheet_hbond.range_1_auth_comp_id 
_pdbx_struct_sheet_hbond.range_1_auth_asym_id 
_pdbx_struct_sheet_hbond.range_1_auth_seq_id 
_pdbx_struct_sheet_hbond.range_2_label_atom_id 
_pdbx_struct_sheet_hbond.range_2_label_comp_id 
_pdbx_struct_sheet_hbond.range_2_label_asym_id 
_pdbx_struct_sheet_hbond.range_2_label_seq_id 
_pdbx_struct_sheet_hbond.range_2_PDB_ins_code 
_pdbx_struct_sheet_hbond.range_2_auth_atom_id 
_pdbx_struct_sheet_hbond.range_2_auth_comp_id 
_pdbx_struct_sheet_hbond.range_2_auth_asym_id 
_pdbx_struct_sheet_hbond.range_2_auth_seq_id 
A 1 2 O VAL A 28  ? O VAL A 28  N PHE A 5   ? N PHE A 5   
A 2 3 N PHE A 4   ? N PHE A 4   O MET A 62  ? O MET A 62  
A 3 4 N PHE A 69  ? N PHE A 69  O TYR A 106 ? O TYR A 106 
A 4 5 N ILE A 111 ? N ILE A 111 O PHE A 122 ? O PHE A 122 
A 5 6 N ARG A 129 ? N ARG A 129 O ILE A 147 ? O ILE A 147 
# 
loop_
_struct_site.id 
_struct_site.pdbx_evidence_code 
_struct_site.pdbx_auth_asym_id 
_struct_site.pdbx_auth_comp_id 
_struct_site.pdbx_auth_seq_id 
_struct_site.pdbx_auth_ins_code 
_struct_site.pdbx_num_residues 
_struct_site.details 
AC1 Software A NA  301 ? 6  'BINDING SITE FOR RESIDUE NA A 301'  
AC2 Software A ITT 201 ? 22 'BINDING SITE FOR RESIDUE ITT A 201' 
# 
loop_
_struct_site_gen.id 
_struct_site_gen.site_id 
_struct_site_gen.pdbx_num_res 
_struct_site_gen.label_comp_id 
_struct_site_gen.label_asym_id 
_struct_site_gen.label_seq_id 
_struct_site_gen.pdbx_auth_ins_code 
_struct_site_gen.auth_comp_id 
_struct_site_gen.auth_asym_id 
_struct_site_gen.auth_seq_id 
_struct_site_gen.label_atom_id 
_struct_site_gen.label_alt_id 
_struct_site_gen.symmetry 
_struct_site_gen.details 
1  AC1 6  LYS A 12  ? LYS A 12  . ? 1_555 ? 
2  AC1 6  TYR A 34  ? TYR A 34  . ? 1_555 ? 
3  AC1 6  GLU A 36  ? GLU A 36  . ? 1_555 ? 
4  AC1 6  GLU A 64  ? GLU A 64  . ? 1_555 ? 
5  AC1 6  ASP A 65  ? ASP A 65  . ? 1_555 ? 
6  AC1 6  ITT C .   ? ITT A 201 . ? 1_555 ? 
7  AC2 22 THR A 7   ? THR A 7   . ? 1_555 ? 
8  AC2 22 SER A 8   ? SER A 8   . ? 1_555 ? 
9  AC2 22 ASN A 9   ? ASN A 9   . ? 1_555 ? 
10 AC2 22 LYS A 12  ? LYS A 12  . ? 1_555 ? 
11 AC2 22 GLU A 36  ? GLU A 36  . ? 1_555 ? 
12 AC2 22 GLU A 64  ? GLU A 64  . ? 1_555 ? 
13 AC2 22 ASP A 65  ? ASP A 65  . ? 1_555 ? 
14 AC2 22 SER A 66  ? SER A 66  . ? 1_555 ? 
15 AC2 22 GLY A 67  ? GLY A 67  . ? 1_555 ? 
16 AC2 22 SER A 81  ? SER A 81  . ? 1_555 ? 
17 AC2 22 SER A 82  ? SER A 82  . ? 1_555 ? 
18 AC2 22 PHE A 107 ? PHE A 107 . ? 1_555 ? 
19 AC2 22 PHE A 140 ? PHE A 140 . ? 1_555 ? 
20 AC2 22 TYR A 142 ? TYR A 142 . ? 1_555 ? 
21 AC2 22 ASP A 143 ? ASP A 143 . ? 1_555 ? 
22 AC2 22 LYS A 163 ? LYS A 163 . ? 1_555 ? 
23 AC2 22 HIS A 168 ? HIS A 168 . ? 1_555 ? 
24 AC2 22 ARG A 169 ? ARG A 169 . ? 1_555 ? 
25 AC2 22 NA  B .   ? NA  A 301 . ? 1_555 ? 
26 AC2 22 HOH D .   ? HOH A 318 . ? 1_555 ? 
27 AC2 22 HOH D .   ? HOH A 325 . ? 1_555 ? 
28 AC2 22 HOH D .   ? HOH A 341 . ? 1_555 ? 
# 
_atom_sites.entry_id                    2DVO 
_atom_sites.fract_transf_matrix[1][1]   -0.00459655 
_atom_sites.fract_transf_matrix[1][2]   0.00281940 
_atom_sites.fract_transf_matrix[1][3]   -0.01158447 
_atom_sites.fract_transf_matrix[2][1]   -0.00772374 
_atom_sites.fract_transf_matrix[2][2]   0.00595223 
_atom_sites.fract_transf_matrix[2][3]   0.00451330 
_atom_sites.fract_transf_matrix[3][1]   0.01100606 
_atom_sites.fract_transf_matrix[3][2]   0.01485219 
_atom_sites.fract_transf_matrix[3][3]   -0.00075236 
_atom_sites.fract_transf_vector[1]      0.704270 
_atom_sites.fract_transf_vector[2]      0.685263 
_atom_sites.fract_transf_vector[3]      0.728927 
# 
loop_
_atom_type.symbol 
C  
N  
NA 
O  
P  
S  
# 
loop_
_atom_site.group_PDB 
_atom_site.id 
_atom_site.type_symbol 
_atom_site.label_atom_id 
_atom_site.label_alt_id 
_atom_site.label_comp_id 
_atom_site.label_asym_id 
_atom_site.label_entity_id 
_atom_site.label_seq_id 
_atom_site.pdbx_PDB_ins_code 
_atom_site.Cartn_x 
_atom_site.Cartn_y 
_atom_site.Cartn_z 
_atom_site.occupancy 
_atom_site.B_iso_or_equiv 
_atom_site.pdbx_formal_charge 
_atom_site.auth_seq_id 
_atom_site.auth_comp_id 
_atom_site.auth_asym_id 
_atom_site.auth_atom_id 
_atom_site.pdbx_PDB_model_num 
ATOM   1    N  N     . MET A 1 1   ? 2.559   -10.461 -19.668 1.00 46.73 ? 1   MET A N     1 
ATOM   2    C  CA    . MET A 1 1   ? 3.688   -10.756 -18.741 1.00 46.24 ? 1   MET A CA    1 
ATOM   3    C  C     . MET A 1 1   ? 3.182   -11.140 -17.359 1.00 44.19 ? 1   MET A C     1 
ATOM   4    O  O     . MET A 1 1   ? 2.187   -10.603 -16.877 1.00 45.25 ? 1   MET A O     1 
ATOM   5    C  CB    . MET A 1 1   ? 4.613   -9.544  -18.623 1.00 49.12 ? 1   MET A CB    1 
ATOM   6    C  CG    . MET A 1 1   ? 5.575   -9.626  -17.451 1.00 52.67 ? 1   MET A CG    1 
ATOM   7    S  SD    . MET A 1 1   ? 6.841   -8.352  -17.488 1.00 56.52 ? 1   MET A SD    1 
ATOM   8    C  CE    . MET A 1 1   ? 8.132   -9.223  -18.377 1.00 54.18 ? 1   MET A CE    1 
ATOM   9    N  N     . LYS A 1 2   ? 3.888   -12.062 -16.722 1.00 41.24 ? 2   LYS A N     1 
ATOM   10   C  CA    . LYS A 1 2   ? 3.515   -12.541 -15.401 1.00 37.74 ? 2   LYS A CA    1 
ATOM   11   C  C     . LYS A 1 2   ? 4.492   -12.047 -14.336 1.00 34.41 ? 2   LYS A C     1 
ATOM   12   O  O     . LYS A 1 2   ? 5.702   -12.005 -14.557 1.00 32.70 ? 2   LYS A O     1 
ATOM   13   C  CB    . LYS A 1 2   ? 3.474   -14.066 -15.435 1.00 39.35 ? 2   LYS A CB    1 
ATOM   14   C  CG    . LYS A 1 2   ? 3.274   -14.758 -14.109 1.00 41.31 ? 2   LYS A CG    1 
ATOM   15   C  CD    . LYS A 1 2   ? 3.569   -16.244 -14.281 1.00 43.13 ? 2   LYS A CD    1 
ATOM   16   C  CE    . LYS A 1 2   ? 4.988   -16.442 -14.819 1.00 44.46 ? 2   LYS A CE    1 
ATOM   17   N  NZ    . LYS A 1 2   ? 5.254   -17.836 -15.257 1.00 46.56 ? 2   LYS A NZ    1 
ATOM   18   N  N     . ILE A 1 3   ? 3.954   -11.658 -13.183 1.00 32.33 ? 3   ILE A N     1 
ATOM   19   C  CA    . ILE A 1 3   ? 4.774   -11.167 -12.076 1.00 29.43 ? 3   ILE A CA    1 
ATOM   20   C  C     . ILE A 1 3   ? 4.243   -11.751 -10.776 1.00 27.94 ? 3   ILE A C     1 
ATOM   21   O  O     . ILE A 1 3   ? 3.048   -11.689 -10.510 1.00 26.01 ? 3   ILE A O     1 
ATOM   22   C  CB    . ILE A 1 3   ? 4.736   -9.619  -11.981 1.00 30.85 ? 3   ILE A CB    1 
ATOM   23   C  CG1   . ILE A 1 3   ? 5.299   -9.001  -13.263 1.00 31.30 ? 3   ILE A CG1   1 
ATOM   24   C  CG2   . ILE A 1 3   ? 5.546   -9.145  -10.779 1.00 29.93 ? 3   ILE A CG2   1 
ATOM   25   C  CD1   . ILE A 1 3   ? 5.314   -7.480  -13.260 1.00 30.74 ? 3   ILE A CD1   1 
ATOM   26   N  N     . PHE A 1 4   ? 5.130   -12.327 -9.968  1.00 25.81 ? 4   PHE A N     1 
ATOM   27   C  CA    . PHE A 1 4   ? 4.713   -12.916 -8.704  1.00 25.95 ? 4   PHE A CA    1 
ATOM   28   C  C     . PHE A 1 4   ? 4.669   -11.856 -7.607  1.00 23.89 ? 4   PHE A C     1 
ATOM   29   O  O     . PHE A 1 4   ? 5.597   -11.070 -7.450  1.00 25.05 ? 4   PHE A O     1 
ATOM   30   C  CB    . PHE A 1 4   ? 5.651   -14.071 -8.334  1.00 26.22 ? 4   PHE A CB    1 
ATOM   31   C  CG    . PHE A 1 4   ? 5.761   -15.115 -9.411  1.00 29.73 ? 4   PHE A CG    1 
ATOM   32   C  CD1   . PHE A 1 4   ? 6.663   -14.957 -10.458 1.00 30.48 ? 4   PHE A CD1   1 
ATOM   33   C  CD2   . PHE A 1 4   ? 4.909   -16.219 -9.420  1.00 30.94 ? 4   PHE A CD2   1 
ATOM   34   C  CE1   . PHE A 1 4   ? 6.717   -15.877 -11.503 1.00 31.91 ? 4   PHE A CE1   1 
ATOM   35   C  CE2   . PHE A 1 4   ? 4.953   -17.147 -10.463 1.00 33.76 ? 4   PHE A CE2   1 
ATOM   36   C  CZ    . PHE A 1 4   ? 5.859   -16.975 -11.506 1.00 33.71 ? 4   PHE A CZ    1 
ATOM   37   N  N     . PHE A 1 5   ? 3.576   -11.842 -6.857  1.00 22.74 ? 5   PHE A N     1 
ATOM   38   C  CA    . PHE A 1 5   ? 3.367   -10.862 -5.796  1.00 20.75 ? 5   PHE A CA    1 
ATOM   39   C  C     . PHE A 1 5   ? 3.396   -11.538 -4.436  1.00 20.07 ? 5   PHE A C     1 
ATOM   40   O  O     . PHE A 1 5   ? 2.413   -12.138 -4.008  1.00 21.21 ? 5   PHE A O     1 
ATOM   41   C  CB    . PHE A 1 5   ? 2.017   -10.164 -6.029  1.00 19.11 ? 5   PHE A CB    1 
ATOM   42   C  CG    . PHE A 1 5   ? 1.746   -8.989  -5.120  1.00 19.12 ? 5   PHE A CG    1 
ATOM   43   C  CD1   . PHE A 1 5   ? 2.677   -8.573  -4.167  1.00 17.75 ? 5   PHE A CD1   1 
ATOM   44   C  CD2   . PHE A 1 5   ? 0.542   -8.291  -5.229  1.00 18.21 ? 5   PHE A CD2   1 
ATOM   45   C  CE1   . PHE A 1 5   ? 2.413   -7.477  -3.333  1.00 19.14 ? 5   PHE A CE1   1 
ATOM   46   C  CE2   . PHE A 1 5   ? 0.265   -7.196  -4.402  1.00 20.64 ? 5   PHE A CE2   1 
ATOM   47   C  CZ    . PHE A 1 5   ? 1.204   -6.788  -3.450  1.00 18.04 ? 5   PHE A CZ    1 
ATOM   48   N  N     . ILE A 1 6   ? 4.534   -11.443 -3.756  1.00 21.26 ? 6   ILE A N     1 
ATOM   49   C  CA    . ILE A 1 6   ? 4.684   -12.045 -2.433  1.00 20.63 ? 6   ILE A CA    1 
ATOM   50   C  C     . ILE A 1 6   ? 3.964   -11.170 -1.412  1.00 20.04 ? 6   ILE A C     1 
ATOM   51   O  O     . ILE A 1 6   ? 4.454   -10.096 -1.059  1.00 18.85 ? 6   ILE A O     1 
ATOM   52   C  CB    . ILE A 1 6   ? 6.169   -12.133 -2.022  1.00 22.94 ? 6   ILE A CB    1 
ATOM   53   C  CG1   . ILE A 1 6   ? 7.007   -12.674 -3.186  1.00 24.41 ? 6   ILE A CG1   1 
ATOM   54   C  CG2   . ILE A 1 6   ? 6.319   -13.001 -0.783  1.00 21.13 ? 6   ILE A CG2   1 
ATOM   55   C  CD1   . ILE A 1 6   ? 6.701   -14.092 -3.565  1.00 26.99 ? 6   ILE A CD1   1 
ATOM   56   N  N     . THR A 1 7   ? 2.800   -11.621 -0.954  1.00 20.59 ? 7   THR A N     1 
ATOM   57   C  CA    . THR A 1 7   ? 2.023   -10.885 0.041   1.00 21.09 ? 7   THR A CA    1 
ATOM   58   C  C     . THR A 1 7   ? 0.945   -11.766 0.662   1.00 22.52 ? 7   THR A C     1 
ATOM   59   O  O     . THR A 1 7   ? 0.499   -12.740 0.050   1.00 25.19 ? 7   THR A O     1 
ATOM   60   C  CB    . THR A 1 7   ? 1.330   -9.646  -0.571  1.00 20.64 ? 7   THR A CB    1 
ATOM   61   O  OG1   . THR A 1 7   ? 0.612   -8.948  0.456   1.00 20.02 ? 7   THR A OG1   1 
ATOM   62   C  CG2   . THR A 1 7   ? 0.349   -10.063 -1.654  1.00 19.46 ? 7   THR A CG2   1 
ATOM   63   N  N     . SER A 1 8   ? 0.533   -11.427 1.877   1.00 21.27 ? 8   SER A N     1 
ATOM   64   C  CA    . SER A 1 8   ? -0.513  -12.177 2.558   1.00 22.70 ? 8   SER A CA    1 
ATOM   65   C  C     . SER A 1 8   ? -1.772  -11.312 2.629   1.00 22.75 ? 8   SER A C     1 
ATOM   66   O  O     . SER A 1 8   ? -2.740  -11.667 3.297   1.00 25.26 ? 8   SER A O     1 
ATOM   67   C  CB    . SER A 1 8   ? -0.076  -12.541 3.975   1.00 21.61 ? 8   SER A CB    1 
ATOM   68   O  OG    . SER A 1 8   ? -0.113  -11.399 4.819   1.00 25.34 ? 8   SER A OG    1 
ATOM   69   N  N     . ASN A 1 9   ? -1.755  -10.178 1.934   1.00 23.37 ? 9   ASN A N     1 
ATOM   70   C  CA    . ASN A 1 9   ? -2.889  -9.251  1.950   1.00 23.43 ? 9   ASN A CA    1 
ATOM   71   C  C     . ASN A 1 9   ? -3.699  -9.337  0.651   1.00 22.24 ? 9   ASN A C     1 
ATOM   72   O  O     . ASN A 1 9   ? -3.317  -8.757  -0.366  1.00 21.17 ? 9   ASN A O     1 
ATOM   73   C  CB    . ASN A 1 9   ? -2.371  -7.821  2.149   1.00 23.06 ? 9   ASN A CB    1 
ATOM   74   C  CG    . ASN A 1 9   ? -3.477  -6.834  2.486   1.00 23.10 ? 9   ASN A CG    1 
ATOM   75   O  OD1   . ASN A 1 9   ? -4.470  -6.725  1.766   1.00 23.71 ? 9   ASN A OD1   1 
ATOM   76   N  ND2   . ASN A 1 9   ? -3.301  -6.100  3.583   1.00 18.71 ? 9   ASN A ND2   1 
ATOM   77   N  N     . PRO A 1 10  ? -4.838  -10.051 0.675   1.00 22.87 ? 10  PRO A N     1 
ATOM   78   C  CA    . PRO A 1 10  ? -5.672  -10.190 -0.523  1.00 23.91 ? 10  PRO A CA    1 
ATOM   79   C  C     . PRO A 1 10  ? -6.185  -8.852  -1.043  1.00 24.27 ? 10  PRO A C     1 
ATOM   80   O  O     . PRO A 1 10  ? -6.468  -8.707  -2.233  1.00 24.78 ? 10  PRO A O     1 
ATOM   81   C  CB    . PRO A 1 10  ? -6.793  -11.120 -0.057  1.00 24.81 ? 10  PRO A CB    1 
ATOM   82   C  CG    . PRO A 1 10  ? -6.937  -10.776 1.372   1.00 25.60 ? 10  PRO A CG    1 
ATOM   83   C  CD    . PRO A 1 10  ? -5.496  -10.670 1.838   1.00 24.91 ? 10  PRO A CD    1 
ATOM   84   N  N     . GLY A 1 11  ? -6.294  -7.876  -0.146  1.00 24.37 ? 11  GLY A N     1 
ATOM   85   C  CA    . GLY A 1 11  ? -6.754  -6.559  -0.541  1.00 23.31 ? 11  GLY A CA    1 
ATOM   86   C  C     . GLY A 1 11  ? -5.769  -5.941  -1.516  1.00 22.58 ? 11  GLY A C     1 
ATOM   87   O  O     . GLY A 1 11  ? -6.163  -5.384  -2.540  1.00 21.89 ? 11  GLY A O     1 
ATOM   88   N  N     . LYS A 1 12  ? -4.480  -6.040  -1.198  1.00 23.10 ? 12  LYS A N     1 
ATOM   89   C  CA    . LYS A 1 12  ? -3.434  -5.497  -2.068  1.00 21.43 ? 12  LYS A CA    1 
ATOM   90   C  C     . LYS A 1 12  ? -3.434  -6.217  -3.413  1.00 20.43 ? 12  LYS A C     1 
ATOM   91   O  O     . LYS A 1 12  ? -3.291  -5.600  -4.467  1.00 21.04 ? 12  LYS A O     1 
ATOM   92   C  CB    . LYS A 1 12  ? -2.043  -5.688  -1.458  1.00 20.41 ? 12  LYS A CB    1 
ATOM   93   C  CG    . LYS A 1 12  ? -1.729  -4.951  -0.177  1.00 21.61 ? 12  LYS A CG    1 
ATOM   94   C  CD    . LYS A 1 12  ? -0.262  -5.227  0.167   1.00 21.72 ? 12  LYS A CD    1 
ATOM   95   C  CE    . LYS A 1 12  ? 0.186   -4.587  1.472   1.00 24.42 ? 12  LYS A CE    1 
ATOM   96   N  NZ    . LYS A 1 12  ? 1.659   -4.814  1.664   1.00 23.97 ? 12  LYS A NZ    1 
ATOM   97   N  N     . VAL A 1 13  ? -3.561  -7.538  -3.367  1.00 22.06 ? 13  VAL A N     1 
ATOM   98   C  CA    . VAL A 1 13  ? -3.555  -8.335  -4.588  1.00 20.52 ? 13  VAL A CA    1 
ATOM   99   C  C     . VAL A 1 13  ? -4.655  -7.871  -5.533  1.00 20.74 ? 13  VAL A C     1 
ATOM   100  O  O     . VAL A 1 13  ? -4.398  -7.584  -6.699  1.00 20.05 ? 13  VAL A O     1 
ATOM   101  C  CB    . VAL A 1 13  ? -3.731  -9.836  -4.268  1.00 19.88 ? 13  VAL A CB    1 
ATOM   102  C  CG1   . VAL A 1 13  ? -3.836  -10.649 -5.555  1.00 21.97 ? 13  VAL A CG1   1 
ATOM   103  C  CG2   . VAL A 1 13  ? -2.551  -10.323 -3.443  1.00 22.22 ? 13  VAL A CG2   1 
ATOM   104  N  N     . ARG A 1 14  ? -5.878  -7.765  -5.023  1.00 21.89 ? 14  ARG A N     1 
ATOM   105  C  CA    . ARG A 1 14  ? -6.996  -7.334  -5.855  1.00 23.48 ? 14  ARG A CA    1 
ATOM   106  C  C     . ARG A 1 14  ? -6.688  -6.016  -6.533  1.00 23.86 ? 14  ARG A C     1 
ATOM   107  O  O     . ARG A 1 14  ? -6.851  -5.879  -7.744  1.00 25.81 ? 14  ARG A O     1 
ATOM   108  C  CB    . ARG A 1 14  ? -8.269  -7.176  -5.025  1.00 22.99 ? 14  ARG A CB    1 
ATOM   109  C  CG    . ARG A 1 14  ? -8.747  -8.441  -4.348  1.00 27.24 ? 14  ARG A CG    1 
ATOM   110  C  CD    . ARG A 1 14  ? -9.987  -8.151  -3.518  1.00 30.37 ? 14  ARG A CD    1 
ATOM   111  N  NE    . ARG A 1 14  ? -10.046 -9.013  -2.346  1.00 33.07 ? 14  ARG A NE    1 
ATOM   112  C  CZ    . ARG A 1 14  ? -10.273 -8.574  -1.117  1.00 34.41 ? 14  ARG A CZ    1 
ATOM   113  N  NH1   . ARG A 1 14  ? -10.463 -7.279  -0.897  1.00 36.36 ? 14  ARG A NH1   1 
ATOM   114  N  NH2   . ARG A 1 14  ? -10.316 -9.431  -0.107  1.00 38.28 ? 14  ARG A NH2   1 
ATOM   115  N  N     . GLU A 1 15  ? -6.246  -5.037  -5.749  1.00 24.49 ? 15  GLU A N     1 
ATOM   116  C  CA    . GLU A 1 15  ? -5.933  -3.725  -6.298  1.00 23.17 ? 15  GLU A CA    1 
ATOM   117  C  C     . GLU A 1 15  ? -4.793  -3.774  -7.306  1.00 24.09 ? 15  GLU A C     1 
ATOM   118  O  O     . GLU A 1 15  ? -4.881  -3.182  -8.385  1.00 23.38 ? 15  GLU A O     1 
ATOM   119  C  CB    . GLU A 1 15  ? -5.614  -2.746  -5.163  1.00 23.32 ? 15  GLU A CB    1 
ATOM   120  C  CG    . GLU A 1 15  ? -6.863  -2.241  -4.449  1.00 22.45 ? 15  GLU A CG    1 
ATOM   121  C  CD    . GLU A 1 15  ? -6.561  -1.512  -3.162  1.00 21.47 ? 15  GLU A CD    1 
ATOM   122  O  OE1   . GLU A 1 15  ? -5.511  -0.848  -3.075  1.00 20.93 ? 15  GLU A OE1   1 
ATOM   123  O  OE2   . GLU A 1 15  ? -7.387  -1.592  -2.236  1.00 26.02 ? 15  GLU A OE2   1 
ATOM   124  N  N     . VAL A 1 16  ? -3.721  -4.482  -6.963  1.00 23.06 ? 16  VAL A N     1 
ATOM   125  C  CA    . VAL A 1 16  ? -2.586  -4.590  -7.872  1.00 23.33 ? 16  VAL A CA    1 
ATOM   126  C  C     . VAL A 1 16  ? -2.967  -5.341  -9.149  1.00 25.33 ? 16  VAL A C     1 
ATOM   127  O  O     . VAL A 1 16  ? -2.639  -4.907  -10.253 1.00 25.01 ? 16  VAL A O     1 
ATOM   128  C  CB    . VAL A 1 16  ? -1.398  -5.316  -7.206  1.00 22.31 ? 16  VAL A CB    1 
ATOM   129  C  CG1   . VAL A 1 16  ? -0.338  -5.647  -8.249  1.00 22.17 ? 16  VAL A CG1   1 
ATOM   130  C  CG2   . VAL A 1 16  ? -0.805  -4.445  -6.117  1.00 22.38 ? 16  VAL A CG2   1 
ATOM   131  N  N     . ALA A 1 17  ? -3.658  -6.464  -8.996  1.00 26.69 ? 17  ALA A N     1 
ATOM   132  C  CA    . ALA A 1 17  ? -4.059  -7.265  -10.147 1.00 30.33 ? 17  ALA A CA    1 
ATOM   133  C  C     . ALA A 1 17  ? -5.002  -6.496  -11.069 1.00 32.28 ? 17  ALA A C     1 
ATOM   134  O  O     . ALA A 1 17  ? -4.830  -6.493  -12.292 1.00 33.59 ? 17  ALA A O     1 
ATOM   135  C  CB    . ALA A 1 17  ? -4.722  -8.560  -9.675  1.00 29.06 ? 17  ALA A CB    1 
ATOM   136  N  N     . ASN A 1 18  ? -5.987  -5.830  -10.480 1.00 34.32 ? 18  ASN A N     1 
ATOM   137  C  CA    . ASN A 1 18  ? -6.960  -5.075  -11.256 1.00 36.82 ? 18  ASN A CA    1 
ATOM   138  C  C     . ASN A 1 18  ? -6.344  -3.930  -12.047 1.00 36.87 ? 18  ASN A C     1 
ATOM   139  O  O     . ASN A 1 18  ? -6.837  -3.577  -13.117 1.00 38.93 ? 18  ASN A O     1 
ATOM   140  C  CB    . ASN A 1 18  ? -8.048  -4.517  -10.338 1.00 37.87 ? 18  ASN A CB    1 
ATOM   141  C  CG    . ASN A 1 18  ? -9.147  -3.804  -11.105 1.00 40.11 ? 18  ASN A CG    1 
ATOM   142  O  OD1   . ASN A 1 18  ? -10.269 -4.301  -11.211 1.00 41.46 ? 18  ASN A OD1   1 
ATOM   143  N  ND2   . ASN A 1 18  ? -8.826  -2.635  -11.653 1.00 40.73 ? 18  ASN A ND2   1 
ATOM   144  N  N     . PHE A 1 19  ? -5.270  -3.349  -11.530 1.00 36.90 ? 19  PHE A N     1 
ATOM   145  C  CA    . PHE A 1 19  ? -4.636  -2.227  -12.215 1.00 36.71 ? 19  PHE A CA    1 
ATOM   146  C  C     . PHE A 1 19  ? -3.715  -2.656  -13.351 1.00 36.96 ? 19  PHE A C     1 
ATOM   147  O  O     . PHE A 1 19  ? -3.847  -2.177  -14.475 1.00 37.17 ? 19  PHE A O     1 
ATOM   148  C  CB    . PHE A 1 19  ? -3.863  -1.369  -11.207 1.00 35.57 ? 19  PHE A CB    1 
ATOM   149  C  CG    . PHE A 1 19  ? -3.167  -0.180  -11.817 1.00 35.97 ? 19  PHE A CG    1 
ATOM   150  C  CD1   . PHE A 1 19  ? -1.990  -0.338  -12.545 1.00 35.63 ? 19  PHE A CD1   1 
ATOM   151  C  CD2   . PHE A 1 19  ? -3.682  1.102   -11.654 1.00 37.53 ? 19  PHE A CD2   1 
ATOM   152  C  CE1   . PHE A 1 19  ? -1.336  0.758   -13.098 1.00 35.18 ? 19  PHE A CE1   1 
ATOM   153  C  CE2   . PHE A 1 19  ? -3.035  2.209   -12.205 1.00 37.24 ? 19  PHE A CE2   1 
ATOM   154  C  CZ    . PHE A 1 19  ? -1.860  2.036   -12.927 1.00 36.27 ? 19  PHE A CZ    1 
ATOM   155  N  N     . LEU A 1 20  ? -2.784  -3.555  -13.055 1.00 36.70 ? 20  LEU A N     1 
ATOM   156  C  CA    . LEU A 1 20  ? -1.829  -4.027  -14.052 1.00 36.86 ? 20  LEU A CA    1 
ATOM   157  C  C     . LEU A 1 20  ? -2.431  -4.984  -15.074 1.00 38.09 ? 20  LEU A C     1 
ATOM   158  O  O     . LEU A 1 20  ? -1.917  -5.116  -16.183 1.00 37.21 ? 20  LEU A O     1 
ATOM   159  C  CB    . LEU A 1 20  ? -0.643  -4.698  -13.356 1.00 34.45 ? 20  LEU A CB    1 
ATOM   160  C  CG    . LEU A 1 20  ? 0.192   -3.773  -12.470 1.00 33.82 ? 20  LEU A CG    1 
ATOM   161  C  CD1   . LEU A 1 20  ? 1.157   -4.596  -11.636 1.00 34.42 ? 20  LEU A CD1   1 
ATOM   162  C  CD2   . LEU A 1 20  ? 0.940   -2.770  -13.338 1.00 33.02 ? 20  LEU A CD2   1 
ATOM   163  N  N     . GLY A 1 21  ? -3.517  -5.650  -14.697 1.00 40.26 ? 21  GLY A N     1 
ATOM   164  C  CA    . GLY A 1 21  ? -4.157  -6.584  -15.605 1.00 43.57 ? 21  GLY A CA    1 
ATOM   165  C  C     . GLY A 1 21  ? -4.671  -5.917  -16.867 1.00 46.06 ? 21  GLY A C     1 
ATOM   166  O  O     . GLY A 1 21  ? -4.696  -6.530  -17.936 1.00 46.79 ? 21  GLY A O     1 
ATOM   167  N  N     . THR A 1 22  ? -5.079  -4.657  -16.749 1.00 47.00 ? 22  THR A N     1 
ATOM   168  C  CA    . THR A 1 22  ? -5.596  -3.919  -17.894 1.00 48.26 ? 22  THR A CA    1 
ATOM   169  C  C     . THR A 1 22  ? -4.524  -3.701  -18.959 1.00 48.32 ? 22  THR A C     1 
ATOM   170  O  O     . THR A 1 22  ? -4.840  -3.365  -20.101 1.00 49.30 ? 22  THR A O     1 
ATOM   171  C  CB    . THR A 1 22  ? -6.144  -2.536  -17.475 1.00 49.24 ? 22  THR A CB    1 
ATOM   172  O  OG1   . THR A 1 22  ? -5.065  -1.716  -17.014 1.00 51.27 ? 22  THR A OG1   1 
ATOM   173  C  CG2   . THR A 1 22  ? -7.169  -2.677  -16.361 1.00 49.73 ? 22  THR A CG2   1 
ATOM   174  N  N     . PHE A 1 23  ? -3.259  -3.891  -18.591 1.00 47.38 ? 23  PHE A N     1 
ATOM   175  C  CA    . PHE A 1 23  ? -2.164  -3.696  -19.535 1.00 46.51 ? 23  PHE A CA    1 
ATOM   176  C  C     . PHE A 1 23  ? -1.494  -4.999  -19.957 1.00 45.53 ? 23  PHE A C     1 
ATOM   177  O  O     . PHE A 1 23  ? -0.396  -4.990  -20.515 1.00 44.37 ? 23  PHE A O     1 
ATOM   178  C  CB    . PHE A 1 23  ? -1.118  -2.745  -18.950 1.00 46.65 ? 23  PHE A CB    1 
ATOM   179  C  CG    . PHE A 1 23  ? -1.689  -1.447  -18.468 1.00 49.05 ? 23  PHE A CG    1 
ATOM   180  C  CD1   . PHE A 1 23  ? -2.069  -1.292  -17.140 1.00 49.37 ? 23  PHE A CD1   1 
ATOM   181  C  CD2   . PHE A 1 23  ? -1.878  -0.386  -19.348 1.00 49.90 ? 23  PHE A CD2   1 
ATOM   182  C  CE1   . PHE A 1 23  ? -2.629  -0.094  -16.695 1.00 50.20 ? 23  PHE A CE1   1 
ATOM   183  C  CE2   . PHE A 1 23  ? -2.437  0.814   -18.912 1.00 49.92 ? 23  PHE A CE2   1 
ATOM   184  C  CZ    . PHE A 1 23  ? -2.814  0.960   -17.583 1.00 49.85 ? 23  PHE A CZ    1 
ATOM   185  N  N     . GLY A 1 24  ? -2.156  -6.117  -19.682 1.00 44.58 ? 24  GLY A N     1 
ATOM   186  C  CA    . GLY A 1 24  ? -1.613  -7.408  -20.065 1.00 45.46 ? 24  GLY A CA    1 
ATOM   187  C  C     . GLY A 1 24  ? -0.555  -7.983  -19.143 1.00 45.84 ? 24  GLY A C     1 
ATOM   188  O  O     . GLY A 1 24  ? 0.324   -8.727  -19.590 1.00 46.01 ? 24  GLY A O     1 
ATOM   189  N  N     . ILE A 1 25  ? -0.629  -7.638  -17.860 1.00 44.48 ? 25  ILE A N     1 
ATOM   190  C  CA    . ILE A 1 25  ? 0.318   -8.145  -16.874 1.00 42.10 ? 25  ILE A CA    1 
ATOM   191  C  C     . ILE A 1 25  ? -0.452  -8.965  -15.851 1.00 40.83 ? 25  ILE A C     1 
ATOM   192  O  O     . ILE A 1 25  ? -1.341  -8.450  -15.175 1.00 41.81 ? 25  ILE A O     1 
ATOM   193  C  CB    . ILE A 1 25  ? 1.063   -6.997  -16.161 1.00 42.07 ? 25  ILE A CB    1 
ATOM   194  C  CG1   . ILE A 1 25  ? 1.964   -6.272  -17.160 1.00 42.65 ? 25  ILE A CG1   1 
ATOM   195  C  CG2   . ILE A 1 25  ? 1.898   -7.545  -15.014 1.00 42.33 ? 25  ILE A CG2   1 
ATOM   196  C  CD1   . ILE A 1 25  ? 2.753   -5.126  -16.565 1.00 42.30 ? 25  ILE A CD1   1 
ATOM   197  N  N     . GLU A 1 26  ? -0.110  -10.245 -15.749 1.00 39.00 ? 26  GLU A N     1 
ATOM   198  C  CA    . GLU A 1 26  ? -0.784  -11.151 -14.830 1.00 37.86 ? 26  GLU A CA    1 
ATOM   199  C  C     . GLU A 1 26  ? -0.092  -11.234 -13.470 1.00 36.70 ? 26  GLU A C     1 
ATOM   200  O  O     . GLU A 1 26  ? 1.096   -11.552 -13.379 1.00 35.18 ? 26  GLU A O     1 
ATOM   201  C  CB    . GLU A 1 26  ? -0.877  -12.543 -15.457 1.00 38.70 ? 26  GLU A CB    1 
ATOM   202  C  CG    . GLU A 1 26  ? -1.568  -13.569 -14.586 1.00 42.33 ? 26  GLU A CG    1 
ATOM   203  C  CD    . GLU A 1 26  ? -1.599  -14.945 -15.219 1.00 45.30 ? 26  GLU A CD    1 
ATOM   204  O  OE1   . GLU A 1 26  ? -2.019  -15.899 -14.529 1.00 47.18 ? 26  GLU A OE1   1 
ATOM   205  O  OE2   . GLU A 1 26  ? -1.206  -15.073 -16.402 1.00 46.30 ? 26  GLU A OE2   1 
ATOM   206  N  N     . ILE A 1 27  ? -0.856  -10.953 -12.418 1.00 34.80 ? 27  ILE A N     1 
ATOM   207  C  CA    . ILE A 1 27  ? -0.347  -10.971 -11.053 1.00 33.70 ? 27  ILE A CA    1 
ATOM   208  C  C     . ILE A 1 27  ? -0.677  -12.273 -10.330 1.00 33.73 ? 27  ILE A C     1 
ATOM   209  O  O     . ILE A 1 27  ? -1.842  -12.646 -10.201 1.00 34.74 ? 27  ILE A O     1 
ATOM   210  C  CB    . ILE A 1 27  ? -0.930  -9.790  -10.235 1.00 32.59 ? 27  ILE A CB    1 
ATOM   211  C  CG1   . ILE A 1 27  ? -0.465  -8.464  -10.838 1.00 31.13 ? 27  ILE A CG1   1 
ATOM   212  C  CG2   . ILE A 1 27  ? -0.513  -9.897  -8.776  1.00 32.99 ? 27  ILE A CG2   1 
ATOM   213  C  CD1   . ILE A 1 27  ? 1.039   -8.280  -10.849 1.00 30.38 ? 27  ILE A CD1   1 
ATOM   214  N  N     . VAL A 1 28  ? 0.353   -12.961 -9.854  1.00 32.87 ? 28  VAL A N     1 
ATOM   215  C  CA    . VAL A 1 28  ? 0.157   -14.212 -9.135  1.00 32.17 ? 28  VAL A CA    1 
ATOM   216  C  C     . VAL A 1 28  ? 0.596   -14.043 -7.683  1.00 32.41 ? 28  VAL A C     1 
ATOM   217  O  O     . VAL A 1 28  ? 1.764   -13.767 -7.409  1.00 30.52 ? 28  VAL A O     1 
ATOM   218  C  CB    . VAL A 1 28  ? 0.982   -15.355 -9.768  1.00 32.19 ? 28  VAL A CB    1 
ATOM   219  C  CG1   . VAL A 1 28  ? 0.724   -16.654 -9.028  1.00 30.97 ? 28  VAL A CG1   1 
ATOM   220  C  CG2   . VAL A 1 28  ? 0.635   -15.493 -11.235 1.00 33.63 ? 28  VAL A CG2   1 
ATOM   221  N  N     . GLN A 1 29  ? -0.337  -14.205 -6.752  1.00 31.55 ? 29  GLN A N     1 
ATOM   222  C  CA    . GLN A 1 29  ? -0.004  -14.066 -5.345  1.00 31.81 ? 29  GLN A CA    1 
ATOM   223  C  C     . GLN A 1 29  ? 0.784   -15.271 -4.874  1.00 33.26 ? 29  GLN A C     1 
ATOM   224  O  O     . GLN A 1 29  ? 0.483   -16.403 -5.236  1.00 34.83 ? 29  GLN A O     1 
ATOM   225  C  CB    . GLN A 1 29  ? -1.266  -13.925 -4.490  1.00 29.67 ? 29  GLN A CB    1 
ATOM   226  C  CG    . GLN A 1 29  ? -1.022  -14.155 -3.002  1.00 26.51 ? 29  GLN A CG    1 
ATOM   227  C  CD    . GLN A 1 29  ? -2.255  -13.907 -2.152  1.00 27.92 ? 29  GLN A CD    1 
ATOM   228  O  OE1   . GLN A 1 29  ? -3.377  -14.183 -2.569  1.00 29.77 ? 29  GLN A OE1   1 
ATOM   229  N  NE2   . GLN A 1 29  ? -2.048  -13.401 -0.941  1.00 27.23 ? 29  GLN A NE2   1 
ATOM   230  N  N     . LEU A 1 30  ? 1.795   -15.013 -4.058  1.00 33.34 ? 30  LEU A N     1 
ATOM   231  C  CA    . LEU A 1 30  ? 2.630   -16.059 -3.516  1.00 34.44 ? 30  LEU A CA    1 
ATOM   232  C  C     . LEU A 1 30  ? 2.678   -15.813 -2.022  1.00 34.62 ? 30  LEU A C     1 
ATOM   233  O  O     . LEU A 1 30  ? 3.198   -14.794 -1.582  1.00 37.15 ? 30  LEU A O     1 
ATOM   234  C  CB    . LEU A 1 30  ? 4.037   -15.949 -4.095  1.00 36.98 ? 30  LEU A CB    1 
ATOM   235  C  CG    . LEU A 1 30  ? 4.718   -17.254 -4.518  1.00 38.70 ? 30  LEU A CG    1 
ATOM   236  C  CD1   . LEU A 1 30  ? 3.974   -17.867 -5.696  1.00 39.10 ? 30  LEU A CD1   1 
ATOM   237  C  CD2   . LEU A 1 30  ? 6.162   -16.993 -4.926  1.00 37.20 ? 30  LEU A CD2   1 
ATOM   238  N  N     . LYS A 1 31  ? 2.131   -16.731 -1.241  1.00 34.71 ? 31  LYS A N     1 
ATOM   239  C  CA    . LYS A 1 31  ? 2.142   -16.573 0.203   1.00 36.46 ? 31  LYS A CA    1 
ATOM   240  C  C     . LYS A 1 31  ? 3.441   -17.121 0.771   1.00 36.82 ? 31  LYS A C     1 
ATOM   241  O  O     . LYS A 1 31  ? 3.494   -18.241 1.290   1.00 38.64 ? 31  LYS A O     1 
ATOM   242  C  CB    . LYS A 1 31  ? 0.954   -17.303 0.823   1.00 37.94 ? 31  LYS A CB    1 
ATOM   243  C  CG    . LYS A 1 31  ? -0.404  -16.723 0.450   1.00 42.31 ? 31  LYS A CG    1 
ATOM   244  C  CD    . LYS A 1 31  ? -1.523  -17.443 1.196   1.00 45.78 ? 31  LYS A CD    1 
ATOM   245  C  CE    . LYS A 1 31  ? -2.889  -16.854 0.868   1.00 47.21 ? 31  LYS A CE    1 
ATOM   246  N  NZ    . LYS A 1 31  ? -3.968  -17.533 1.648   1.00 49.28 ? 31  LYS A NZ    1 
ATOM   247  N  N     . HIS A 1 32  ? 4.496   -16.326 0.657   1.00 34.97 ? 32  HIS A N     1 
ATOM   248  C  CA    . HIS A 1 32  ? 5.799   -16.719 1.165   1.00 33.84 ? 32  HIS A CA    1 
ATOM   249  C  C     . HIS A 1 32  ? 6.195   -15.692 2.219   1.00 33.27 ? 32  HIS A C     1 
ATOM   250  O  O     . HIS A 1 32  ? 6.615   -14.583 1.893   1.00 32.73 ? 32  HIS A O     1 
ATOM   251  C  CB    . HIS A 1 32  ? 6.817   -16.740 0.024   1.00 32.19 ? 32  HIS A CB    1 
ATOM   252  C  CG    . HIS A 1 32  ? 8.084   -17.464 0.355   1.00 32.86 ? 32  HIS A CG    1 
ATOM   253  N  ND1   . HIS A 1 32  ? 8.931   -17.063 1.366   1.00 31.03 ? 32  HIS A ND1   1 
ATOM   254  C  CD2   . HIS A 1 32  ? 8.650   -18.564 -0.197  1.00 31.81 ? 32  HIS A CD2   1 
ATOM   255  C  CE1   . HIS A 1 32  ? 9.964   -17.884 1.422   1.00 32.24 ? 32  HIS A CE1   1 
ATOM   256  N  NE2   . HIS A 1 32  ? 9.816   -18.804 0.485   1.00 32.91 ? 32  HIS A NE2   1 
ATOM   257  N  N     . GLU A 1 33  ? 6.037   -16.053 3.484   1.00 32.54 ? 33  GLU A N     1 
ATOM   258  C  CA    . GLU A 1 33  ? 6.383   -15.138 4.557   1.00 33.95 ? 33  GLU A CA    1 
ATOM   259  C  C     . GLU A 1 33  ? 7.860   -14.782 4.539   1.00 31.60 ? 33  GLU A C     1 
ATOM   260  O  O     . GLU A 1 33  ? 8.720   -15.642 4.350   1.00 34.04 ? 33  GLU A O     1 
ATOM   261  C  CB    . GLU A 1 33  ? 6.000   -15.733 5.912   1.00 37.07 ? 33  GLU A CB    1 
ATOM   262  C  CG    . GLU A 1 33  ? 4.517   -15.622 6.197   1.00 43.57 ? 33  GLU A CG    1 
ATOM   263  C  CD    . GLU A 1 33  ? 4.059   -14.177 6.274   1.00 47.83 ? 33  GLU A CD    1 
ATOM   264  O  OE1   . GLU A 1 33  ? 2.843   -13.921 6.117   1.00 49.83 ? 33  GLU A OE1   1 
ATOM   265  O  OE2   . GLU A 1 33  ? 4.921   -13.299 6.502   1.00 49.99 ? 33  GLU A OE2   1 
ATOM   266  N  N     . TYR A 1 34  ? 8.144   -13.499 4.718   1.00 26.19 ? 34  TYR A N     1 
ATOM   267  C  CA    . TYR A 1 34  ? 9.515   -13.023 4.728   1.00 23.21 ? 34  TYR A CA    1 
ATOM   268  C  C     . TYR A 1 34  ? 9.678   -12.020 5.861   1.00 21.78 ? 34  TYR A C     1 
ATOM   269  O  O     . TYR A 1 34  ? 8.708   -11.411 6.304   1.00 20.66 ? 34  TYR A O     1 
ATOM   270  C  CB    . TYR A 1 34  ? 9.864   -12.379 3.380   1.00 21.56 ? 34  TYR A CB    1 
ATOM   271  C  CG    . TYR A 1 34  ? 9.057   -11.143 3.038   1.00 22.45 ? 34  TYR A CG    1 
ATOM   272  C  CD1   . TYR A 1 34  ? 9.533   -9.867  3.335   1.00 20.80 ? 34  TYR A CD1   1 
ATOM   273  C  CD2   . TYR A 1 34  ? 7.812   -11.252 2.416   1.00 21.89 ? 34  TYR A CD2   1 
ATOM   274  C  CE1   . TYR A 1 34  ? 8.782   -8.722  3.016   1.00 22.50 ? 34  TYR A CE1   1 
ATOM   275  C  CE2   . TYR A 1 34  ? 7.059   -10.126 2.094   1.00 22.55 ? 34  TYR A CE2   1 
ATOM   276  C  CZ    . TYR A 1 34  ? 7.547   -8.863  2.394   1.00 23.37 ? 34  TYR A CZ    1 
ATOM   277  O  OH    . TYR A 1 34  ? 6.795   -7.752  2.072   1.00 23.13 ? 34  TYR A OH    1 
ATOM   278  N  N     . PRO A 1 35  ? 10.914  -11.839 6.345   1.00 22.44 ? 35  PRO A N     1 
ATOM   279  C  CA    . PRO A 1 35  ? 11.180  -10.900 7.436   1.00 21.11 ? 35  PRO A CA    1 
ATOM   280  C  C     . PRO A 1 35  ? 10.882  -9.461  7.064   1.00 21.35 ? 35  PRO A C     1 
ATOM   281  O  O     . PRO A 1 35  ? 11.443  -8.920  6.108   1.00 21.36 ? 35  PRO A O     1 
ATOM   282  C  CB    . PRO A 1 35  ? 12.667  -11.107 7.724   1.00 20.84 ? 35  PRO A CB    1 
ATOM   283  C  CG    . PRO A 1 35  ? 12.926  -12.529 7.242   1.00 22.57 ? 35  PRO A CG    1 
ATOM   284  C  CD    . PRO A 1 35  ? 12.138  -12.563 5.965   1.00 21.31 ? 35  PRO A CD    1 
ATOM   285  N  N     . GLU A 1 36  ? 9.977   -8.849  7.814   1.00 20.15 ? 36  GLU A N     1 
ATOM   286  C  CA    . GLU A 1 36  ? 9.634   -7.457  7.594   1.00 20.45 ? 36  GLU A CA    1 
ATOM   287  C  C     . GLU A 1 36  ? 10.186  -6.746  8.811   1.00 19.74 ? 36  GLU A C     1 
ATOM   288  O  O     . GLU A 1 36  ? 9.573   -6.736  9.884   1.00 19.88 ? 36  GLU A O     1 
ATOM   289  C  CB    . GLU A 1 36  ? 8.123   -7.298  7.468   1.00 21.14 ? 36  GLU A CB    1 
ATOM   290  C  CG    . GLU A 1 36  ? 7.613   -7.915  6.180   1.00 22.94 ? 36  GLU A CG    1 
ATOM   291  C  CD    . GLU A 1 36  ? 6.180   -7.559  5.884   1.00 24.16 ? 36  GLU A CD    1 
ATOM   292  O  OE1   . GLU A 1 36  ? 5.786   -6.406  6.167   1.00 24.74 ? 36  GLU A OE1   1 
ATOM   293  O  OE2   . GLU A 1 36  ? 5.457   -8.431  5.351   1.00 22.28 ? 36  GLU A OE2   1 
ATOM   294  N  N     . ILE A 1 37  ? 11.374  -6.180  8.636   1.00 17.89 ? 37  ILE A N     1 
ATOM   295  C  CA    . ILE A 1 37  ? 12.085  -5.552  9.749   1.00 17.97 ? 37  ILE A CA    1 
ATOM   296  C  C     . ILE A 1 37  ? 11.365  -4.312  10.267  1.00 19.07 ? 37  ILE A C     1 
ATOM   297  O  O     . ILE A 1 37  ? 10.718  -3.569  9.538   1.00 19.38 ? 37  ILE A O     1 
ATOM   298  C  CB    . ILE A 1 37  ? 13.500  -5.147  9.300   1.00 16.24 ? 37  ILE A CB    1 
ATOM   299  C  CG1   . ILE A 1 37  ? 13.460  -4.096  8.183   1.00 16.98 ? 37  ILE A CG1   1 
ATOM   300  C  CG2   . ILE A 1 37  ? 14.285  -6.365  8.783   1.00 14.99 ? 37  ILE A CG2   1 
ATOM   301  C  CD1   . ILE A 1 37  ? 14.847  -3.520  7.874   1.00 15.39 ? 37  ILE A CD1   1 
ATOM   302  N  N     . GLN A 1 38  ? 11.470  -4.115  11.591  1.00 19.81 ? 38  GLN A N     1 
ATOM   303  C  CA    . GLN A 1 38  ? 11.106  -2.821  12.136  1.00 20.30 ? 38  GLN A CA    1 
ATOM   304  C  C     . GLN A 1 38  ? 12.008  -1.737  11.550  1.00 20.55 ? 38  GLN A C     1 
ATOM   305  O  O     . GLN A 1 38  ? 13.217  -1.891  11.428  1.00 22.26 ? 38  GLN A O     1 
ATOM   306  C  CB    . GLN A 1 38  ? 11.265  -2.883  13.660  1.00 18.49 ? 38  GLN A CB    1 
ATOM   307  C  CG    . GLN A 1 38  ? 10.284  -3.861  14.308  1.00 19.34 ? 38  GLN A CG    1 
ATOM   308  C  CD    . GLN A 1 38  ? 10.641  -4.051  15.763  1.00 20.09 ? 38  GLN A CD    1 
ATOM   309  O  OE1   . GLN A 1 38  ? 10.850  -3.117  16.518  1.00 21.90 ? 38  GLN A OE1   1 
ATOM   310  N  NE2   . GLN A 1 38  ? 10.670  -5.337  16.157  1.00 14.37 ? 38  GLN A NE2   1 
ATOM   311  N  N     . ALA A 1 39  ? 11.458  -0.601  11.140  1.00 20.64 ? 39  ALA A N     1 
ATOM   312  C  CA    . ALA A 1 39  ? 12.274  0.454   10.557  1.00 22.78 ? 39  ALA A CA    1 
ATOM   313  C  C     . ALA A 1 39  ? 11.479  1.746   10.520  1.00 24.69 ? 39  ALA A C     1 
ATOM   314  O  O     . ALA A 1 39  ? 10.275  1.754   10.771  1.00 25.08 ? 39  ALA A O     1 
ATOM   315  C  CB    . ALA A 1 39  ? 12.708  0.061   9.142   1.00 23.41 ? 39  ALA A CB    1 
ATOM   316  N  N     . GLU A 1 40  ? 12.160  2.839   10.209  1.00 26.80 ? 40  GLU A N     1 
ATOM   317  C  CA    . GLU A 1 40  ? 11.508  4.142   10.151  1.00 31.18 ? 40  GLU A CA    1 
ATOM   318  C  C     . GLU A 1 40  ? 10.975  4.437   8.759   1.00 28.11 ? 40  GLU A C     1 
ATOM   319  O  O     . GLU A 1 40  ? 10.105  5.281   8.588   1.00 30.07 ? 40  GLU A O     1 
ATOM   320  C  CB    . GLU A 1 40  ? 12.490  5.237   10.587  1.00 34.56 ? 40  GLU A CB    1 
ATOM   321  C  CG    . GLU A 1 40  ? 12.768  5.239   12.092  1.00 40.64 ? 40  GLU A CG    1 
ATOM   322  C  CD    . GLU A 1 40  ? 11.555  5.666   12.909  1.00 44.09 ? 40  GLU A CD    1 
ATOM   323  O  OE1   . GLU A 1 40  ? 11.202  6.865   12.868  1.00 47.00 ? 40  GLU A OE1   1 
ATOM   324  O  OE2   . GLU A 1 40  ? 10.949  4.807   13.587  1.00 46.32 ? 40  GLU A OE2   1 
ATOM   325  N  N     . LYS A 1 41  ? 11.493  3.727   7.767   1.00 26.53 ? 41  LYS A N     1 
ATOM   326  C  CA    . LYS A 1 41  ? 11.054  3.931   6.397   1.00 26.18 ? 41  LYS A CA    1 
ATOM   327  C  C     . LYS A 1 41  ? 10.529  2.665   5.737   1.00 23.25 ? 41  LYS A C     1 
ATOM   328  O  O     . LYS A 1 41  ? 11.089  1.581   5.904   1.00 20.98 ? 41  LYS A O     1 
ATOM   329  C  CB    . LYS A 1 41  ? 12.197  4.496   5.548   1.00 28.46 ? 41  LYS A CB    1 
ATOM   330  C  CG    . LYS A 1 41  ? 12.596  5.925   5.897   1.00 31.87 ? 41  LYS A CG    1 
ATOM   331  C  CD    . LYS A 1 41  ? 13.595  6.474   4.883   1.00 35.30 ? 41  LYS A CD    1 
ATOM   332  C  CE    . LYS A 1 41  ? 14.884  5.662   4.879   1.00 38.57 ? 41  LYS A CE    1 
ATOM   333  N  NZ    . LYS A 1 41  ? 15.732  5.955   3.689   1.00 41.17 ? 41  LYS A NZ    1 
ATOM   334  N  N     . LEU A 1 42  ? 9.446   2.819   4.984   1.00 19.47 ? 42  LEU A N     1 
ATOM   335  C  CA    . LEU A 1 42  ? 8.846   1.705   4.261   1.00 18.87 ? 42  LEU A CA    1 
ATOM   336  C  C     . LEU A 1 42  ? 9.885   1.149   3.297   1.00 17.51 ? 42  LEU A C     1 
ATOM   337  O  O     . LEU A 1 42  ? 9.966   -0.062  3.080   1.00 18.46 ? 42  LEU A O     1 
ATOM   338  C  CB    . LEU A 1 42  ? 7.629   2.187   3.477   1.00 14.10 ? 42  LEU A CB    1 
ATOM   339  C  CG    . LEU A 1 42  ? 6.459   2.631   4.350   1.00 11.40 ? 42  LEU A CG    1 
ATOM   340  C  CD1   . LEU A 1 42  ? 5.487   3.438   3.523   1.00 12.48 ? 42  LEU A CD1   1 
ATOM   341  C  CD2   . LEU A 1 42  ? 5.777   1.401   4.951   1.00 12.07 ? 42  LEU A CD2   1 
ATOM   342  N  N     . GLU A 1 43  ? 10.682  2.048   2.732   1.00 16.83 ? 43  GLU A N     1 
ATOM   343  C  CA    . GLU A 1 43  ? 11.726  1.673   1.788   1.00 19.77 ? 43  GLU A CA    1 
ATOM   344  C  C     . GLU A 1 43  ? 12.704  0.665   2.389   1.00 20.81 ? 43  GLU A C     1 
ATOM   345  O  O     . GLU A 1 43  ? 13.124  -0.274  1.712   1.00 21.84 ? 43  GLU A O     1 
ATOM   346  C  CB    . GLU A 1 43  ? 12.494  2.918   1.317   1.00 21.85 ? 43  GLU A CB    1 
ATOM   347  C  CG    . GLU A 1 43  ? 11.687  3.858   0.417   1.00 25.08 ? 43  GLU A CG    1 
ATOM   348  C  CD    . GLU A 1 43  ? 10.834  4.870   1.177   1.00 27.24 ? 43  GLU A CD    1 
ATOM   349  O  OE1   . GLU A 1 43  ? 10.488  4.623   2.352   1.00 25.72 ? 43  GLU A OE1   1 
ATOM   350  O  OE2   . GLU A 1 43  ? 10.497  5.916   0.579   1.00 30.26 ? 43  GLU A OE2   1 
ATOM   351  N  N     . ASP A 1 44  ? 13.064  0.862   3.658   1.00 20.77 ? 44  ASP A N     1 
ATOM   352  C  CA    . ASP A 1 44  ? 14.003  -0.038  4.333   1.00 21.37 ? 44  ASP A CA    1 
ATOM   353  C  C     . ASP A 1 44  ? 13.439  -1.443  4.491   1.00 20.49 ? 44  ASP A C     1 
ATOM   354  O  O     . ASP A 1 44  ? 14.168  -2.425  4.373   1.00 18.56 ? 44  ASP A O     1 
ATOM   355  C  CB    . ASP A 1 44  ? 14.383  0.502   5.716   1.00 22.57 ? 44  ASP A CB    1 
ATOM   356  C  CG    . ASP A 1 44  ? 15.066  1.852   5.649   1.00 27.01 ? 44  ASP A CG    1 
ATOM   357  O  OD1   . ASP A 1 44  ? 15.868  2.065   4.719   1.00 26.70 ? 44  ASP A OD1   1 
ATOM   358  O  OD2   . ASP A 1 44  ? 14.807  2.697   6.536   1.00 30.65 ? 44  ASP A OD2   1 
ATOM   359  N  N     . VAL A 1 45  ? 12.145  -1.534  4.782   1.00 20.09 ? 45  VAL A N     1 
ATOM   360  C  CA    . VAL A 1 45  ? 11.500  -2.832  4.933   1.00 18.44 ? 45  VAL A CA    1 
ATOM   361  C  C     . VAL A 1 45  ? 11.554  -3.528  3.570   1.00 17.58 ? 45  VAL A C     1 
ATOM   362  O  O     . VAL A 1 45  ? 11.907  -4.705  3.472   1.00 18.22 ? 45  VAL A O     1 
ATOM   363  C  CB    . VAL A 1 45  ? 10.025  -2.669  5.387   1.00 18.28 ? 45  VAL A CB    1 
ATOM   364  C  CG1   . VAL A 1 45  ? 9.382   -4.038  5.618   1.00 17.64 ? 45  VAL A CG1   1 
ATOM   365  C  CG2   . VAL A 1 45  ? 9.966   -1.824  6.655   1.00 16.77 ? 45  VAL A CG2   1 
ATOM   366  N  N     . VAL A 1 46  ? 11.222  -2.793  2.515   1.00 16.65 ? 46  VAL A N     1 
ATOM   367  C  CA    . VAL A 1 46  ? 11.240  -3.361  1.169   1.00 17.49 ? 46  VAL A CA    1 
ATOM   368  C  C     . VAL A 1 46  ? 12.632  -3.829  0.752   1.00 17.53 ? 46  VAL A C     1 
ATOM   369  O  O     . VAL A 1 46  ? 12.775  -4.912  0.183   1.00 17.78 ? 46  VAL A O     1 
ATOM   370  C  CB    . VAL A 1 46  ? 10.695  -2.356  0.128   1.00 15.60 ? 46  VAL A CB    1 
ATOM   371  C  CG1   . VAL A 1 46  ? 10.938  -2.878  -1.294  1.00 11.07 ? 46  VAL A CG1   1 
ATOM   372  C  CG2   . VAL A 1 46  ? 9.198   -2.137  0.365   1.00 11.51 ? 46  VAL A CG2   1 
ATOM   373  N  N     . ASP A 1 47  ? 13.657  -3.029  1.041   1.00 17.26 ? 47  ASP A N     1 
ATOM   374  C  CA    . ASP A 1 47  ? 15.029  -3.405  0.675   1.00 19.27 ? 47  ASP A CA    1 
ATOM   375  C  C     . ASP A 1 47  ? 15.454  -4.731  1.303   1.00 19.02 ? 47  ASP A C     1 
ATOM   376  O  O     . ASP A 1 47  ? 15.985  -5.610  0.620   1.00 18.75 ? 47  ASP A O     1 
ATOM   377  C  CB    . ASP A 1 47  ? 16.033  -2.323  1.099   1.00 19.03 ? 47  ASP A CB    1 
ATOM   378  C  CG    . ASP A 1 47  ? 15.980  -1.085  0.218   1.00 23.36 ? 47  ASP A CG    1 
ATOM   379  O  OD1   . ASP A 1 47  ? 15.462  -1.154  -0.922  1.00 23.71 ? 47  ASP A OD1   1 
ATOM   380  O  OD2   . ASP A 1 47  ? 16.476  -0.033  0.669   1.00 26.17 ? 47  ASP A OD2   1 
ATOM   381  N  N     . PHE A 1 48  ? 15.223  -4.867  2.609   1.00 16.79 ? 48  PHE A N     1 
ATOM   382  C  CA    . PHE A 1 48  ? 15.593  -6.079  3.337   1.00 16.70 ? 48  PHE A CA    1 
ATOM   383  C  C     . PHE A 1 48  ? 14.752  -7.269  2.865   1.00 16.49 ? 48  PHE A C     1 
ATOM   384  O  O     . PHE A 1 48  ? 15.251  -8.388  2.731   1.00 15.58 ? 48  PHE A O     1 
ATOM   385  C  CB    . PHE A 1 48  ? 15.391  -5.853  4.841   1.00 18.75 ? 48  PHE A CB    1 
ATOM   386  C  CG    . PHE A 1 48  ? 15.981  -6.934  5.710   1.00 18.86 ? 48  PHE A CG    1 
ATOM   387  C  CD1   . PHE A 1 48  ? 17.285  -6.822  6.192   1.00 19.65 ? 48  PHE A CD1   1 
ATOM   388  C  CD2   . PHE A 1 48  ? 15.242  -8.072  6.030   1.00 17.27 ? 48  PHE A CD2   1 
ATOM   389  C  CE1   . PHE A 1 48  ? 17.849  -7.829  6.981   1.00 18.64 ? 48  PHE A CE1   1 
ATOM   390  C  CE2   . PHE A 1 48  ? 15.793  -9.087  6.816   1.00 19.51 ? 48  PHE A CE2   1 
ATOM   391  C  CZ    . PHE A 1 48  ? 17.103  -8.965  7.293   1.00 17.52 ? 48  PHE A CZ    1 
ATOM   392  N  N     . GLY A 1 49  ? 13.469  -7.023  2.617   1.00 15.26 ? 49  GLY A N     1 
ATOM   393  C  CA    . GLY A 1 49  ? 12.597  -8.084  2.152   1.00 15.95 ? 49  GLY A CA    1 
ATOM   394  C  C     . GLY A 1 49  ? 13.072  -8.685  0.833   1.00 18.42 ? 49  GLY A C     1 
ATOM   395  O  O     . GLY A 1 49  ? 13.161  -9.904  0.694   1.00 17.37 ? 49  GLY A O     1 
ATOM   396  N  N     . ILE A 1 50  ? 13.385  -7.839  -0.142  1.00 17.64 ? 50  ILE A N     1 
ATOM   397  C  CA    . ILE A 1 50  ? 13.854  -8.330  -1.434  1.00 19.87 ? 50  ILE A CA    1 
ATOM   398  C  C     . ILE A 1 50  ? 15.163  -9.110  -1.314  1.00 20.59 ? 50  ILE A C     1 
ATOM   399  O  O     . ILE A 1 50  ? 15.328  -10.137 -1.971  1.00 21.04 ? 50  ILE A O     1 
ATOM   400  C  CB    . ILE A 1 50  ? 14.053  -7.172  -2.440  1.00 20.41 ? 50  ILE A CB    1 
ATOM   401  C  CG1   . ILE A 1 50  ? 12.700  -6.553  -2.778  1.00 19.84 ? 50  ILE A CG1   1 
ATOM   402  C  CG2   . ILE A 1 50  ? 14.737  -7.679  -3.720  1.00 20.82 ? 50  ILE A CG2   1 
ATOM   403  C  CD1   . ILE A 1 50  ? 12.794  -5.391  -3.747  1.00 22.65 ? 50  ILE A CD1   1 
ATOM   404  N  N     . SER A 1 51  ? 16.086  -8.633  -0.479  1.00 20.11 ? 51  SER A N     1 
ATOM   405  C  CA    . SER A 1 51  ? 17.376  -9.301  -0.298  1.00 21.81 ? 51  SER A CA    1 
ATOM   406  C  C     . SER A 1 51  ? 17.197  -10.697 0.282   1.00 21.77 ? 51  SER A C     1 
ATOM   407  O  O     . SER A 1 51  ? 17.936  -11.623 -0.056  1.00 22.50 ? 51  SER A O     1 
ATOM   408  C  CB    . SER A 1 51  ? 18.286  -8.496  0.642   1.00 21.82 ? 51  SER A CB    1 
ATOM   409  O  OG    . SER A 1 51  ? 18.550  -7.210  0.118   1.00 30.44 ? 51  SER A OG    1 
ATOM   410  N  N     . TRP A 1 52  ? 16.214  -10.833 1.164   1.00 21.29 ? 52  TRP A N     1 
ATOM   411  C  CA    . TRP A 1 52  ? 15.928  -12.102 1.807   1.00 21.74 ? 52  TRP A CA    1 
ATOM   412  C  C     . TRP A 1 52  ? 15.203  -13.054 0.847   1.00 21.79 ? 52  TRP A C     1 
ATOM   413  O  O     . TRP A 1 52  ? 15.478  -14.251 0.819   1.00 22.50 ? 52  TRP A O     1 
ATOM   414  C  CB    . TRP A 1 52  ? 15.062  -11.863 3.043   1.00 21.38 ? 52  TRP A CB    1 
ATOM   415  C  CG    . TRP A 1 52  ? 15.105  -12.984 4.033   1.00 26.94 ? 52  TRP A CG    1 
ATOM   416  C  CD1   . TRP A 1 52  ? 16.023  -13.162 5.036   1.00 27.79 ? 52  TRP A CD1   1 
ATOM   417  C  CD2   . TRP A 1 52  ? 14.194  -14.085 4.122   1.00 26.94 ? 52  TRP A CD2   1 
ATOM   418  N  NE1   . TRP A 1 52  ? 15.731  -14.304 5.746   1.00 29.62 ? 52  TRP A NE1   1 
ATOM   419  C  CE2   . TRP A 1 52  ? 14.615  -14.890 5.206   1.00 29.09 ? 52  TRP A CE2   1 
ATOM   420  C  CE3   . TRP A 1 52  ? 13.062  -14.467 3.394   1.00 26.61 ? 52  TRP A CE3   1 
ATOM   421  C  CZ2   . TRP A 1 52  ? 13.940  -16.058 5.582   1.00 31.42 ? 52  TRP A CZ2   1 
ATOM   422  C  CZ3   . TRP A 1 52  ? 12.390  -15.630 3.767   1.00 31.50 ? 52  TRP A CZ3   1 
ATOM   423  C  CH2   . TRP A 1 52  ? 12.834  -16.411 4.852   1.00 31.41 ? 52  TRP A CH2   1 
ATOM   424  N  N     . LEU A 1 53  ? 14.286  -12.505 0.056   1.00 21.28 ? 53  LEU A N     1 
ATOM   425  C  CA    . LEU A 1 53  ? 13.501  -13.297 -0.889  1.00 22.84 ? 53  LEU A CA    1 
ATOM   426  C  C     . LEU A 1 53  ? 14.218  -13.793 -2.142  1.00 23.22 ? 53  LEU A C     1 
ATOM   427  O  O     . LEU A 1 53  ? 13.884  -14.858 -2.656  1.00 22.34 ? 53  LEU A O     1 
ATOM   428  C  CB    . LEU A 1 53  ? 12.260  -12.515 -1.330  1.00 19.65 ? 53  LEU A CB    1 
ATOM   429  C  CG    . LEU A 1 53  ? 11.143  -12.318 -0.305  1.00 19.51 ? 53  LEU A CG    1 
ATOM   430  C  CD1   . LEU A 1 53  ? 10.068  -11.406 -0.905  1.00 18.02 ? 53  LEU A CD1   1 
ATOM   431  C  CD2   . LEU A 1 53  ? 10.548  -13.681 0.083   1.00 18.49 ? 53  LEU A CD2   1 
ATOM   432  N  N     . LYS A 1 54  ? 15.189  -13.036 -2.643  1.00 24.58 ? 54  LYS A N     1 
ATOM   433  C  CA    . LYS A 1 54  ? 15.856  -13.460 -3.866  1.00 27.80 ? 54  LYS A CA    1 
ATOM   434  C  C     . LYS A 1 54  ? 16.475  -14.843 -3.741  1.00 27.82 ? 54  LYS A C     1 
ATOM   435  O  O     . LYS A 1 54  ? 17.197  -15.130 -2.789  1.00 26.44 ? 54  LYS A O     1 
ATOM   436  C  CB    . LYS A 1 54  ? 16.905  -12.433 -4.317  1.00 28.46 ? 54  LYS A CB    1 
ATOM   437  C  CG    . LYS A 1 54  ? 17.996  -12.120 -3.324  1.00 34.67 ? 54  LYS A CG    1 
ATOM   438  C  CD    . LYS A 1 54  ? 18.910  -11.038 -3.892  1.00 37.50 ? 54  LYS A CD    1 
ATOM   439  C  CE    . LYS A 1 54  ? 19.858  -10.490 -2.836  1.00 40.16 ? 54  LYS A CE    1 
ATOM   440  N  NZ    . LYS A 1 54  ? 20.629  -9.315  -3.343  1.00 42.98 ? 54  LYS A NZ    1 
ATOM   441  N  N     . GLY A 1 55  ? 16.159  -15.697 -4.714  1.00 29.02 ? 55  GLY A N     1 
ATOM   442  C  CA    . GLY A 1 55  ? 16.668  -17.056 -4.720  1.00 30.67 ? 55  GLY A CA    1 
ATOM   443  C  C     . GLY A 1 55  ? 15.733  -18.027 -4.022  1.00 30.74 ? 55  GLY A C     1 
ATOM   444  O  O     . GLY A 1 55  ? 16.004  -19.226 -3.969  1.00 31.61 ? 55  GLY A O     1 
ATOM   445  N  N     . LYS A 1 56  ? 14.626  -17.514 -3.491  1.00 29.79 ? 56  LYS A N     1 
ATOM   446  C  CA    . LYS A 1 56  ? 13.666  -18.356 -2.781  1.00 28.82 ? 56  LYS A CA    1 
ATOM   447  C  C     . LYS A 1 56  ? 12.295  -18.379 -3.440  1.00 28.62 ? 56  LYS A C     1 
ATOM   448  O  O     . LYS A 1 56  ? 11.432  -19.169 -3.062  1.00 28.41 ? 56  LYS A O     1 
ATOM   449  C  CB    . LYS A 1 56  ? 13.511  -17.872 -1.337  1.00 30.13 ? 56  LYS A CB    1 
ATOM   450  C  CG    . LYS A 1 56  ? 14.822  -17.743 -0.584  1.00 30.93 ? 56  LYS A CG    1 
ATOM   451  C  CD    . LYS A 1 56  ? 14.612  -17.313 0.863   1.00 32.48 ? 56  LYS A CD    1 
ATOM   452  C  CE    . LYS A 1 56  ? 15.952  -17.085 1.543   1.00 31.41 ? 56  LYS A CE    1 
ATOM   453  N  NZ    . LYS A 1 56  ? 15.809  -16.711 2.968   1.00 37.32 ? 56  LYS A NZ    1 
ATOM   454  N  N     . VAL A 1 57  ? 12.091  -17.514 -4.428  1.00 26.99 ? 57  VAL A N     1 
ATOM   455  C  CA    . VAL A 1 57  ? 10.805  -17.446 -5.096  1.00 26.11 ? 57  VAL A CA    1 
ATOM   456  C  C     . VAL A 1 57  ? 10.948  -17.257 -6.603  1.00 27.58 ? 57  VAL A C     1 
ATOM   457  O  O     . VAL A 1 57  ? 12.009  -16.870 -7.096  1.00 28.11 ? 57  VAL A O     1 
ATOM   458  C  CB    . VAL A 1 57  ? 9.964   -16.271 -4.546  1.00 27.12 ? 57  VAL A CB    1 
ATOM   459  C  CG1   . VAL A 1 57  ? 9.634   -16.498 -3.081  1.00 25.20 ? 57  VAL A CG1   1 
ATOM   460  C  CG2   . VAL A 1 57  ? 10.731  -14.958 -4.721  1.00 24.21 ? 57  VAL A CG2   1 
ATOM   461  N  N     . PRO A 1 58  ? 9.874   -17.539 -7.355  1.00 27.87 ? 58  PRO A N     1 
ATOM   462  C  CA    . PRO A 1 58  ? 9.868   -17.390 -8.813  1.00 27.99 ? 58  PRO A CA    1 
ATOM   463  C  C     . PRO A 1 58  ? 10.146  -15.931 -9.165  1.00 28.29 ? 58  PRO A C     1 
ATOM   464  O  O     . PRO A 1 58  ? 9.869   -15.031 -8.366  1.00 27.61 ? 58  PRO A O     1 
ATOM   465  C  CB    . PRO A 1 58  ? 8.447   -17.795 -9.197  1.00 27.73 ? 58  PRO A CB    1 
ATOM   466  C  CG    . PRO A 1 58  ? 8.083   -18.774 -8.149  1.00 29.12 ? 58  PRO A CG    1 
ATOM   467  C  CD    . PRO A 1 58  ? 8.620   -18.151 -6.887  1.00 27.79 ? 58  PRO A CD    1 
ATOM   468  N  N     . GLU A 1 59  ? 10.677  -15.704 -10.361 1.00 28.73 ? 59  GLU A N     1 
ATOM   469  C  CA    . GLU A 1 59  ? 11.003  -14.362 -10.830 1.00 29.00 ? 59  GLU A CA    1 
ATOM   470  C  C     . GLU A 1 59  ? 10.313  -14.067 -12.159 1.00 29.22 ? 59  GLU A C     1 
ATOM   471  O  O     . GLU A 1 59  ? 10.016  -14.982 -12.927 1.00 29.14 ? 59  GLU A O     1 
ATOM   472  C  CB    . GLU A 1 59  ? 12.517  -14.228 -10.997 1.00 30.32 ? 59  GLU A CB    1 
ATOM   473  C  CG    . GLU A 1 59  ? 13.287  -14.257 -9.687  1.00 32.67 ? 59  GLU A CG    1 
ATOM   474  C  CD    . GLU A 1 59  ? 14.784  -14.379 -9.891  1.00 33.48 ? 59  GLU A CD    1 
ATOM   475  O  OE1   . GLU A 1 59  ? 15.299  -13.815 -10.879 1.00 32.75 ? 59  GLU A OE1   1 
ATOM   476  O  OE2   . GLU A 1 59  ? 15.446  -15.032 -9.055  1.00 32.99 ? 59  GLU A OE2   1 
ATOM   477  N  N     . PRO A 1 60  ? 10.036  -12.783 -12.439 1.00 29.21 ? 60  PRO A N     1 
ATOM   478  C  CA    . PRO A 1 60  ? 10.347  -11.655 -11.554 1.00 28.14 ? 60  PRO A CA    1 
ATOM   479  C  C     . PRO A 1 60  ? 9.271   -11.543 -10.480 1.00 27.53 ? 60  PRO A C     1 
ATOM   480  O  O     . PRO A 1 60  ? 8.142   -11.984 -10.689 1.00 26.57 ? 60  PRO A O     1 
ATOM   481  C  CB    . PRO A 1 60  ? 10.344  -10.468 -12.508 1.00 27.72 ? 60  PRO A CB    1 
ATOM   482  C  CG    . PRO A 1 60  ? 9.248   -10.825 -13.449 1.00 28.84 ? 60  PRO A CG    1 
ATOM   483  C  CD    . PRO A 1 60  ? 9.509   -12.301 -13.728 1.00 29.76 ? 60  PRO A CD    1 
ATOM   484  N  N     . PHE A 1 61  ? 9.611   -10.961 -9.332  1.00 26.14 ? 61  PHE A N     1 
ATOM   485  C  CA    . PHE A 1 61  ? 8.626   -10.837 -8.260  1.00 23.28 ? 61  PHE A CA    1 
ATOM   486  C  C     . PHE A 1 61  ? 8.551   -9.431  -7.687  1.00 21.55 ? 61  PHE A C     1 
ATOM   487  O  O     . PHE A 1 61  ? 9.378   -8.569  -7.988  1.00 20.01 ? 61  PHE A O     1 
ATOM   488  C  CB    . PHE A 1 61  ? 8.921   -11.846 -7.136  1.00 21.63 ? 61  PHE A CB    1 
ATOM   489  C  CG    . PHE A 1 61  ? 10.151  -11.526 -6.325  1.00 21.03 ? 61  PHE A CG    1 
ATOM   490  C  CD1   . PHE A 1 61  ? 10.105  -10.581 -5.303  1.00 22.92 ? 61  PHE A CD1   1 
ATOM   491  C  CD2   . PHE A 1 61  ? 11.352  -12.182 -6.570  1.00 23.34 ? 61  PHE A CD2   1 
ATOM   492  C  CE1   . PHE A 1 61  ? 11.241  -10.300 -4.538  1.00 23.00 ? 61  PHE A CE1   1 
ATOM   493  C  CE2   . PHE A 1 61  ? 12.492  -11.909 -5.812  1.00 20.55 ? 61  PHE A CE2   1 
ATOM   494  C  CZ    . PHE A 1 61  ? 12.435  -10.968 -4.795  1.00 22.51 ? 61  PHE A CZ    1 
ATOM   495  N  N     . MET A 1 62  ? 7.543   -9.212  -6.857  1.00 19.81 ? 62  MET A N     1 
ATOM   496  C  CA    . MET A 1 62  ? 7.350   -7.916  -6.241  1.00 19.50 ? 62  MET A CA    1 
ATOM   497  C  C     . MET A 1 62  ? 6.796   -8.106  -4.844  1.00 18.77 ? 62  MET A C     1 
ATOM   498  O  O     . MET A 1 62  ? 6.222   -9.150  -4.518  1.00 17.78 ? 62  MET A O     1 
ATOM   499  C  CB    . MET A 1 62  ? 6.362   -7.077  -7.066  1.00 20.31 ? 62  MET A CB    1 
ATOM   500  C  CG    . MET A 1 62  ? 4.936   -7.640  -7.097  1.00 19.07 ? 62  MET A CG    1 
ATOM   501  S  SD    . MET A 1 62  ? 3.743   -6.626  -8.020  1.00 24.01 ? 62  MET A SD    1 
ATOM   502  C  CE    . MET A 1 62  ? 3.226   -5.447  -6.758  1.00 23.81 ? 62  MET A CE    1 
ATOM   503  N  N     . ILE A 1 63  ? 6.999   -7.102  -4.011  1.00 16.79 ? 63  ILE A N     1 
ATOM   504  C  CA    . ILE A 1 63  ? 6.457   -7.111  -2.667  1.00 16.98 ? 63  ILE A CA    1 
ATOM   505  C  C     . ILE A 1 63  ? 6.020   -5.678  -2.472  1.00 17.68 ? 63  ILE A C     1 
ATOM   506  O  O     . ILE A 1 63  ? 6.358   -4.807  -3.279  1.00 18.64 ? 63  ILE A O     1 
ATOM   507  C  CB    . ILE A 1 63  ? 7.508   -7.481  -1.596  1.00 16.54 ? 63  ILE A CB    1 
ATOM   508  C  CG1   . ILE A 1 63  ? 8.659   -6.476  -1.598  1.00 15.44 ? 63  ILE A CG1   1 
ATOM   509  C  CG2   . ILE A 1 63  ? 8.001   -8.893  -1.834  1.00 17.22 ? 63  ILE A CG2   1 
ATOM   510  C  CD1   . ILE A 1 63  ? 9.702   -6.747  -0.520  1.00 13.45 ? 63  ILE A CD1   1 
ATOM   511  N  N     . GLU A 1 64  ? 5.248   -5.419  -1.432  1.00 17.73 ? 64  GLU A N     1 
ATOM   512  C  CA    . GLU A 1 64  ? 4.830   -4.053  -1.195  1.00 19.17 ? 64  GLU A CA    1 
ATOM   513  C  C     . GLU A 1 64  ? 4.692   -3.799  0.290   1.00 18.16 ? 64  GLU A C     1 
ATOM   514  O  O     . GLU A 1 64  ? 4.263   -4.672  1.036   1.00 17.17 ? 64  GLU A O     1 
ATOM   515  C  CB    . GLU A 1 64  ? 3.507   -3.763  -1.898  1.00 18.11 ? 64  GLU A CB    1 
ATOM   516  C  CG    . GLU A 1 64  ? 3.167   -2.285  -1.940  1.00 22.24 ? 64  GLU A CG    1 
ATOM   517  C  CD    . GLU A 1 64  ? 2.089   -1.886  -0.951  1.00 24.17 ? 64  GLU A CD    1 
ATOM   518  O  OE1   . GLU A 1 64  ? 2.125   -2.370  0.206   1.00 26.61 ? 64  GLU A OE1   1 
ATOM   519  O  OE2   . GLU A 1 64  ? 1.212   -1.077  -1.330  1.00 21.45 ? 64  GLU A OE2   1 
ATOM   520  N  N     . ASP A 1 65  ? 5.089   -2.609  0.716   1.00 17.99 ? 65  ASP A N     1 
ATOM   521  C  CA    . ASP A 1 65  ? 4.953   -2.228  2.114   1.00 18.47 ? 65  ASP A CA    1 
ATOM   522  C  C     . ASP A 1 65  ? 4.273   -0.858  2.087   1.00 18.46 ? 65  ASP A C     1 
ATOM   523  O  O     . ASP A 1 65  ? 4.621   0.001   1.279   1.00 17.27 ? 65  ASP A O     1 
ATOM   524  C  CB    . ASP A 1 65  ? 6.320   -2.153  2.797   1.00 21.96 ? 65  ASP A CB    1 
ATOM   525  C  CG    . ASP A 1 65  ? 6.236   -2.445  4.291   1.00 27.81 ? 65  ASP A CG    1 
ATOM   526  O  OD1   . ASP A 1 65  ? 5.689   -3.502  4.664   1.00 29.63 ? 65  ASP A OD1   1 
ATOM   527  O  OD2   . ASP A 1 65  ? 6.712   -1.621  5.097   1.00 30.31 ? 65  ASP A OD2   1 
ATOM   528  N  N     . SER A 1 66  ? 3.290   -0.657  2.951   1.00 15.81 ? 66  SER A N     1 
ATOM   529  C  CA    . SER A 1 66  ? 2.582   0.604   2.960   1.00 15.49 ? 66  SER A CA    1 
ATOM   530  C  C     . SER A 1 66  ? 2.040   0.870   4.344   1.00 14.94 ? 66  SER A C     1 
ATOM   531  O  O     . SER A 1 66  ? 2.085   0.004   5.213   1.00 13.69 ? 66  SER A O     1 
ATOM   532  C  CB    . SER A 1 66  ? 1.441   0.561   1.938   1.00 12.84 ? 66  SER A CB    1 
ATOM   533  O  OG    . SER A 1 66  ? 0.725   -0.659  2.027   1.00 12.16 ? 66  SER A OG    1 
ATOM   534  N  N     . GLY A 1 67  ? 1.536   2.082   4.543   1.00 15.74 ? 67  GLY A N     1 
ATOM   535  C  CA    . GLY A 1 67  ? 0.982   2.441   5.830   1.00 16.61 ? 67  GLY A CA    1 
ATOM   536  C  C     . GLY A 1 67  ? 0.278   3.779   5.818   1.00 17.48 ? 67  GLY A C     1 
ATOM   537  O  O     . GLY A 1 67  ? 0.338   4.522   4.838   1.00 16.25 ? 67  GLY A O     1 
ATOM   538  N  N     . LEU A 1 68  ? -0.421  4.070   6.909   1.00 16.76 ? 68  LEU A N     1 
ATOM   539  C  CA    . LEU A 1 68  ? -1.119  5.337   7.074   1.00 17.01 ? 68  LEU A CA    1 
ATOM   540  C  C     . LEU A 1 68  ? -0.285  6.147   8.064   1.00 17.91 ? 68  LEU A C     1 
ATOM   541  O  O     . LEU A 1 68  ? 0.044   5.656   9.148   1.00 17.71 ? 68  LEU A O     1 
ATOM   542  C  CB    . LEU A 1 68  ? -2.517  5.093   7.638   1.00 15.14 ? 68  LEU A CB    1 
ATOM   543  C  CG    . LEU A 1 68  ? -3.340  6.312   8.070   1.00 17.29 ? 68  LEU A CG    1 
ATOM   544  C  CD1   . LEU A 1 68  ? -3.606  7.218   6.869   1.00 15.75 ? 68  LEU A CD1   1 
ATOM   545  C  CD2   . LEU A 1 68  ? -4.653  5.835   8.687   1.00 12.88 ? 68  LEU A CD2   1 
ATOM   546  N  N     . PHE A 1 69  ? 0.070   7.374   7.684   1.00 16.95 ? 69  PHE A N     1 
ATOM   547  C  CA    . PHE A 1 69  ? 0.878   8.245   8.534   1.00 16.53 ? 69  PHE A CA    1 
ATOM   548  C  C     . PHE A 1 69  ? 0.038   9.467   8.925   1.00 17.68 ? 69  PHE A C     1 
ATOM   549  O  O     . PHE A 1 69  ? -0.327  10.274  8.071   1.00 14.56 ? 69  PHE A O     1 
ATOM   550  C  CB    . PHE A 1 69  ? 2.142   8.681   7.780   1.00 15.18 ? 69  PHE A CB    1 
ATOM   551  C  CG    . PHE A 1 69  ? 3.038   7.534   7.371   1.00 15.51 ? 69  PHE A CG    1 
ATOM   552  C  CD1   . PHE A 1 69  ? 4.239   7.296   8.038   1.00 12.57 ? 69  PHE A CD1   1 
ATOM   553  C  CD2   . PHE A 1 69  ? 2.680   6.694   6.319   1.00 14.89 ? 69  PHE A CD2   1 
ATOM   554  C  CE1   . PHE A 1 69  ? 5.069   6.242   7.667   1.00 12.63 ? 69  PHE A CE1   1 
ATOM   555  C  CE2   . PHE A 1 69  ? 3.501   5.638   5.938   1.00 14.00 ? 69  PHE A CE2   1 
ATOM   556  C  CZ    . PHE A 1 69  ? 4.703   5.410   6.613   1.00 13.82 ? 69  PHE A CZ    1 
ATOM   557  N  N     . ILE A 1 70  ? -0.263  9.592   10.217  1.00 17.79 ? 70  ILE A N     1 
ATOM   558  C  CA    . ILE A 1 70  ? -1.086  10.687  10.725  1.00 18.52 ? 70  ILE A CA    1 
ATOM   559  C  C     . ILE A 1 70  ? -0.243  11.792  11.347  1.00 20.46 ? 70  ILE A C     1 
ATOM   560  O  O     . ILE A 1 70  ? 0.435   11.582  12.351  1.00 19.65 ? 70  ILE A O     1 
ATOM   561  C  CB    . ILE A 1 70  ? -2.099  10.160  11.769  1.00 18.32 ? 70  ILE A CB    1 
ATOM   562  C  CG1   . ILE A 1 70  ? -2.984  9.088   11.125  1.00 17.24 ? 70  ILE A CG1   1 
ATOM   563  C  CG2   . ILE A 1 70  ? -2.954  11.306  12.304  1.00 17.70 ? 70  ILE A CG2   1 
ATOM   564  C  CD1   . ILE A 1 70  ? -3.906  8.379   12.101  1.00 17.67 ? 70  ILE A CD1   1 
ATOM   565  N  N     . GLU A 1 71  ? -0.304  12.970  10.734  1.00 23.26 ? 71  GLU A N     1 
ATOM   566  C  CA    . GLU A 1 71  ? 0.450   14.141  11.167  1.00 26.49 ? 71  GLU A CA    1 
ATOM   567  C  C     . GLU A 1 71  ? 0.372   14.471  12.655  1.00 25.55 ? 71  GLU A C     1 
ATOM   568  O  O     . GLU A 1 71  ? 1.397   14.673  13.294  1.00 25.85 ? 71  GLU A O     1 
ATOM   569  C  CB    . GLU A 1 71  ? 0.011   15.363  10.362  1.00 29.73 ? 71  GLU A CB    1 
ATOM   570  C  CG    . GLU A 1 71  ? 0.326   15.279  8.877   1.00 37.14 ? 71  GLU A CG    1 
ATOM   571  C  CD    . GLU A 1 71  ? 1.819   15.253  8.597   1.00 40.65 ? 71  GLU A CD    1 
ATOM   572  O  OE1   . GLU A 1 71  ? 2.525   16.185  9.036   1.00 41.19 ? 71  GLU A OE1   1 
ATOM   573  O  OE2   . GLU A 1 71  ? 2.286   14.301  7.934   1.00 44.06 ? 71  GLU A OE2   1 
ATOM   574  N  N     . SER A 1 72  ? -0.836  14.539  13.201  1.00 25.84 ? 72  SER A N     1 
ATOM   575  C  CA    . SER A 1 72  ? -1.005  14.865  14.611  1.00 28.01 ? 72  SER A CA    1 
ATOM   576  C  C     . SER A 1 72  ? -0.482  13.781  15.555  1.00 27.82 ? 72  SER A C     1 
ATOM   577  O  O     . SER A 1 72  ? -0.307  14.028  16.749  1.00 28.81 ? 72  SER A O     1 
ATOM   578  C  CB    . SER A 1 72  ? -2.478  15.146  14.910  1.00 26.56 ? 72  SER A CB    1 
ATOM   579  O  OG    . SER A 1 72  ? -3.289  14.083  14.454  1.00 32.49 ? 72  SER A OG    1 
ATOM   580  N  N     . LEU A 1 73  ? -0.238  12.586  15.019  1.00 25.85 ? 73  LEU A N     1 
ATOM   581  C  CA    . LEU A 1 73  ? 0.269   11.475  15.817  1.00 24.04 ? 73  LEU A CA    1 
ATOM   582  C  C     . LEU A 1 73  ? 1.731   11.217  15.476  1.00 23.56 ? 73  LEU A C     1 
ATOM   583  O  O     . LEU A 1 73  ? 2.268   10.149  15.754  1.00 23.47 ? 73  LEU A O     1 
ATOM   584  C  CB    . LEU A 1 73  ? -0.562  10.213  15.563  1.00 21.97 ? 73  LEU A CB    1 
ATOM   585  C  CG    . LEU A 1 73  ? -2.066  10.356  15.839  1.00 23.20 ? 73  LEU A CG    1 
ATOM   586  C  CD1   . LEU A 1 73  ? -2.762  9.032   15.591  1.00 22.58 ? 73  LEU A CD1   1 
ATOM   587  C  CD2   . LEU A 1 73  ? -2.298  10.808  17.281  1.00 21.80 ? 73  LEU A CD2   1 
ATOM   588  N  N     . LYS A 1 74  ? 2.365   12.217  14.867  1.00 23.31 ? 74  LYS A N     1 
ATOM   589  C  CA    . LYS A 1 74  ? 3.770   12.141  14.477  1.00 23.31 ? 74  LYS A CA    1 
ATOM   590  C  C     . LYS A 1 74  ? 4.110   11.019  13.486  1.00 22.45 ? 74  LYS A C     1 
ATOM   591  O  O     . LYS A 1 74  ? 5.207   10.464  13.530  1.00 19.09 ? 74  LYS A O     1 
ATOM   592  C  CB    . LYS A 1 74  ? 4.660   12.013  15.723  1.00 26.46 ? 74  LYS A CB    1 
ATOM   593  C  CG    . LYS A 1 74  ? 4.559   13.183  16.707  1.00 30.43 ? 74  LYS A CG    1 
ATOM   594  C  CD    . LYS A 1 74  ? 5.637   13.071  17.778  1.00 35.68 ? 74  LYS A CD    1 
ATOM   595  C  CE    . LYS A 1 74  ? 5.642   14.270  18.719  1.00 38.96 ? 74  LYS A CE    1 
ATOM   596  N  NZ    . LYS A 1 74  ? 4.386   14.379  19.512  1.00 41.85 ? 74  LYS A NZ    1 
ATOM   597  N  N     . GLY A 1 75  ? 3.182   10.696  12.585  1.00 20.82 ? 75  GLY A N     1 
ATOM   598  C  CA    . GLY A 1 75  ? 3.449   9.658   11.599  1.00 19.68 ? 75  GLY A CA    1 
ATOM   599  C  C     . GLY A 1 75  ? 2.811   8.313   11.902  1.00 20.10 ? 75  GLY A C     1 
ATOM   600  O  O     . GLY A 1 75  ? 2.646   7.471   11.021  1.00 20.59 ? 75  GLY A O     1 
ATOM   601  N  N     . PHE A 1 76  ? 2.460   8.113   13.163  1.00 17.89 ? 76  PHE A N     1 
ATOM   602  C  CA    . PHE A 1 76  ? 1.824   6.886   13.619  1.00 17.95 ? 76  PHE A CA    1 
ATOM   603  C  C     . PHE A 1 76  ? 0.534   6.701   12.820  1.00 16.95 ? 76  PHE A C     1 
ATOM   604  O  O     . PHE A 1 76  ? -0.128  7.678   12.480  1.00 16.43 ? 76  PHE A O     1 
ATOM   605  C  CB    . PHE A 1 76  ? 1.546   7.031   15.121  1.00 16.43 ? 76  PHE A CB    1 
ATOM   606  C  CG    . PHE A 1 76  ? 0.663   5.964   15.705  1.00 16.67 ? 76  PHE A CG    1 
ATOM   607  C  CD1   . PHE A 1 76  ? -0.713  5.991   15.506  1.00 16.96 ? 76  PHE A CD1   1 
ATOM   608  C  CD2   . PHE A 1 76  ? 1.203   4.971   16.519  1.00 15.06 ? 76  PHE A CD2   1 
ATOM   609  C  CE1   . PHE A 1 76  ? -1.541  5.047   16.114  1.00 16.78 ? 76  PHE A CE1   1 
ATOM   610  C  CE2   . PHE A 1 76  ? 0.385   4.028   17.130  1.00 17.75 ? 76  PHE A CE2   1 
ATOM   611  C  CZ    . PHE A 1 76  ? -0.991  4.064   16.930  1.00 16.16 ? 76  PHE A CZ    1 
ATOM   612  N  N     . PRO A 1 77  ? 0.157   5.447   12.506  1.00 16.50 ? 77  PRO A N     1 
ATOM   613  C  CA    . PRO A 1 77  ? 0.841   4.192   12.843  1.00 15.41 ? 77  PRO A CA    1 
ATOM   614  C  C     . PRO A 1 77  ? 1.944   3.803   11.860  1.00 14.56 ? 77  PRO A C     1 
ATOM   615  O  O     . PRO A 1 77  ? 2.692   2.866   12.113  1.00 12.89 ? 77  PRO A O     1 
ATOM   616  C  CB    . PRO A 1 77  ? -0.299  3.184   12.878  1.00 15.14 ? 77  PRO A CB    1 
ATOM   617  C  CG    . PRO A 1 77  ? -1.190  3.676   11.763  1.00 14.68 ? 77  PRO A CG    1 
ATOM   618  C  CD    . PRO A 1 77  ? -1.186  5.181   11.954  1.00 14.22 ? 77  PRO A CD    1 
ATOM   619  N  N     . GLY A 1 78  ? 2.020   4.524   10.740  1.00 14.31 ? 78  GLY A N     1 
ATOM   620  C  CA    . GLY A 1 78  ? 3.046   4.292   9.731   1.00 12.39 ? 78  GLY A CA    1 
ATOM   621  C  C     . GLY A 1 78  ? 3.387   2.868   9.331   1.00 13.35 ? 78  GLY A C     1 
ATOM   622  O  O     . GLY A 1 78  ? 2.525   2.097   8.924   1.00 14.03 ? 78  GLY A O     1 
ATOM   623  N  N     . VAL A 1 79  ? 4.669   2.538   9.431   1.00 14.87 ? 79  VAL A N     1 
ATOM   624  C  CA    . VAL A 1 79  ? 5.187   1.224   9.065   1.00 14.51 ? 79  VAL A CA    1 
ATOM   625  C  C     . VAL A 1 79  ? 4.463   0.090   9.800   1.00 15.82 ? 79  VAL A C     1 
ATOM   626  O  O     . VAL A 1 79  ? 4.380   -1.039  9.335   1.00 14.13 ? 79  VAL A O     1 
ATOM   627  C  CB    . VAL A 1 79  ? 6.680   1.192   9.393   1.00 16.56 ? 79  VAL A CB    1 
ATOM   628  C  CG1   . VAL A 1 79  ? 7.235   -0.212  9.163   1.00 16.40 ? 79  VAL A CG1   1 
ATOM   629  C  CG2   . VAL A 1 79  ? 7.427   2.174   8.510   1.00 17.80 ? 79  VAL A CG2   1 
ATOM   630  N  N     . TYR A 1 80  ? 3.965   0.410   11.011  1.00 14.89 ? 80  TYR A N     1 
ATOM   631  C  CA    . TYR A 1 80  ? 3.298   -0.619  11.805  1.00 15.24 ? 80  TYR A CA    1 
ATOM   632  C  C     . TYR A 1 80  ? 1.774   -0.476  11.771  1.00 15.14 ? 80  TYR A C     1 
ATOM   633  O  O     . TYR A 1 80  ? 1.070   -0.827  12.709  1.00 15.19 ? 80  TYR A O     1 
ATOM   634  C  CB    . TYR A 1 80  ? 3.798   -0.510  13.246  1.00 17.31 ? 80  TYR A CB    1 
ATOM   635  C  CG    . TYR A 1 80  ? 5.285   -0.469  13.264  1.00 17.31 ? 80  TYR A CG    1 
ATOM   636  C  CD1   . TYR A 1 80  ? 6.013   -1.621  12.984  1.00 20.88 ? 80  TYR A CD1   1 
ATOM   637  C  CD2   . TYR A 1 80  ? 5.956   0.717   13.563  1.00 15.64 ? 80  TYR A CD2   1 
ATOM   638  C  CE1   . TYR A 1 80  ? 7.400   -1.588  12.990  1.00 20.52 ? 80  TYR A CE1   1 
ATOM   639  C  CE2   . TYR A 1 80  ? 7.341   0.748   13.581  1.00 16.14 ? 80  TYR A CE2   1 
ATOM   640  C  CZ    . TYR A 1 80  ? 8.063   -0.398  13.300  1.00 17.98 ? 80  TYR A CZ    1 
ATOM   641  O  OH    . TYR A 1 80  ? 9.444   -0.370  13.299  1.00 19.91 ? 80  TYR A OH    1 
ATOM   642  N  N     . SER A 1 81  ? 1.280   -0.012  10.627  1.00 14.83 ? 81  SER A N     1 
ATOM   643  C  CA    . SER A 1 81  ? -0.155  0.140   10.406  1.00 16.39 ? 81  SER A CA    1 
ATOM   644  C  C     . SER A 1 81  ? -0.936  -1.164  10.581  1.00 16.67 ? 81  SER A C     1 
ATOM   645  O  O     . SER A 1 81  ? -2.045  -1.167  11.119  1.00 15.52 ? 81  SER A O     1 
ATOM   646  C  CB    . SER A 1 81  ? -0.415  0.706   9.006   1.00 15.82 ? 81  SER A CB    1 
ATOM   647  O  OG    . SER A 1 81  ? 0.032   2.047   8.917   1.00 16.57 ? 81  SER A OG    1 
ATOM   648  N  N     . SER A 1 82  ? -0.359  -2.270  10.129  1.00 17.96 ? 82  SER A N     1 
ATOM   649  C  CA    . SER A 1 82  ? -1.026  -3.563  10.238  1.00 20.61 ? 82  SER A CA    1 
ATOM   650  C  C     . SER A 1 82  ? -1.273  -3.975  11.689  1.00 20.53 ? 82  SER A C     1 
ATOM   651  O  O     . SER A 1 82  ? -2.400  -4.308  12.066  1.00 21.75 ? 82  SER A O     1 
ATOM   652  C  CB    . SER A 1 82  ? -0.204  -4.643  9.535   1.00 20.75 ? 82  SER A CB    1 
ATOM   653  O  OG    . SER A 1 82  ? -0.865  -5.893  9.609   1.00 25.75 ? 82  SER A OG    1 
ATOM   654  N  N     . TYR A 1 83  ? -0.222  -3.957  12.499  1.00 18.80 ? 83  TYR A N     1 
ATOM   655  C  CA    . TYR A 1 83  ? -0.354  -4.325  13.904  1.00 18.13 ? 83  TYR A CA    1 
ATOM   656  C  C     . TYR A 1 83  ? -1.337  -3.423  14.636  1.00 18.40 ? 83  TYR A C     1 
ATOM   657  O  O     . TYR A 1 83  ? -2.171  -3.901  15.412  1.00 18.15 ? 83  TYR A O     1 
ATOM   658  C  CB    . TYR A 1 83  ? 0.998   -4.248  14.602  1.00 17.36 ? 83  TYR A CB    1 
ATOM   659  C  CG    . TYR A 1 83  ? 0.912   -4.498  16.086  1.00 18.28 ? 83  TYR A CG    1 
ATOM   660  C  CD1   . TYR A 1 83  ? 0.709   -5.783  16.588  1.00 17.77 ? 83  TYR A CD1   1 
ATOM   661  C  CD2   . TYR A 1 83  ? 1.013   -3.440  16.994  1.00 17.87 ? 83  TYR A CD2   1 
ATOM   662  C  CE1   . TYR A 1 83  ? 0.611   -6.012  17.964  1.00 18.57 ? 83  TYR A CE1   1 
ATOM   663  C  CE2   . TYR A 1 83  ? 0.915   -3.656  18.364  1.00 18.40 ? 83  TYR A CE2   1 
ATOM   664  C  CZ    . TYR A 1 83  ? 0.715   -4.940  18.845  1.00 20.49 ? 83  TYR A CZ    1 
ATOM   665  O  OH    . TYR A 1 83  ? 0.626   -5.148  20.206  1.00 22.17 ? 83  TYR A OH    1 
ATOM   666  N  N     . VAL A 1 84  ? -1.223  -2.115  14.407  1.00 18.05 ? 84  VAL A N     1 
ATOM   667  C  CA    . VAL A 1 84  ? -2.103  -1.150  15.052  1.00 17.32 ? 84  VAL A CA    1 
ATOM   668  C  C     . VAL A 1 84  ? -3.552  -1.366  14.645  1.00 19.00 ? 84  VAL A C     1 
ATOM   669  O  O     . VAL A 1 84  ? -4.462  -1.180  15.451  1.00 19.32 ? 84  VAL A O     1 
ATOM   670  C  CB    . VAL A 1 84  ? -1.701  0.296   14.702  1.00 17.71 ? 84  VAL A CB    1 
ATOM   671  C  CG1   . VAL A 1 84  ? -2.716  1.276   15.276  1.00 17.28 ? 84  VAL A CG1   1 
ATOM   672  C  CG2   . VAL A 1 84  ? -0.315  0.588   15.247  1.00 13.56 ? 84  VAL A CG2   1 
ATOM   673  N  N     . TYR A 1 85  ? -3.770  -1.762  13.397  1.00 18.91 ? 85  TYR A N     1 
ATOM   674  C  CA    . TYR A 1 85  ? -5.124  -1.995  12.922  1.00 21.34 ? 85  TYR A CA    1 
ATOM   675  C  C     . TYR A 1 85  ? -5.722  -3.188  13.649  1.00 23.31 ? 85  TYR A C     1 
ATOM   676  O  O     . TYR A 1 85  ? -6.885  -3.165  14.066  1.00 24.47 ? 85  TYR A O     1 
ATOM   677  C  CB    . TYR A 1 85  ? -5.138  -2.292  11.421  1.00 21.66 ? 85  TYR A CB    1 
ATOM   678  C  CG    . TYR A 1 85  ? -6.509  -2.692  10.933  1.00 24.15 ? 85  TYR A CG    1 
ATOM   679  C  CD1   . TYR A 1 85  ? -7.518  -1.739  10.771  1.00 25.39 ? 85  TYR A CD1   1 
ATOM   680  C  CD2   . TYR A 1 85  ? -6.816  -4.028  10.682  1.00 26.11 ? 85  TYR A CD2   1 
ATOM   681  C  CE1   . TYR A 1 85  ? -8.805  -2.110  10.369  1.00 26.20 ? 85  TYR A CE1   1 
ATOM   682  C  CE2   . TYR A 1 85  ? -8.099  -4.413  10.282  1.00 26.91 ? 85  TYR A CE2   1 
ATOM   683  C  CZ    . TYR A 1 85  ? -9.086  -3.450  10.127  1.00 28.27 ? 85  TYR A CZ    1 
ATOM   684  O  OH    . TYR A 1 85  ? -10.349 -3.828  9.732   1.00 28.74 ? 85  TYR A OH    1 
ATOM   685  N  N     . ARG A 1 86  ? -4.914  -4.235  13.789  1.00 22.81 ? 86  ARG A N     1 
ATOM   686  C  CA    . ARG A 1 86  ? -5.362  -5.456  14.445  1.00 26.46 ? 86  ARG A CA    1 
ATOM   687  C  C     . ARG A 1 86  ? -5.515  -5.344  15.949  1.00 26.63 ? 86  ARG A C     1 
ATOM   688  O  O     . ARG A 1 86  ? -6.180  -6.179  16.560  1.00 29.03 ? 86  ARG A O     1 
ATOM   689  C  CB    . ARG A 1 86  ? -4.429  -6.628  14.110  1.00 28.56 ? 86  ARG A CB    1 
ATOM   690  C  CG    . ARG A 1 86  ? -4.648  -7.167  12.709  1.00 30.55 ? 86  ARG A CG    1 
ATOM   691  C  CD    . ARG A 1 86  ? -3.756  -8.347  12.389  1.00 35.12 ? 86  ARG A CD    1 
ATOM   692  N  NE    . ARG A 1 86  ? -2.346  -7.978  12.316  1.00 37.87 ? 86  ARG A NE    1 
ATOM   693  C  CZ    . ARG A 1 86  ? -1.460  -8.206  13.280  1.00 40.31 ? 86  ARG A CZ    1 
ATOM   694  N  NH1   . ARG A 1 86  ? -1.835  -8.802  14.402  1.00 41.97 ? 86  ARG A NH1   1 
ATOM   695  N  NH2   . ARG A 1 86  ? -0.189  -7.856  13.115  1.00 40.71 ? 86  ARG A NH2   1 
ATOM   696  N  N     . THR A 1 87  ? -4.912  -4.325  16.554  1.00 25.89 ? 87  THR A N     1 
ATOM   697  C  CA    . THR A 1 87  ? -5.040  -4.170  17.990  1.00 24.50 ? 87  THR A CA    1 
ATOM   698  C  C     . THR A 1 87  ? -6.061  -3.104  18.389  1.00 25.74 ? 87  THR A C     1 
ATOM   699  O  O     . THR A 1 87  ? -7.171  -3.448  18.792  1.00 28.48 ? 87  THR A O     1 
ATOM   700  C  CB    . THR A 1 87  ? -3.678  -3.891  18.652  1.00 23.30 ? 87  THR A CB    1 
ATOM   701  O  OG1   . THR A 1 87  ? -3.053  -2.764  18.032  1.00 21.77 ? 87  THR A OG1   1 
ATOM   702  C  CG2   . THR A 1 87  ? -2.773  -5.111  18.503  1.00 22.22 ? 87  THR A CG2   1 
ATOM   703  N  N     . ILE A 1 88  ? -5.718  -1.826  18.280  1.00 23.58 ? 88  ILE A N     1 
ATOM   704  C  CA    . ILE A 1 88  ? -6.672  -0.791  18.656  1.00 22.99 ? 88  ILE A CA    1 
ATOM   705  C  C     . ILE A 1 88  ? -7.703  -0.522  17.554  1.00 23.66 ? 88  ILE A C     1 
ATOM   706  O  O     . ILE A 1 88  ? -8.764  0.049   17.812  1.00 23.39 ? 88  ILE A O     1 
ATOM   707  C  CB    . ILE A 1 88  ? -5.953  0.520   19.034  1.00 23.62 ? 88  ILE A CB    1 
ATOM   708  C  CG1   . ILE A 1 88  ? -5.220  1.101   17.823  1.00 23.31 ? 88  ILE A CG1   1 
ATOM   709  C  CG2   . ILE A 1 88  ? -4.980  0.255   20.176  1.00 22.77 ? 88  ILE A CG2   1 
ATOM   710  C  CD1   . ILE A 1 88  ? -4.545  2.423   18.115  1.00 23.60 ? 88  ILE A CD1   1 
ATOM   711  N  N     . GLY A 1 89  ? -7.390  -0.944  16.332  1.00 22.43 ? 89  GLY A N     1 
ATOM   712  C  CA    . GLY A 1 89  ? -8.302  -0.757  15.217  1.00 23.73 ? 89  GLY A CA    1 
ATOM   713  C  C     . GLY A 1 89  ? -8.701  0.670   14.883  1.00 23.43 ? 89  GLY A C     1 
ATOM   714  O  O     . GLY A 1 89  ? -8.119  1.638   15.378  1.00 23.24 ? 89  GLY A O     1 
ATOM   715  N  N     . LEU A 1 90  ? -9.710  0.793   14.025  1.00 24.60 ? 90  LEU A N     1 
ATOM   716  C  CA    . LEU A 1 90  ? -10.208 2.093   13.597  1.00 24.14 ? 90  LEU A CA    1 
ATOM   717  C  C     . LEU A 1 90  ? -10.721 2.906   14.774  1.00 25.40 ? 90  LEU A C     1 
ATOM   718  O  O     . LEU A 1 90  ? -10.546 4.123   14.813  1.00 27.25 ? 90  LEU A O     1 
ATOM   719  C  CB    . LEU A 1 90  ? -11.319 1.916   12.558  1.00 23.80 ? 90  LEU A CB    1 
ATOM   720  C  CG    . LEU A 1 90  ? -10.941 1.069   11.342  1.00 24.72 ? 90  LEU A CG    1 
ATOM   721  C  CD1   . LEU A 1 90  ? -12.058 1.143   10.305  1.00 25.01 ? 90  LEU A CD1   1 
ATOM   722  C  CD2   . LEU A 1 90  ? -9.628  1.565   10.753  1.00 24.16 ? 90  LEU A CD2   1 
ATOM   723  N  N     . GLU A 1 91  ? -11.356 2.246   15.735  1.00 27.07 ? 91  GLU A N     1 
ATOM   724  C  CA    . GLU A 1 91  ? -11.861 2.967   16.898  1.00 28.78 ? 91  GLU A CA    1 
ATOM   725  C  C     . GLU A 1 91  ? -10.713 3.571   17.694  1.00 26.83 ? 91  GLU A C     1 
ATOM   726  O  O     . GLU A 1 91  ? -10.836 4.673   18.227  1.00 27.57 ? 91  GLU A O     1 
ATOM   727  C  CB    . GLU A 1 91  ? -12.714 2.046   17.778  1.00 32.84 ? 91  GLU A CB    1 
ATOM   728  C  CG    . GLU A 1 91  ? -14.086 1.755   17.158  1.00 40.65 ? 91  GLU A CG    1 
ATOM   729  C  CD    . GLU A 1 91  ? -15.021 2.970   17.165  1.00 44.43 ? 91  GLU A CD    1 
ATOM   730  O  OE1   . GLU A 1 91  ? -14.519 4.118   17.212  1.00 45.72 ? 91  GLU A OE1   1 
ATOM   731  O  OE2   . GLU A 1 91  ? -16.259 2.777   17.114  1.00 47.73 ? 91  GLU A OE2   1 
ATOM   732  N  N     . GLY A 1 92  ? -9.589  2.861   17.750  1.00 25.95 ? 92  GLY A N     1 
ATOM   733  C  CA    . GLY A 1 92  ? -8.434  3.360   18.475  1.00 22.39 ? 92  GLY A CA    1 
ATOM   734  C  C     . GLY A 1 92  ? -7.880  4.613   17.827  1.00 20.75 ? 92  GLY A C     1 
ATOM   735  O  O     . GLY A 1 92  ? -7.449  5.528   18.519  1.00 23.40 ? 92  GLY A O     1 
ATOM   736  N  N     . ILE A 1 93  ? -7.886  4.659   16.497  1.00 20.70 ? 93  ILE A N     1 
ATOM   737  C  CA    . ILE A 1 93  ? -7.391  5.830   15.776  1.00 19.65 ? 93  ILE A CA    1 
ATOM   738  C  C     . ILE A 1 93  ? -8.324  7.014   16.035  1.00 21.08 ? 93  ILE A C     1 
ATOM   739  O  O     . ILE A 1 93  ? -7.873  8.113   16.364  1.00 21.96 ? 93  ILE A O     1 
ATOM   740  C  CB    . ILE A 1 93  ? -7.332  5.577   14.250  1.00 20.02 ? 93  ILE A CB    1 
ATOM   741  C  CG1   . ILE A 1 93  ? -6.390  4.407   13.950  1.00 20.58 ? 93  ILE A CG1   1 
ATOM   742  C  CG2   . ILE A 1 93  ? -6.870  6.844   13.523  1.00 16.99 ? 93  ILE A CG2   1 
ATOM   743  C  CD1   . ILE A 1 93  ? -4.930  4.674   14.304  1.00 17.57 ? 93  ILE A CD1   1 
ATOM   744  N  N     . LEU A 1 94  ? -9.626  6.786   15.886  1.00 21.22 ? 94  LEU A N     1 
ATOM   745  C  CA    . LEU A 1 94  ? -10.605 7.843   16.122  1.00 23.60 ? 94  LEU A CA    1 
ATOM   746  C  C     . LEU A 1 94  ? -10.472 8.370   17.552  1.00 25.24 ? 94  LEU A C     1 
ATOM   747  O  O     . LEU A 1 94  ? -10.539 9.576   17.793  1.00 25.20 ? 94  LEU A O     1 
ATOM   748  C  CB    . LEU A 1 94  ? -12.028 7.319   15.888  1.00 23.91 ? 94  LEU A CB    1 
ATOM   749  C  CG    . LEU A 1 94  ? -12.397 6.925   14.455  1.00 26.49 ? 94  LEU A CG    1 
ATOM   750  C  CD1   . LEU A 1 94  ? -13.858 6.540   14.388  1.00 26.44 ? 94  LEU A CD1   1 
ATOM   751  C  CD2   . LEU A 1 94  ? -12.125 8.083   13.520  1.00 25.93 ? 94  LEU A CD2   1 
ATOM   752  N  N     . LYS A 1 95  ? -10.281 7.458   18.501  1.00 27.00 ? 95  LYS A N     1 
ATOM   753  C  CA    . LYS A 1 95  ? -10.122 7.835   19.900  1.00 27.44 ? 95  LYS A CA    1 
ATOM   754  C  C     . LYS A 1 95  ? -8.939  8.790   20.047  1.00 27.55 ? 95  LYS A C     1 
ATOM   755  O  O     . LYS A 1 95  ? -9.046  9.842   20.683  1.00 26.72 ? 95  LYS A O     1 
ATOM   756  C  CB    . LYS A 1 95  ? -9.896  6.584   20.748  1.00 30.85 ? 95  LYS A CB    1 
ATOM   757  C  CG    . LYS A 1 95  ? -9.679  6.848   22.230  1.00 33.98 ? 95  LYS A CG    1 
ATOM   758  C  CD    . LYS A 1 95  ? -10.902 7.482   22.878  1.00 35.92 ? 95  LYS A CD    1 
ATOM   759  C  CE    . LYS A 1 95  ? -10.771 7.456   24.396  1.00 36.75 ? 95  LYS A CE    1 
ATOM   760  N  NZ    . LYS A 1 95  ? -10.608 6.054   24.879  1.00 37.15 ? 95  LYS A NZ    1 
ATOM   761  N  N     . LEU A 1 96  ? -7.814  8.422   19.440  1.00 26.93 ? 96  LEU A N     1 
ATOM   762  C  CA    . LEU A 1 96  ? -6.605  9.237   19.492  1.00 27.35 ? 96  LEU A CA    1 
ATOM   763  C  C     . LEU A 1 96  ? -6.766  10.600  18.821  1.00 28.21 ? 96  LEU A C     1 
ATOM   764  O  O     . LEU A 1 96  ? -6.110  11.567  19.206  1.00 29.31 ? 96  LEU A O     1 
ATOM   765  C  CB    . LEU A 1 96  ? -5.431  8.486   18.841  1.00 26.48 ? 96  LEU A CB    1 
ATOM   766  C  CG    . LEU A 1 96  ? -4.833  7.308   19.623  1.00 27.51 ? 96  LEU A CG    1 
ATOM   767  C  CD1   . LEU A 1 96  ? -3.912  6.493   18.734  1.00 26.87 ? 96  LEU A CD1   1 
ATOM   768  C  CD2   . LEU A 1 96  ? -4.075  7.837   20.830  1.00 26.93 ? 96  LEU A CD2   1 
ATOM   769  N  N     . MET A 1 97  ? -7.640  10.677  17.823  1.00 28.93 ? 97  MET A N     1 
ATOM   770  C  CA    . MET A 1 97  ? -7.866  11.925  17.092  1.00 30.12 ? 97  MET A CA    1 
ATOM   771  C  C     . MET A 1 97  ? -8.966  12.823  17.672  1.00 31.42 ? 97  MET A C     1 
ATOM   772  O  O     . MET A 1 97  ? -9.204  13.925  17.174  1.00 30.64 ? 97  MET A O     1 
ATOM   773  C  CB    . MET A 1 97  ? -8.178  11.613  15.626  1.00 28.49 ? 97  MET A CB    1 
ATOM   774  C  CG    . MET A 1 97  ? -7.030  10.950  14.868  1.00 28.54 ? 97  MET A CG    1 
ATOM   775  S  SD    . MET A 1 97  ? -5.566  11.997  14.808  1.00 31.06 ? 97  MET A SD    1 
ATOM   776  C  CE    . MET A 1 97  ? -5.948  13.018  13.349  1.00 32.27 ? 97  MET A CE    1 
ATOM   777  N  N     . GLU A 1 98  ? -9.641  12.360  18.718  1.00 33.08 ? 98  GLU A N     1 
ATOM   778  C  CA    . GLU A 1 98  ? -10.697 13.155  19.340  1.00 34.54 ? 98  GLU A CA    1 
ATOM   779  C  C     . GLU A 1 98  ? -10.170 14.526  19.746  1.00 35.94 ? 98  GLU A C     1 
ATOM   780  O  O     . GLU A 1 98  ? -9.194  14.632  20.493  1.00 35.58 ? 98  GLU A O     1 
ATOM   781  C  CB    . GLU A 1 98  ? -11.260 12.435  20.568  1.00 35.00 ? 98  GLU A CB    1 
ATOM   782  C  CG    . GLU A 1 98  ? -12.317 11.382  20.246  1.00 35.15 ? 98  GLU A CG    1 
ATOM   783  C  CD    . GLU A 1 98  ? -12.778 10.625  21.480  1.00 36.72 ? 98  GLU A CD    1 
ATOM   784  O  OE1   . GLU A 1 98  ? -12.633 11.165  22.598  1.00 38.92 ? 98  GLU A OE1   1 
ATOM   785  O  OE2   . GLU A 1 98  ? -13.294 9.497   21.337  1.00 36.52 ? 98  GLU A OE2   1 
ATOM   786  N  N     . GLY A 1 99  ? -10.814 15.573  19.236  1.00 36.94 ? 99  GLY A N     1 
ATOM   787  C  CA    . GLY A 1 99  ? -10.402 16.929  19.557  1.00 36.75 ? 99  GLY A CA    1 
ATOM   788  C  C     . GLY A 1 99  ? -9.226  17.408  18.728  1.00 37.53 ? 99  GLY A C     1 
ATOM   789  O  O     . GLY A 1 99  ? -8.746  18.527  18.900  1.00 37.01 ? 99  GLY A O     1 
ATOM   790  N  N     . ALA A 1 100 ? -8.750  16.558  17.824  1.00 37.87 ? 100 ALA A N     1 
ATOM   791  C  CA    . ALA A 1 100 ? -7.625  16.924  16.980  1.00 38.22 ? 100 ALA A CA    1 
ATOM   792  C  C     . ALA A 1 100 ? -8.039  17.981  15.962  1.00 38.81 ? 100 ALA A C     1 
ATOM   793  O  O     . ALA A 1 100 ? -9.029  17.820  15.249  1.00 38.14 ? 100 ALA A O     1 
ATOM   794  C  CB    . ALA A 1 100 ? -7.085  15.690  16.262  1.00 38.01 ? 100 ALA A CB    1 
ATOM   795  N  N     . GLU A 1 101 ? -7.274  19.063  15.916  1.00 39.96 ? 101 GLU A N     1 
ATOM   796  C  CA    . GLU A 1 101 ? -7.515  20.151  14.983  1.00 41.29 ? 101 GLU A CA    1 
ATOM   797  C  C     . GLU A 1 101 ? -7.113  19.660  13.604  1.00 39.73 ? 101 GLU A C     1 
ATOM   798  O  O     . GLU A 1 101 ? -7.931  19.601  12.680  1.00 40.67 ? 101 GLU A O     1 
ATOM   799  C  CB    . GLU A 1 101 ? -6.648  21.354  15.354  1.00 44.40 ? 101 GLU A CB    1 
ATOM   800  C  CG    . GLU A 1 101 ? -5.168  21.011  15.527  1.00 50.10 ? 101 GLU A CG    1 
ATOM   801  C  CD    . GLU A 1 101 ? -4.252  21.966  14.772  1.00 53.75 ? 101 GLU A CD    1 
ATOM   802  O  OE1   . GLU A 1 101 ? -4.224  21.928  13.525  1.00 55.55 ? 101 GLU A OE1   1 
ATOM   803  O  OE2   . GLU A 1 101 ? -3.557  22.763  15.430  1.00 55.41 ? 101 GLU A OE2   1 
ATOM   804  N  N     . ASP A 1 102 ? -5.839  19.302  13.498  1.00 35.57 ? 102 ASP A N     1 
ATOM   805  C  CA    . ASP A 1 102 ? -5.244  18.820  12.265  1.00 33.49 ? 102 ASP A CA    1 
ATOM   806  C  C     . ASP A 1 102 ? -5.485  17.325  12.139  1.00 31.06 ? 102 ASP A C     1 
ATOM   807  O  O     . ASP A 1 102 ? -4.903  16.532  12.879  1.00 28.33 ? 102 ASP A O     1 
ATOM   808  C  CB    . ASP A 1 102 ? -3.743  19.121  12.278  1.00 35.05 ? 102 ASP A CB    1 
ATOM   809  C  CG    . ASP A 1 102 ? -3.033  18.624  11.041  1.00 37.19 ? 102 ASP A CG    1 
ATOM   810  O  OD1   . ASP A 1 102 ? -3.709  18.103  10.125  1.00 38.33 ? 102 ASP A OD1   1 
ATOM   811  O  OD2   . ASP A 1 102 ? -1.792  18.760  10.986  1.00 38.71 ? 102 ASP A OD2   1 
ATOM   812  N  N     . ARG A 1 103 ? -6.364  16.952  11.212  1.00 28.29 ? 103 ARG A N     1 
ATOM   813  C  CA    . ARG A 1 103 ? -6.675  15.548  10.987  1.00 27.14 ? 103 ARG A CA    1 
ATOM   814  C  C     . ARG A 1 103 ? -5.983  15.049  9.718   1.00 26.77 ? 103 ARG A C     1 
ATOM   815  O  O     . ARG A 1 103 ? -6.259  13.945  9.232   1.00 25.93 ? 103 ARG A O     1 
ATOM   816  C  CB    . ARG A 1 103 ? -8.192  15.340  10.881  1.00 26.31 ? 103 ARG A CB    1 
ATOM   817  C  CG    . ARG A 1 103 ? -8.986  15.849  12.093  1.00 26.49 ? 103 ARG A CG    1 
ATOM   818  C  CD    . ARG A 1 103 ? -10.470 15.469  12.010  1.00 21.50 ? 103 ARG A CD    1 
ATOM   819  N  NE    . ARG A 1 103 ? -10.703 14.040  12.229  1.00 22.13 ? 103 ARG A NE    1 
ATOM   820  C  CZ    . ARG A 1 103 ? -10.805 13.465  13.426  1.00 22.25 ? 103 ARG A CZ    1 
ATOM   821  N  NH1   . ARG A 1 103 ? -10.700 14.190  14.534  1.00 20.59 ? 103 ARG A NH1   1 
ATOM   822  N  NH2   . ARG A 1 103 ? -11.008 12.157  13.520  1.00 20.68 ? 103 ARG A NH2   1 
ATOM   823  N  N     . ARG A 1 104 ? -5.064  15.864  9.201   1.00 25.32 ? 104 ARG A N     1 
ATOM   824  C  CA    . ARG A 1 104 ? -4.324  15.516  7.990   1.00 25.15 ? 104 ARG A CA    1 
ATOM   825  C  C     . ARG A 1 104 ? -3.514  14.234  8.162   1.00 22.83 ? 104 ARG A C     1 
ATOM   826  O  O     . ARG A 1 104 ? -3.045  13.919  9.255   1.00 20.49 ? 104 ARG A O     1 
ATOM   827  C  CB    . ARG A 1 104 ? -3.377  16.655  7.584   1.00 27.75 ? 104 ARG A CB    1 
ATOM   828  C  CG    . ARG A 1 104 ? -3.992  17.752  6.689   1.00 35.48 ? 104 ARG A CG    1 
ATOM   829  C  CD    . ARG A 1 104 ? -3.043  18.952  6.551   1.00 38.37 ? 104 ARG A CD    1 
ATOM   830  N  NE    . ARG A 1 104 ? -2.964  19.680  7.816   1.00 42.35 ? 104 ARG A NE    1 
ATOM   831  C  CZ    . ARG A 1 104 ? -3.783  20.670  8.165   1.00 43.76 ? 104 ARG A CZ    1 
ATOM   832  N  NH1   . ARG A 1 104 ? -4.743  21.069  7.336   1.00 42.69 ? 104 ARG A NH1   1 
ATOM   833  N  NH2   . ARG A 1 104 ? -3.662  21.245  9.357   1.00 44.62 ? 104 ARG A NH2   1 
ATOM   834  N  N     . ALA A 1 105 ? -3.330  13.514  7.063   1.00 20.01 ? 105 ALA A N     1 
ATOM   835  C  CA    . ALA A 1 105 ? -2.582  12.265  7.072   1.00 18.83 ? 105 ALA A CA    1 
ATOM   836  C  C     . ALA A 1 105 ? -2.367  11.851  5.631   1.00 17.65 ? 105 ALA A C     1 
ATOM   837  O  O     . ALA A 1 105 ? -2.992  12.392  4.718   1.00 17.05 ? 105 ALA A O     1 
ATOM   838  C  CB    . ALA A 1 105 ? -3.378  11.171  7.807   1.00 16.25 ? 105 ALA A CB    1 
ATOM   839  N  N     . TYR A 1 106 ? -1.479  10.892  5.424   1.00 17.52 ? 106 TYR A N     1 
ATOM   840  C  CA    . TYR A 1 106 ? -1.249  10.404  4.080   1.00 16.82 ? 106 TYR A CA    1 
ATOM   841  C  C     . TYR A 1 106 ? -0.985  8.916   4.095   1.00 17.05 ? 106 TYR A C     1 
ATOM   842  O  O     . TYR A 1 106 ? -0.485  8.362   5.082   1.00 16.34 ? 106 TYR A O     1 
ATOM   843  C  CB    . TYR A 1 106 ? -0.068  11.140  3.429   1.00 15.14 ? 106 TYR A CB    1 
ATOM   844  C  CG    . TYR A 1 106 ? 1.272   10.898  4.080   1.00 16.56 ? 106 TYR A CG    1 
ATOM   845  C  CD1   . TYR A 1 106 ? 2.068   9.819   3.708   1.00 15.05 ? 106 TYR A CD1   1 
ATOM   846  C  CD2   . TYR A 1 106 ? 1.749   11.761  5.071   1.00 18.06 ? 106 TYR A CD2   1 
ATOM   847  C  CE1   . TYR A 1 106 ? 3.307   9.606   4.307   1.00 16.00 ? 106 TYR A CE1   1 
ATOM   848  C  CE2   . TYR A 1 106 ? 2.984   11.557  5.673   1.00 15.07 ? 106 TYR A CE2   1 
ATOM   849  C  CZ    . TYR A 1 106 ? 3.755   10.478  5.287   1.00 17.24 ? 106 TYR A CZ    1 
ATOM   850  O  OH    . TYR A 1 106 ? 4.976   10.278  5.877   1.00 19.04 ? 106 TYR A OH    1 
ATOM   851  N  N     . PHE A 1 107 ? -1.365  8.273   2.999   1.00 15.21 ? 107 PHE A N     1 
ATOM   852  C  CA    . PHE A 1 107 ? -1.123  6.856   2.804   1.00 15.73 ? 107 PHE A CA    1 
ATOM   853  C  C     . PHE A 1 107 ? 0.075   6.834   1.872   1.00 15.81 ? 107 PHE A C     1 
ATOM   854  O  O     . PHE A 1 107 ? 0.171   7.658   0.963   1.00 15.06 ? 107 PHE A O     1 
ATOM   855  C  CB    . PHE A 1 107 ? -2.299  6.187   2.095   1.00 16.54 ? 107 PHE A CB    1 
ATOM   856  C  CG    . PHE A 1 107 ? -3.244  5.468   3.010   1.00 18.20 ? 107 PHE A CG    1 
ATOM   857  C  CD1   . PHE A 1 107 ? -2.800  4.404   3.791   1.00 17.65 ? 107 PHE A CD1   1 
ATOM   858  C  CD2   . PHE A 1 107 ? -4.590  5.818   3.049   1.00 19.65 ? 107 PHE A CD2   1 
ATOM   859  C  CE1   . PHE A 1 107 ? -3.681  3.698   4.591   1.00 18.87 ? 107 PHE A CE1   1 
ATOM   860  C  CE2   . PHE A 1 107 ? -5.487  5.111   3.853   1.00 19.26 ? 107 PHE A CE2   1 
ATOM   861  C  CZ    . PHE A 1 107 ? -5.029  4.050   4.624   1.00 19.79 ? 107 PHE A CZ    1 
ATOM   862  N  N     . LYS A 1 108 ? 0.991   5.903   2.096   1.00 15.82 ? 108 LYS A N     1 
ATOM   863  C  CA    . LYS A 1 108 ? 2.151   5.786   1.238   1.00 15.85 ? 108 LYS A CA    1 
ATOM   864  C  C     . LYS A 1 108 ? 2.376   4.315   0.922   1.00 17.44 ? 108 LYS A C     1 
ATOM   865  O  O     . LYS A 1 108 ? 2.247   3.457   1.791   1.00 18.66 ? 108 LYS A O     1 
ATOM   866  C  CB    . LYS A 1 108 ? 3.397   6.357   1.910   1.00 15.91 ? 108 LYS A CB    1 
ATOM   867  C  CG    . LYS A 1 108 ? 4.664   6.106   1.097   1.00 18.40 ? 108 LYS A CG    1 
ATOM   868  C  CD    . LYS A 1 108 ? 5.859   6.881   1.622   1.00 18.35 ? 108 LYS A CD    1 
ATOM   869  C  CE    . LYS A 1 108 ? 7.055   6.699   0.701   1.00 21.22 ? 108 LYS A CE    1 
ATOM   870  N  NZ    . LYS A 1 108 ? 8.231   7.515   1.115   1.00 21.52 ? 108 LYS A NZ    1 
ATOM   871  N  N     . SER A 1 109 ? 2.711   4.040   -0.330  1.00 17.58 ? 109 SER A N     1 
ATOM   872  C  CA    . SER A 1 109 ? 2.972   2.689   -0.783  1.00 18.40 ? 109 SER A CA    1 
ATOM   873  C  C     . SER A 1 109 ? 4.337   2.622   -1.443  1.00 18.51 ? 109 SER A C     1 
ATOM   874  O  O     . SER A 1 109 ? 4.705   3.502   -2.224  1.00 18.47 ? 109 SER A O     1 
ATOM   875  C  CB    . SER A 1 109 ? 1.910   2.265   -1.796  1.00 20.64 ? 109 SER A CB    1 
ATOM   876  O  OG    . SER A 1 109 ? 2.343   1.137   -2.529  1.00 21.57 ? 109 SER A OG    1 
ATOM   877  N  N     . VAL A 1 110 ? 5.098   1.590   -1.108  1.00 18.66 ? 110 VAL A N     1 
ATOM   878  C  CA    . VAL A 1 110 ? 6.401   1.381   -1.727  1.00 17.54 ? 110 VAL A CA    1 
ATOM   879  C  C     . VAL A 1 110 ? 6.407   -0.027  -2.317  1.00 17.20 ? 110 VAL A C     1 
ATOM   880  O  O     . VAL A 1 110 ? 6.297   -1.022  -1.597  1.00 16.15 ? 110 VAL A O     1 
ATOM   881  C  CB    . VAL A 1 110 ? 7.567   1.485   -0.727  1.00 17.40 ? 110 VAL A CB    1 
ATOM   882  C  CG1   . VAL A 1 110 ? 8.883   1.188   -1.450  1.00 16.99 ? 110 VAL A CG1   1 
ATOM   883  C  CG2   . VAL A 1 110 ? 7.607   2.885   -0.110  1.00 19.17 ? 110 VAL A CG2   1 
ATOM   884  N  N     . ILE A 1 111 ? 6.513   -0.101  -3.637  1.00 16.58 ? 111 ILE A N     1 
ATOM   885  C  CA    . ILE A 1 111 ? 6.552   -1.376  -4.326  1.00 17.81 ? 111 ILE A CA    1 
ATOM   886  C  C     . ILE A 1 111 ? 7.999   -1.750  -4.624  1.00 18.26 ? 111 ILE A C     1 
ATOM   887  O  O     . ILE A 1 111 ? 8.782   -0.930  -5.107  1.00 20.89 ? 111 ILE A O     1 
ATOM   888  C  CB    . ILE A 1 111 ? 5.771   -1.319  -5.657  1.00 17.18 ? 111 ILE A CB    1 
ATOM   889  C  CG1   . ILE A 1 111 ? 4.273   -1.195  -5.380  1.00 17.61 ? 111 ILE A CG1   1 
ATOM   890  C  CG2   . ILE A 1 111 ? 6.051   -2.569  -6.486  1.00 17.94 ? 111 ILE A CG2   1 
ATOM   891  C  CD1   . ILE A 1 111 ? 3.429   -1.008  -6.649  1.00 19.65 ? 111 ILE A CD1   1 
ATOM   892  N  N     . GLY A 1 112 ? 8.351   -2.991  -4.316  1.00 18.33 ? 112 GLY A N     1 
ATOM   893  C  CA    . GLY A 1 112 ? 9.689   -3.474  -4.588  1.00 19.55 ? 112 GLY A CA    1 
ATOM   894  C  C     . GLY A 1 112 ? 9.601   -4.485  -5.714  1.00 19.25 ? 112 GLY A C     1 
ATOM   895  O  O     . GLY A 1 112 ? 8.766   -5.384  -5.674  1.00 17.35 ? 112 GLY A O     1 
ATOM   896  N  N     . PHE A 1 113 ? 10.457  -4.336  -6.719  1.00 21.67 ? 113 PHE A N     1 
ATOM   897  C  CA    . PHE A 1 113 ? 10.459  -5.233  -7.873  1.00 21.80 ? 113 PHE A CA    1 
ATOM   898  C  C     . PHE A 1 113 ? 11.851  -5.804  -8.133  1.00 22.42 ? 113 PHE A C     1 
ATOM   899  O  O     . PHE A 1 113 ? 12.844  -5.074  -8.172  1.00 23.08 ? 113 PHE A O     1 
ATOM   900  C  CB    . PHE A 1 113 ? 9.979   -4.481  -9.114  1.00 22.04 ? 113 PHE A CB    1 
ATOM   901  C  CG    . PHE A 1 113 ? 9.872   -5.343  -10.342 1.00 24.62 ? 113 PHE A CG    1 
ATOM   902  C  CD1   . PHE A 1 113 ? 8.985   -6.416  -10.381 1.00 23.10 ? 113 PHE A CD1   1 
ATOM   903  C  CD2   . PHE A 1 113 ? 10.644  -5.068  -11.466 1.00 24.42 ? 113 PHE A CD2   1 
ATOM   904  C  CE1   . PHE A 1 113 ? 8.864   -7.202  -11.524 1.00 25.56 ? 113 PHE A CE1   1 
ATOM   905  C  CE2   . PHE A 1 113 ? 10.532  -5.851  -12.620 1.00 25.99 ? 113 PHE A CE2   1 
ATOM   906  C  CZ    . PHE A 1 113 ? 9.640   -6.919  -12.648 1.00 23.64 ? 113 PHE A CZ    1 
ATOM   907  N  N     . TYR A 1 114 ? 11.913  -7.114  -8.328  1.00 22.39 ? 114 TYR A N     1 
ATOM   908  C  CA    . TYR A 1 114 ? 13.177  -7.785  -8.566  1.00 22.83 ? 114 TYR A CA    1 
ATOM   909  C  C     . TYR A 1 114 ? 13.180  -8.552  -9.879  1.00 23.23 ? 114 TYR A C     1 
ATOM   910  O  O     . TYR A 1 114 ? 12.262  -9.327  -10.163 1.00 23.05 ? 114 TYR A O     1 
ATOM   911  C  CB    . TYR A 1 114 ? 13.466  -8.759  -7.420  1.00 23.76 ? 114 TYR A CB    1 
ATOM   912  C  CG    . TYR A 1 114 ? 14.780  -9.496  -7.538  1.00 26.54 ? 114 TYR A CG    1 
ATOM   913  C  CD1   . TYR A 1 114 ? 15.951  -8.972  -6.986  1.00 25.78 ? 114 TYR A CD1   1 
ATOM   914  C  CD2   . TYR A 1 114 ? 14.859  -10.718 -8.213  1.00 27.67 ? 114 TYR A CD2   1 
ATOM   915  C  CE1   . TYR A 1 114 ? 17.164  -9.644  -7.101  1.00 28.09 ? 114 TYR A CE1   1 
ATOM   916  C  CE2   . TYR A 1 114 ? 16.071  -11.399 -8.337  1.00 26.54 ? 114 TYR A CE2   1 
ATOM   917  C  CZ    . TYR A 1 114 ? 17.215  -10.856 -7.777  1.00 27.38 ? 114 TYR A CZ    1 
ATOM   918  O  OH    . TYR A 1 114 ? 18.412  -11.520 -7.896  1.00 28.63 ? 114 TYR A OH    1 
ATOM   919  N  N     . ILE A 1 115 ? 14.218  -8.340  -10.677 1.00 22.47 ? 115 ILE A N     1 
ATOM   920  C  CA    . ILE A 1 115 ? 14.351  -9.057  -11.938 1.00 23.19 ? 115 ILE A CA    1 
ATOM   921  C  C     . ILE A 1 115 ? 15.806  -9.050  -12.392 1.00 22.52 ? 115 ILE A C     1 
ATOM   922  O  O     . ILE A 1 115 ? 16.497  -8.040  -12.276 1.00 21.60 ? 115 ILE A O     1 
ATOM   923  C  CB    . ILE A 1 115 ? 13.457  -8.448  -13.047 1.00 22.14 ? 115 ILE A CB    1 
ATOM   924  C  CG1   . ILE A 1 115 ? 13.523  -9.324  -14.304 1.00 24.08 ? 115 ILE A CG1   1 
ATOM   925  C  CG2   . ILE A 1 115 ? 13.907  -7.039  -13.362 1.00 20.72 ? 115 ILE A CG2   1 
ATOM   926  C  CD1   . ILE A 1 115 ? 12.573  -8.901  -15.424 1.00 23.59 ? 115 ILE A CD1   1 
ATOM   927  N  N     . ASP A 1 116 ? 16.271  -10.192 -12.886 1.00 23.78 ? 116 ASP A N     1 
ATOM   928  C  CA    . ASP A 1 116 ? 17.638  -10.322 -13.369 1.00 24.32 ? 116 ASP A CA    1 
ATOM   929  C  C     . ASP A 1 116 ? 18.667  -9.784  -12.378 1.00 26.71 ? 116 ASP A C     1 
ATOM   930  O  O     . ASP A 1 116 ? 19.539  -8.994  -12.741 1.00 26.52 ? 116 ASP A O     1 
ATOM   931  C  CB    . ASP A 1 116 ? 17.785  -9.607  -14.716 1.00 23.68 ? 116 ASP A CB    1 
ATOM   932  C  CG    . ASP A 1 116 ? 16.818  -10.135 -15.756 1.00 24.44 ? 116 ASP A CG    1 
ATOM   933  O  OD1   . ASP A 1 116 ? 16.505  -11.345 -15.704 1.00 23.81 ? 116 ASP A OD1   1 
ATOM   934  O  OD2   . ASP A 1 116 ? 16.379  -9.350  -16.625 1.00 25.92 ? 116 ASP A OD2   1 
ATOM   935  N  N     . GLY A 1 117 ? 18.542  -10.206 -11.121 1.00 27.34 ? 117 GLY A N     1 
ATOM   936  C  CA    . GLY A 1 117 ? 19.477  -9.797  -10.088 1.00 27.70 ? 117 GLY A CA    1 
ATOM   937  C  C     . GLY A 1 117 ? 19.499  -8.341  -9.666  1.00 29.85 ? 117 GLY A C     1 
ATOM   938  O  O     . GLY A 1 117 ? 20.473  -7.901  -9.059  1.00 32.08 ? 117 GLY A O     1 
ATOM   939  N  N     . LYS A 1 118 ? 18.442  -7.591  -9.957  1.00 29.37 ? 118 LYS A N     1 
ATOM   940  C  CA    . LYS A 1 118 ? 18.408  -6.180  -9.584  1.00 30.13 ? 118 LYS A CA    1 
ATOM   941  C  C     . LYS A 1 118 ? 17.067  -5.788  -8.967  1.00 29.29 ? 118 LYS A C     1 
ATOM   942  O  O     . LYS A 1 118 ? 16.008  -6.179  -9.461  1.00 27.21 ? 118 LYS A O     1 
ATOM   943  C  CB    . LYS A 1 118 ? 18.675  -5.310  -10.816 1.00 33.47 ? 118 LYS A CB    1 
ATOM   944  C  CG    . LYS A 1 118 ? 19.036  -3.871  -10.495 1.00 36.87 ? 118 LYS A CG    1 
ATOM   945  C  CD    . LYS A 1 118 ? 20.494  -3.587  -10.848 1.00 40.89 ? 118 LYS A CD    1 
ATOM   946  C  CE    . LYS A 1 118 ? 21.434  -4.573  -10.167 1.00 44.29 ? 118 LYS A CE    1 
ATOM   947  N  NZ    . LYS A 1 118 ? 22.853  -4.370  -10.570 1.00 47.12 ? 118 LYS A NZ    1 
ATOM   948  N  N     . ALA A 1 119 ? 17.119  -5.007  -7.894  1.00 28.82 ? 119 ALA A N     1 
ATOM   949  C  CA    . ALA A 1 119 ? 15.911  -4.561  -7.200  1.00 28.72 ? 119 ALA A CA    1 
ATOM   950  C  C     . ALA A 1 119 ? 15.550  -3.126  -7.568  1.00 28.68 ? 119 ALA A C     1 
ATOM   951  O  O     . ALA A 1 119 ? 16.426  -2.279  -7.717  1.00 30.41 ? 119 ALA A O     1 
ATOM   952  C  CB    . ALA A 1 119 ? 16.110  -4.674  -5.688  1.00 27.09 ? 119 ALA A CB    1 
ATOM   953  N  N     . TYR A 1 120 ? 14.251  -2.864  -7.703  1.00 28.04 ? 120 TYR A N     1 
ATOM   954  C  CA    . TYR A 1 120 ? 13.742  -1.542  -8.055  1.00 27.61 ? 120 TYR A CA    1 
ATOM   955  C  C     . TYR A 1 120 ? 12.581  -1.135  -7.142  1.00 26.97 ? 120 TYR A C     1 
ATOM   956  O  O     . TYR A 1 120 ? 11.728  -1.957  -6.802  1.00 26.71 ? 120 TYR A O     1 
ATOM   957  C  CB    . TYR A 1 120 ? 13.252  -1.546  -9.499  1.00 27.65 ? 120 TYR A CB    1 
ATOM   958  C  CG    . TYR A 1 120 ? 14.311  -1.923  -10.503 1.00 29.07 ? 120 TYR A CG    1 
ATOM   959  C  CD1   . TYR A 1 120 ? 15.155  -0.960  -11.048 1.00 29.50 ? 120 TYR A CD1   1 
ATOM   960  C  CD2   . TYR A 1 120 ? 14.468  -3.245  -10.911 1.00 29.54 ? 120 TYR A CD2   1 
ATOM   961  C  CE1   . TYR A 1 120 ? 16.133  -1.303  -11.980 1.00 30.65 ? 120 TYR A CE1   1 
ATOM   962  C  CE2   . TYR A 1 120 ? 15.442  -3.603  -11.840 1.00 31.37 ? 120 TYR A CE2   1 
ATOM   963  C  CZ    . TYR A 1 120 ? 16.268  -2.628  -12.372 1.00 31.22 ? 120 TYR A CZ    1 
ATOM   964  O  OH    . TYR A 1 120 ? 17.214  -2.983  -13.305 1.00 31.19 ? 120 TYR A OH    1 
ATOM   965  N  N     . LYS A 1 121 ? 12.546  0.135   -6.755  1.00 25.60 ? 121 LYS A N     1 
ATOM   966  C  CA    . LYS A 1 121 ? 11.482  0.627   -5.888  1.00 25.06 ? 121 LYS A CA    1 
ATOM   967  C  C     . LYS A 1 121 ? 10.669  1.739   -6.537  1.00 24.70 ? 121 LYS A C     1 
ATOM   968  O  O     . LYS A 1 121 ? 11.215  2.616   -7.205  1.00 21.84 ? 121 LYS A O     1 
ATOM   969  C  CB    . LYS A 1 121 ? 12.059  1.123   -4.558  1.00 24.64 ? 121 LYS A CB    1 
ATOM   970  C  CG    . LYS A 1 121 ? 12.602  0.016   -3.661  1.00 24.11 ? 121 LYS A CG    1 
ATOM   971  C  CD    . LYS A 1 121 ? 12.964  0.547   -2.277  1.00 25.18 ? 121 LYS A CD    1 
ATOM   972  C  CE    . LYS A 1 121 ? 14.102  1.562   -2.352  1.00 24.81 ? 121 LYS A CE    1 
ATOM   973  N  NZ    . LYS A 1 121 ? 15.355  0.949   -2.890  1.00 24.66 ? 121 LYS A NZ    1 
ATOM   974  N  N     . PHE A 1 122 ? 9.358   1.685   -6.325  1.00 24.00 ? 122 PHE A N     1 
ATOM   975  C  CA    . PHE A 1 122 ? 8.425   2.668   -6.860  1.00 24.20 ? 122 PHE A CA    1 
ATOM   976  C  C     . PHE A 1 122 ? 7.505   3.074   -5.721  1.00 24.96 ? 122 PHE A C     1 
ATOM   977  O  O     . PHE A 1 122 ? 6.911   2.220   -5.072  1.00 25.09 ? 122 PHE A O     1 
ATOM   978  C  CB    . PHE A 1 122 ? 7.626   2.035   -7.995  1.00 25.54 ? 122 PHE A CB    1 
ATOM   979  C  CG    . PHE A 1 122 ? 8.493   1.441   -9.064  1.00 26.65 ? 122 PHE A CG    1 
ATOM   980  C  CD1   . PHE A 1 122 ? 9.048   2.247   -10.054 1.00 25.28 ? 122 PHE A CD1   1 
ATOM   981  C  CD2   . PHE A 1 122 ? 8.819   0.088   -9.040  1.00 25.23 ? 122 PHE A CD2   1 
ATOM   982  C  CE1   . PHE A 1 122 ? 9.919   1.717   -11.007 1.00 24.65 ? 122 PHE A CE1   1 
ATOM   983  C  CE2   . PHE A 1 122 ? 9.689   -0.449  -9.988  1.00 25.16 ? 122 PHE A CE2   1 
ATOM   984  C  CZ    . PHE A 1 122 ? 10.238  0.368   -10.972 1.00 24.59 ? 122 PHE A CZ    1 
ATOM   985  N  N     . SER A 1 123 ? 7.392   4.374   -5.472  1.00 25.35 ? 123 SER A N     1 
ATOM   986  C  CA    . SER A 1 123 ? 6.552   4.859   -4.385  1.00 25.90 ? 123 SER A CA    1 
ATOM   987  C  C     . SER A 1 123 ? 5.421   5.777   -4.831  1.00 25.13 ? 123 SER A C     1 
ATOM   988  O  O     . SER A 1 123 ? 5.453   6.361   -5.918  1.00 25.73 ? 123 SER A O     1 
ATOM   989  C  CB    . SER A 1 123 ? 7.410   5.594   -3.358  1.00 25.06 ? 123 SER A CB    1 
ATOM   990  O  OG    . SER A 1 123 ? 8.024   6.715   -3.955  1.00 26.00 ? 123 SER A OG    1 
ATOM   991  N  N     . GLY A 1 124 ? 4.418   5.890   -3.971  1.00 23.34 ? 124 GLY A N     1 
ATOM   992  C  CA    . GLY A 1 124 ? 3.279   6.740   -4.248  1.00 22.81 ? 124 GLY A CA    1 
ATOM   993  C  C     . GLY A 1 124 ? 2.703   7.259   -2.943  1.00 22.27 ? 124 GLY A C     1 
ATOM   994  O  O     . GLY A 1 124 ? 2.643   6.527   -1.952  1.00 19.67 ? 124 GLY A O     1 
ATOM   995  N  N     . VAL A 1 125 ? 2.282   8.521   -2.938  1.00 20.80 ? 125 VAL A N     1 
ATOM   996  C  CA    . VAL A 1 125 ? 1.707   9.137   -1.746  1.00 21.76 ? 125 VAL A CA    1 
ATOM   997  C  C     . VAL A 1 125 ? 0.391   9.861   -2.034  1.00 21.97 ? 125 VAL A C     1 
ATOM   998  O  O     . VAL A 1 125 ? 0.259   10.561  -3.038  1.00 22.83 ? 125 VAL A O     1 
ATOM   999  C  CB    . VAL A 1 125 ? 2.676   10.175  -1.126  1.00 21.71 ? 125 VAL A CB    1 
ATOM   1000 C  CG1   . VAL A 1 125 ? 1.975   10.937  -0.003  1.00 19.29 ? 125 VAL A CG1   1 
ATOM   1001 C  CG2   . VAL A 1 125 ? 3.925   9.480   -0.604  1.00 20.59 ? 125 VAL A CG2   1 
ATOM   1002 N  N     . THR A 1 126 ? -0.582  9.684   -1.153  1.00 19.68 ? 126 THR A N     1 
ATOM   1003 C  CA    . THR A 1 126 ? -1.852  10.370  -1.299  1.00 20.16 ? 126 THR A CA    1 
ATOM   1004 C  C     . THR A 1 126 ? -2.231  10.995  0.028   1.00 21.22 ? 126 THR A C     1 
ATOM   1005 O  O     . THR A 1 126 ? -2.367  10.303  1.036   1.00 21.94 ? 126 THR A O     1 
ATOM   1006 C  CB    . THR A 1 126 ? -2.965  9.428   -1.751  1.00 20.25 ? 126 THR A CB    1 
ATOM   1007 O  OG1   . THR A 1 126 ? -2.680  8.981   -3.081  1.00 22.14 ? 126 THR A OG1   1 
ATOM   1008 C  CG2   . THR A 1 126 ? -4.311  10.152  -1.738  1.00 18.01 ? 126 THR A CG2   1 
ATOM   1009 N  N     . TRP A 1 127 ? -2.367  12.315  0.030   1.00 19.52 ? 127 TRP A N     1 
ATOM   1010 C  CA    . TRP A 1 127 ? -2.737  13.025  1.240   1.00 19.92 ? 127 TRP A CA    1 
ATOM   1011 C  C     . TRP A 1 127 ? -4.246  13.035  1.402   1.00 21.26 ? 127 TRP A C     1 
ATOM   1012 O  O     . TRP A 1 127 ? -4.997  12.868  0.431   1.00 20.10 ? 127 TRP A O     1 
ATOM   1013 C  CB    . TRP A 1 127 ? -2.227  14.472  1.208   1.00 19.98 ? 127 TRP A CB    1 
ATOM   1014 C  CG    . TRP A 1 127 ? -0.753  14.605  1.407   1.00 20.41 ? 127 TRP A CG    1 
ATOM   1015 C  CD1   . TRP A 1 127 ? 0.217   14.528  0.450   1.00 21.72 ? 127 TRP A CD1   1 
ATOM   1016 C  CD2   . TRP A 1 127 ? -0.076  14.831  2.649   1.00 21.66 ? 127 TRP A CD2   1 
ATOM   1017 N  NE1   . TRP A 1 127 ? 1.459   14.694  1.018   1.00 21.48 ? 127 TRP A NE1   1 
ATOM   1018 C  CE2   . TRP A 1 127 ? 1.308   14.883  2.367   1.00 22.46 ? 127 TRP A CE2   1 
ATOM   1019 C  CE3   . TRP A 1 127 ? -0.505  14.995  3.973   1.00 22.02 ? 127 TRP A CE3   1 
ATOM   1020 C  CZ2   . TRP A 1 127 ? 2.268   15.093  3.365   1.00 22.47 ? 127 TRP A CZ2   1 
ATOM   1021 C  CZ3   . TRP A 1 127 ? 0.448   15.203  4.963   1.00 22.14 ? 127 TRP A CZ3   1 
ATOM   1022 C  CH2   . TRP A 1 127 ? 1.819   15.250  4.652   1.00 20.43 ? 127 TRP A CH2   1 
ATOM   1023 N  N     . GLY A 1 128 ? -4.683  13.242  2.641   1.00 19.59 ? 128 GLY A N     1 
ATOM   1024 C  CA    . GLY A 1 128 ? -6.099  13.280  2.929   1.00 20.92 ? 128 GLY A CA    1 
ATOM   1025 C  C     . GLY A 1 128 ? -6.307  13.649  4.379   1.00 20.73 ? 128 GLY A C     1 
ATOM   1026 O  O     . GLY A 1 128 ? -5.493  14.355  4.967   1.00 21.38 ? 128 GLY A O     1 
ATOM   1027 N  N     . ARG A 1 129 ? -7.385  13.152  4.965   1.00 20.85 ? 129 ARG A N     1 
ATOM   1028 C  CA    . ARG A 1 129 ? -7.690  13.452  6.357   1.00 21.57 ? 129 ARG A CA    1 
ATOM   1029 C  C     . ARG A 1 129 ? -8.437  12.295  6.973   1.00 21.16 ? 129 ARG A C     1 
ATOM   1030 O  O     . ARG A 1 129 ? -9.100  11.532  6.267   1.00 19.53 ? 129 ARG A O     1 
ATOM   1031 C  CB    . ARG A 1 129 ? -8.557  14.713  6.454   1.00 22.81 ? 129 ARG A CB    1 
ATOM   1032 C  CG    . ARG A 1 129 ? -9.912  14.596  5.756   1.00 23.89 ? 129 ARG A CG    1 
ATOM   1033 C  CD    . ARG A 1 129 ? -10.618 15.950  5.710   1.00 25.55 ? 129 ARG A CD    1 
ATOM   1034 N  NE    . ARG A 1 129 ? -11.777 15.942  4.823   1.00 26.17 ? 129 ARG A NE    1 
ATOM   1035 C  CZ    . ARG A 1 129 ? -12.994 15.520  5.158   1.00 28.58 ? 129 ARG A CZ    1 
ATOM   1036 N  NH1   . ARG A 1 129 ? -13.240 15.065  6.382   1.00 27.24 ? 129 ARG A NH1   1 
ATOM   1037 N  NH2   . ARG A 1 129 ? -13.967 15.548  4.255   1.00 29.08 ? 129 ARG A NH2   1 
ATOM   1038 N  N     . ILE A 1 130 ? -8.316  12.165  8.289   1.00 19.45 ? 130 ILE A N     1 
ATOM   1039 C  CA    . ILE A 1 130 ? -9.011  11.112  9.007   1.00 19.52 ? 130 ILE A CA    1 
ATOM   1040 C  C     . ILE A 1 130 ? -10.421 11.618  9.288   1.00 21.10 ? 130 ILE A C     1 
ATOM   1041 O  O     . ILE A 1 130 ? -10.612 12.722  9.810   1.00 21.79 ? 130 ILE A O     1 
ATOM   1042 C  CB    . ILE A 1 130 ? -8.322  10.778  10.353  1.00 18.89 ? 130 ILE A CB    1 
ATOM   1043 C  CG1   . ILE A 1 130 ? -6.835  10.453  10.125  1.00 16.96 ? 130 ILE A CG1   1 
ATOM   1044 C  CG2   . ILE A 1 130 ? -9.039  9.613   11.016  1.00 15.77 ? 130 ILE A CG2   1 
ATOM   1045 C  CD1   . ILE A 1 130 ? -6.581  9.359   9.090   1.00 19.01 ? 130 ILE A CD1   1 
ATOM   1046 N  N     . SER A 1 131 ? -11.413 10.821  8.925   1.00 20.06 ? 131 SER A N     1 
ATOM   1047 C  CA    . SER A 1 131 ? -12.788 11.219  9.149   1.00 23.41 ? 131 SER A CA    1 
ATOM   1048 C  C     . SER A 1 131 ? -13.090 11.108  10.636  1.00 25.07 ? 131 SER A C     1 
ATOM   1049 O  O     . SER A 1 131 ? -12.253 10.638  11.413  1.00 23.83 ? 131 SER A O     1 
ATOM   1050 C  CB    . SER A 1 131 ? -13.727 10.307  8.355   1.00 22.50 ? 131 SER A CB    1 
ATOM   1051 O  OG    . SER A 1 131 ? -13.514 8.956   8.715   1.00 22.34 ? 131 SER A OG    1 
ATOM   1052 N  N     . ASN A 1 132 ? -14.277 11.558  11.030  1.00 26.48 ? 132 ASN A N     1 
ATOM   1053 C  CA    . ASN A 1 132 ? -14.699 11.473  12.423  1.00 29.56 ? 132 ASN A CA    1 
ATOM   1054 C  C     . ASN A 1 132 ? -15.551 10.214  12.565  1.00 31.58 ? 132 ASN A C     1 
ATOM   1055 O  O     . ASN A 1 132 ? -15.706 9.682   13.663  1.00 32.72 ? 132 ASN A O     1 
ATOM   1056 C  CB    . ASN A 1 132 ? -15.500 12.718  12.817  1.00 28.51 ? 132 ASN A CB    1 
ATOM   1057 C  CG    . ASN A 1 132 ? -14.615 13.943  13.003  1.00 29.29 ? 132 ASN A CG    1 
ATOM   1058 O  OD1   . ASN A 1 132 ? -13.993 14.121  14.051  1.00 29.58 ? 132 ASN A OD1   1 
ATOM   1059 N  ND2   . ASN A 1 132 ? -14.539 14.780  11.977  1.00 28.56 ? 132 ASN A ND2   1 
ATOM   1060 N  N     . GLU A 1 133 ? -16.083 9.749   11.434  1.00 33.78 ? 133 GLU A N     1 
ATOM   1061 C  CA    . GLU A 1 133 ? -16.913 8.544   11.362  1.00 36.81 ? 133 GLU A CA    1 
ATOM   1062 C  C     . GLU A 1 133 ? -16.382 7.621   10.276  1.00 36.14 ? 133 GLU A C     1 
ATOM   1063 O  O     . GLU A 1 133 ? -15.864 8.080   9.259   1.00 35.02 ? 133 GLU A O     1 
ATOM   1064 C  CB    . GLU A 1 133 ? -18.365 8.879   10.991  1.00 39.43 ? 133 GLU A CB    1 
ATOM   1065 C  CG    . GLU A 1 133 ? -19.247 9.354   12.124  1.00 44.74 ? 133 GLU A CG    1 
ATOM   1066 C  CD    . GLU A 1 133 ? -18.828 10.702  12.653  1.00 49.04 ? 133 GLU A CD    1 
ATOM   1067 O  OE1   . GLU A 1 133 ? -18.473 11.576  11.828  1.00 50.70 ? 133 GLU A OE1   1 
ATOM   1068 O  OE2   . GLU A 1 133 ? -18.864 10.889  13.888  1.00 51.79 ? 133 GLU A OE2   1 
ATOM   1069 N  N     . LYS A 1 134 ? -16.518 6.319   10.482  1.00 35.57 ? 134 LYS A N     1 
ATOM   1070 C  CA    . LYS A 1 134 ? -16.079 5.385   9.467   1.00 36.82 ? 134 LYS A CA    1 
ATOM   1071 C  C     . LYS A 1 134 ? -17.257 5.190   8.531   1.00 36.28 ? 134 LYS A C     1 
ATOM   1072 O  O     . LYS A 1 134 ? -18.402 5.112   8.976   1.00 37.24 ? 134 LYS A O     1 
ATOM   1073 C  CB    . LYS A 1 134 ? -15.645 4.055   10.093  1.00 38.16 ? 134 LYS A CB    1 
ATOM   1074 C  CG    . LYS A 1 134 ? -16.591 3.493   11.125  1.00 42.53 ? 134 LYS A CG    1 
ATOM   1075 C  CD    . LYS A 1 134 ? -16.028 2.217   11.738  1.00 44.84 ? 134 LYS A CD    1 
ATOM   1076 C  CE    . LYS A 1 134 ? -16.931 1.701   12.844  1.00 46.90 ? 134 LYS A CE    1 
ATOM   1077 N  NZ    . LYS A 1 134 ? -18.324 1.470   12.359  1.00 49.48 ? 134 LYS A NZ    1 
ATOM   1078 N  N     . ARG A 1 135 ? -16.979 5.146   7.231   1.00 34.78 ? 135 ARG A N     1 
ATOM   1079 C  CA    . ARG A 1 135 ? -18.024 4.962   6.234   1.00 35.42 ? 135 ARG A CA    1 
ATOM   1080 C  C     . ARG A 1 135 ? -17.510 4.185   5.036   1.00 35.43 ? 135 ARG A C     1 
ATOM   1081 O  O     . ARG A 1 135 ? -16.377 4.382   4.593   1.00 35.86 ? 135 ARG A O     1 
ATOM   1082 C  CB    . ARG A 1 135 ? -18.575 6.317   5.770   1.00 35.90 ? 135 ARG A CB    1 
ATOM   1083 C  CG    . ARG A 1 135 ? -17.886 7.525   6.376   1.00 35.29 ? 135 ARG A CG    1 
ATOM   1084 C  CD    . ARG A 1 135 ? -18.848 8.700   6.507   1.00 34.48 ? 135 ARG A CD    1 
ATOM   1085 N  NE    . ARG A 1 135 ? -19.998 8.352   7.331   1.00 32.29 ? 135 ARG A NE    1 
ATOM   1086 C  CZ    . ARG A 1 135 ? -20.744 9.225   8.003   1.00 32.26 ? 135 ARG A CZ    1 
ATOM   1087 N  NH1   . ARG A 1 135 ? -20.481 10.526  7.959   1.00 32.74 ? 135 ARG A NH1   1 
ATOM   1088 N  NH2   . ARG A 1 135 ? -21.744 8.789   8.748   1.00 29.24 ? 135 ARG A NH2   1 
ATOM   1089 N  N     . GLY A 1 136 ? -18.349 3.297   4.517   1.00 34.72 ? 136 GLY A N     1 
ATOM   1090 C  CA    . GLY A 1 136 ? -17.954 2.503   3.369   1.00 37.45 ? 136 GLY A CA    1 
ATOM   1091 C  C     . GLY A 1 136 ? -17.774 1.039   3.716   1.00 37.22 ? 136 GLY A C     1 
ATOM   1092 O  O     . GLY A 1 136 ? -17.462 0.692   4.856   1.00 35.89 ? 136 GLY A O     1 
ATOM   1093 N  N     . THR A 1 137 ? -17.969 0.182   2.721   1.00 39.30 ? 137 THR A N     1 
ATOM   1094 C  CA    . THR A 1 137 ? -17.836 -1.258  2.908   1.00 41.60 ? 137 THR A CA    1 
ATOM   1095 C  C     . THR A 1 137 ? -16.759 -1.848  2.007   1.00 40.62 ? 137 THR A C     1 
ATOM   1096 O  O     . THR A 1 137 ? -16.423 -3.026  2.120   1.00 42.56 ? 137 THR A O     1 
ATOM   1097 C  CB    . THR A 1 137 ? -19.166 -1.970  2.605   1.00 42.65 ? 137 THR A CB    1 
ATOM   1098 O  OG1   . THR A 1 137 ? -19.587 -1.649  1.271   1.00 44.43 ? 137 THR A OG1   1 
ATOM   1099 C  CG2   . THR A 1 137 ? -20.242 -1.529  3.591   1.00 44.68 ? 137 THR A CG2   1 
ATOM   1100 N  N     . HIS A 1 138 ? -16.219 -1.022  1.117   1.00 39.45 ? 138 HIS A N     1 
ATOM   1101 C  CA    . HIS A 1 138 ? -15.187 -1.457  0.182   1.00 38.19 ? 138 HIS A CA    1 
ATOM   1102 C  C     . HIS A 1 138 ? -13.787 -1.414  0.790   1.00 36.61 ? 138 HIS A C     1 
ATOM   1103 O  O     . HIS A 1 138 ? -13.605 -1.025  1.946   1.00 33.53 ? 138 HIS A O     1 
ATOM   1104 C  CB    . HIS A 1 138 ? -15.222 -0.573  -1.068  1.00 38.59 ? 138 HIS A CB    1 
ATOM   1105 C  CG    . HIS A 1 138 ? -16.555 -0.541  -1.746  1.00 40.66 ? 138 HIS A CG    1 
ATOM   1106 N  ND1   . HIS A 1 138 ? -16.911 -1.436  -2.732  1.00 42.29 ? 138 HIS A ND1   1 
ATOM   1107 C  CD2   . HIS A 1 138 ? -17.630 0.260   -1.557  1.00 41.60 ? 138 HIS A CD2   1 
ATOM   1108 C  CE1   . HIS A 1 138 ? -18.149 -1.187  -3.123  1.00 42.31 ? 138 HIS A CE1   1 
ATOM   1109 N  NE2   . HIS A 1 138 ? -18.608 -0.165  -2.425  1.00 43.23 ? 138 HIS A NE2   1 
ATOM   1110 N  N     . GLY A 1 139 ? -12.804 -1.823  -0.008  1.00 36.41 ? 139 GLY A N     1 
ATOM   1111 C  CA    . GLY A 1 139 ? -11.420 -1.815  0.428   1.00 34.28 ? 139 GLY A CA    1 
ATOM   1112 C  C     . GLY A 1 139 ? -11.114 -2.670  1.641   1.00 32.93 ? 139 GLY A C     1 
ATOM   1113 O  O     . GLY A 1 139 ? -11.671 -3.749  1.812   1.00 34.34 ? 139 GLY A O     1 
ATOM   1114 N  N     . PHE A 1 140 ? -10.223 -2.173  2.490   1.00 32.01 ? 140 PHE A N     1 
ATOM   1115 C  CA    . PHE A 1 140 ? -9.816  -2.893  3.689   1.00 29.10 ? 140 PHE A CA    1 
ATOM   1116 C  C     . PHE A 1 140 ? -9.075  -1.944  4.618   1.00 28.74 ? 140 PHE A C     1 
ATOM   1117 O  O     . PHE A 1 140 ? -8.903  -0.765  4.310   1.00 28.23 ? 140 PHE A O     1 
ATOM   1118 C  CB    . PHE A 1 140 ? -8.885  -4.038  3.296   1.00 29.20 ? 140 PHE A CB    1 
ATOM   1119 C  CG    . PHE A 1 140 ? -7.609  -3.580  2.642   1.00 27.87 ? 140 PHE A CG    1 
ATOM   1120 C  CD1   . PHE A 1 140 ? -6.448  -3.424  3.386   1.00 25.57 ? 140 PHE A CD1   1 
ATOM   1121 C  CD2   . PHE A 1 140 ? -7.575  -3.294  1.282   1.00 27.83 ? 140 PHE A CD2   1 
ATOM   1122 C  CE1   . PHE A 1 140 ? -5.274  -2.995  2.789   1.00 26.64 ? 140 PHE A CE1   1 
ATOM   1123 C  CE2   . PHE A 1 140 ? -6.400  -2.862  0.670   1.00 26.99 ? 140 PHE A CE2   1 
ATOM   1124 C  CZ    . PHE A 1 140 ? -5.248  -2.714  1.426   1.00 26.14 ? 140 PHE A CZ    1 
ATOM   1125 N  N     . GLY A 1 141 ? -8.634  -2.472  5.754   1.00 28.50 ? 141 GLY A N     1 
ATOM   1126 C  CA    . GLY A 1 141 ? -7.887  -1.677  6.710   1.00 26.30 ? 141 GLY A CA    1 
ATOM   1127 C  C     . GLY A 1 141 ? -8.500  -0.350  7.109   1.00 26.26 ? 141 GLY A C     1 
ATOM   1128 O  O     . GLY A 1 141 ? -9.664  -0.285  7.516   1.00 24.60 ? 141 GLY A O     1 
ATOM   1129 N  N     . TYR A 1 142 ? -7.702  0.711   6.980   1.00 23.81 ? 142 TYR A N     1 
ATOM   1130 C  CA    . TYR A 1 142 ? -8.103  2.064   7.353   1.00 22.85 ? 142 TYR A CA    1 
ATOM   1131 C  C     . TYR A 1 142 ? -8.977  2.801   6.336   1.00 21.63 ? 142 TYR A C     1 
ATOM   1132 O  O     . TYR A 1 142 ? -9.292  3.974   6.530   1.00 19.97 ? 142 TYR A O     1 
ATOM   1133 C  CB    . TYR A 1 142 ? -6.853  2.905   7.634   1.00 22.80 ? 142 TYR A CB    1 
ATOM   1134 C  CG    . TYR A 1 142 ? -5.988  2.376   8.758   1.00 23.01 ? 142 TYR A CG    1 
ATOM   1135 C  CD1   . TYR A 1 142 ? -6.234  2.732   10.079  1.00 20.84 ? 142 TYR A CD1   1 
ATOM   1136 C  CD2   . TYR A 1 142 ? -4.926  1.513   8.496   1.00 21.78 ? 142 TYR A CD2   1 
ATOM   1137 C  CE1   . TYR A 1 142 ? -5.449  2.250   11.110  1.00 18.74 ? 142 TYR A CE1   1 
ATOM   1138 C  CE2   . TYR A 1 142 ? -4.130  1.019   9.529   1.00 21.56 ? 142 TYR A CE2   1 
ATOM   1139 C  CZ    . TYR A 1 142 ? -4.398  1.393   10.831  1.00 20.39 ? 142 TYR A CZ    1 
ATOM   1140 O  OH    . TYR A 1 142 ? -3.625  0.902   11.864  1.00 18.93 ? 142 TYR A OH    1 
ATOM   1141 N  N     . ASP A 1 143 ? -9.371  2.125   5.263   1.00 20.83 ? 143 ASP A N     1 
ATOM   1142 C  CA    . ASP A 1 143 ? -10.199 2.761   4.245   1.00 22.52 ? 143 ASP A CA    1 
ATOM   1143 C  C     . ASP A 1 143 ? -11.452 3.475   4.784   1.00 23.33 ? 143 ASP A C     1 
ATOM   1144 O  O     . ASP A 1 143 ? -11.795 4.556   4.317   1.00 22.27 ? 143 ASP A O     1 
ATOM   1145 C  CB    . ASP A 1 143 ? -10.607 1.741   3.172   1.00 22.71 ? 143 ASP A CB    1 
ATOM   1146 C  CG    . ASP A 1 143 ? -9.472  1.420   2.202   1.00 22.92 ? 143 ASP A CG    1 
ATOM   1147 O  OD1   . ASP A 1 143 ? -8.491  2.189   2.149   1.00 24.10 ? 143 ASP A OD1   1 
ATOM   1148 O  OD2   . ASP A 1 143 ? -9.567  0.409   1.477   1.00 23.02 ? 143 ASP A OD2   1 
ATOM   1149 N  N     . PRO A 1 144 ? -12.144 2.883   5.775   1.00 24.66 ? 144 PRO A N     1 
ATOM   1150 C  CA    . PRO A 1 144 ? -13.352 3.519   6.324   1.00 24.82 ? 144 PRO A CA    1 
ATOM   1151 C  C     . PRO A 1 144 ? -13.166 4.890   6.980   1.00 24.66 ? 144 PRO A C     1 
ATOM   1152 O  O     . PRO A 1 144 ? -14.137 5.627   7.174   1.00 24.87 ? 144 PRO A O     1 
ATOM   1153 C  CB    . PRO A 1 144 ? -13.865 2.478   7.319   1.00 23.67 ? 144 PRO A CB    1 
ATOM   1154 C  CG    . PRO A 1 144 ? -13.422 1.182   6.695   1.00 25.52 ? 144 PRO A CG    1 
ATOM   1155 C  CD    . PRO A 1 144 ? -12.008 1.505   6.279   1.00 23.26 ? 144 PRO A CD    1 
ATOM   1156 N  N     . ILE A 1 145 ? -11.936 5.242   7.332   1.00 22.50 ? 145 ILE A N     1 
ATOM   1157 C  CA    . ILE A 1 145 ? -11.722 6.526   7.978   1.00 21.97 ? 145 ILE A CA    1 
ATOM   1158 C  C     . ILE A 1 145 ? -10.721 7.424   7.273   1.00 21.63 ? 145 ILE A C     1 
ATOM   1159 O  O     . ILE A 1 145 ? -10.173 8.339   7.889   1.00 20.98 ? 145 ILE A O     1 
ATOM   1160 C  CB    . ILE A 1 145 ? -11.275 6.349   9.452   1.00 22.78 ? 145 ILE A CB    1 
ATOM   1161 C  CG1   . ILE A 1 145 ? -9.927  5.630   9.515   1.00 21.96 ? 145 ILE A CG1   1 
ATOM   1162 C  CG2   . ILE A 1 145 ? -12.334 5.562   10.224  1.00 22.12 ? 145 ILE A CG2   1 
ATOM   1163 C  CD1   . ILE A 1 145 ? -9.407  5.449   10.923  1.00 19.60 ? 145 ILE A CD1   1 
ATOM   1164 N  N     . PHE A 1 146 ? -10.480 7.167   5.989   1.00 20.78 ? 146 PHE A N     1 
ATOM   1165 C  CA    . PHE A 1 146 ? -9.551  7.991   5.225   1.00 19.87 ? 146 PHE A CA    1 
ATOM   1166 C  C     . PHE A 1 146 ? -10.208 8.541   3.967   1.00 19.85 ? 146 PHE A C     1 
ATOM   1167 O  O     . PHE A 1 146 ? -10.665 7.781   3.108   1.00 18.34 ? 146 PHE A O     1 
ATOM   1168 C  CB    . PHE A 1 146 ? -8.306  7.204   4.809   1.00 20.05 ? 146 PHE A CB    1 
ATOM   1169 C  CG    . PHE A 1 146 ? -7.260  8.053   4.107   1.00 19.21 ? 146 PHE A CG    1 
ATOM   1170 C  CD1   . PHE A 1 146 ? -6.281  8.722   4.835   1.00 19.17 ? 146 PHE A CD1   1 
ATOM   1171 C  CD2   . PHE A 1 146 ? -7.284  8.206   2.725   1.00 18.90 ? 146 PHE A CD2   1 
ATOM   1172 C  CE1   . PHE A 1 146 ? -5.338  9.530   4.197   1.00 20.31 ? 146 PHE A CE1   1 
ATOM   1173 C  CE2   . PHE A 1 146 ? -6.348  9.012   2.075   1.00 19.64 ? 146 PHE A CE2   1 
ATOM   1174 C  CZ    . PHE A 1 146 ? -5.371  9.675   2.812   1.00 20.70 ? 146 PHE A CZ    1 
ATOM   1175 N  N     . ILE A 1 147 ? -10.231 9.866   3.864   1.00 19.81 ? 147 ILE A N     1 
ATOM   1176 C  CA    . ILE A 1 147 ? -10.807 10.563  2.717   1.00 21.21 ? 147 ILE A CA    1 
ATOM   1177 C  C     . ILE A 1 147 ? -9.661  11.265  1.995   1.00 21.13 ? 147 ILE A C     1 
ATOM   1178 O  O     . ILE A 1 147 ? -9.019  12.149  2.553   1.00 21.76 ? 147 ILE A O     1 
ATOM   1179 C  CB    . ILE A 1 147 ? -11.838 11.620  3.180   1.00 20.72 ? 147 ILE A CB    1 
ATOM   1180 C  CG1   . ILE A 1 147 ? -12.936 10.938  3.998   1.00 19.03 ? 147 ILE A CG1   1 
ATOM   1181 C  CG2   . ILE A 1 147 ? -12.430 12.347  1.974   1.00 21.28 ? 147 ILE A CG2   1 
ATOM   1182 C  CD1   . ILE A 1 147 ? -13.900 11.898  4.660   1.00 18.95 ? 147 ILE A CD1   1 
ATOM   1183 N  N     . PRO A 1 148 ? -9.384  10.873  0.744   1.00 23.12 ? 148 PRO A N     1 
ATOM   1184 C  CA    . PRO A 1 148 ? -8.298  11.491  -0.020  1.00 23.75 ? 148 PRO A CA    1 
ATOM   1185 C  C     . PRO A 1 148 ? -8.533  12.961  -0.344  1.00 25.51 ? 148 PRO A C     1 
ATOM   1186 O  O     . PRO A 1 148 ? -9.673  13.413  -0.460  1.00 25.91 ? 148 PRO A O     1 
ATOM   1187 C  CB    . PRO A 1 148 ? -8.242  10.633  -1.277  1.00 23.22 ? 148 PRO A CB    1 
ATOM   1188 C  CG    . PRO A 1 148 ? -9.678  10.313  -1.499  1.00 22.51 ? 148 PRO A CG    1 
ATOM   1189 C  CD    . PRO A 1 148 ? -10.126 9.918   -0.100  1.00 22.95 ? 148 PRO A CD    1 
ATOM   1190 N  N     . GLU A 1 149 ? -7.440  13.696  -0.502  1.00 27.35 ? 149 GLU A N     1 
ATOM   1191 C  CA    . GLU A 1 149 ? -7.499  15.111  -0.831  1.00 29.93 ? 149 GLU A CA    1 
ATOM   1192 C  C     . GLU A 1 149 ? -8.340  15.312  -2.091  1.00 31.26 ? 149 GLU A C     1 
ATOM   1193 O  O     . GLU A 1 149 ? -8.130  14.631  -3.094  1.00 30.21 ? 149 GLU A O     1 
ATOM   1194 C  CB    . GLU A 1 149 ? -6.085  15.636  -1.080  1.00 32.63 ? 149 GLU A CB    1 
ATOM   1195 C  CG    . GLU A 1 149 ? -6.014  17.117  -1.337  1.00 36.92 ? 149 GLU A CG    1 
ATOM   1196 C  CD    . GLU A 1 149 ? -6.449  17.923  -0.136  1.00 40.08 ? 149 GLU A CD    1 
ATOM   1197 O  OE1   . GLU A 1 149 ? -7.416  18.705  -0.265  1.00 41.06 ? 149 GLU A OE1   1 
ATOM   1198 O  OE2   . GLU A 1 149 ? -5.822  17.770  0.936   1.00 42.91 ? 149 GLU A OE2   1 
ATOM   1199 N  N     . GLY A 1 150 ? -9.290  16.242  -2.037  1.00 30.41 ? 150 GLY A N     1 
ATOM   1200 C  CA    . GLY A 1 150 ? -10.124 16.511  -3.195  1.00 30.66 ? 150 GLY A CA    1 
ATOM   1201 C  C     . GLY A 1 150 ? -11.333 15.607  -3.360  1.00 31.66 ? 150 GLY A C     1 
ATOM   1202 O  O     . GLY A 1 150 ? -11.981 15.617  -4.407  1.00 33.11 ? 150 GLY A O     1 
ATOM   1203 N  N     . SER A 1 151 ? -11.648 14.822  -2.336  1.00 29.47 ? 151 SER A N     1 
ATOM   1204 C  CA    . SER A 1 151 ? -12.794 13.932  -2.408  1.00 28.01 ? 151 SER A CA    1 
ATOM   1205 C  C     . SER A 1 151 ? -13.650 14.057  -1.160  1.00 27.84 ? 151 SER A C     1 
ATOM   1206 O  O     . SER A 1 151 ? -13.170 14.505  -0.117  1.00 28.17 ? 151 SER A O     1 
ATOM   1207 C  CB    . SER A 1 151 ? -12.338 12.482  -2.555  1.00 28.92 ? 151 SER A CB    1 
ATOM   1208 O  OG    . SER A 1 151 ? -13.440 11.599  -2.395  1.00 30.11 ? 151 SER A OG    1 
ATOM   1209 N  N     . GLU A 1 152 ? -14.914 13.659  -1.277  1.00 26.27 ? 152 GLU A N     1 
ATOM   1210 C  CA    . GLU A 1 152 ? -15.853 13.706  -0.158  1.00 27.75 ? 152 GLU A CA    1 
ATOM   1211 C  C     . GLU A 1 152 ? -15.994 12.323  0.454   1.00 26.56 ? 152 GLU A C     1 
ATOM   1212 O  O     . GLU A 1 152 ? -16.424 12.176  1.598   1.00 26.65 ? 152 GLU A O     1 
ATOM   1213 C  CB    . GLU A 1 152 ? -17.236 14.167  -0.629  1.00 27.10 ? 152 GLU A CB    1 
ATOM   1214 C  CG    . GLU A 1 152 ? -17.296 15.597  -1.129  1.00 29.16 ? 152 GLU A CG    1 
ATOM   1215 C  CD    . GLU A 1 152 ? -16.903 16.598  -0.067  1.00 29.70 ? 152 GLU A CD    1 
ATOM   1216 O  OE1   . GLU A 1 152 ? -17.459 16.530  1.051   1.00 31.47 ? 152 GLU A OE1   1 
ATOM   1217 O  OE2   . GLU A 1 152 ? -16.040 17.456  -0.349  1.00 34.24 ? 152 GLU A OE2   1 
ATOM   1218 N  N     . LYS A 1 153 ? -15.617 11.313  -0.319  1.00 28.25 ? 153 LYS A N     1 
ATOM   1219 C  CA    . LYS A 1 153 ? -15.737 9.924   0.106   1.00 28.43 ? 153 LYS A CA    1 
ATOM   1220 C  C     . LYS A 1 153 ? -14.475 9.338   0.713   1.00 27.37 ? 153 LYS A C     1 
ATOM   1221 O  O     . LYS A 1 153 ? -13.369 9.736   0.365   1.00 26.82 ? 153 LYS A O     1 
ATOM   1222 C  CB    . LYS A 1 153 ? -16.136 9.067   -1.091  1.00 30.58 ? 153 LYS A CB    1 
ATOM   1223 C  CG    . LYS A 1 153 ? -17.247 9.667   -1.939  1.00 34.36 ? 153 LYS A CG    1 
ATOM   1224 C  CD    . LYS A 1 153 ? -17.494 8.842   -3.193  1.00 38.04 ? 153 LYS A CD    1 
ATOM   1225 C  CE    . LYS A 1 153 ? -17.961 7.435   -2.849  1.00 40.36 ? 153 LYS A CE    1 
ATOM   1226 N  NZ    . LYS A 1 153 ? -18.142 6.600   -4.076  1.00 43.96 ? 153 LYS A NZ    1 
ATOM   1227 N  N     . THR A 1 154 ? -14.652 8.384   1.621   1.00 26.01 ? 154 THR A N     1 
ATOM   1228 C  CA    . THR A 1 154 ? -13.519 7.703   2.230   1.00 26.76 ? 154 THR A CA    1 
ATOM   1229 C  C     . THR A 1 154 ? -13.129 6.643   1.200   1.00 26.69 ? 154 THR A C     1 
ATOM   1230 O  O     . THR A 1 154 ? -13.871 6.408   0.246   1.00 28.17 ? 154 THR A O     1 
ATOM   1231 C  CB    . THR A 1 154 ? -13.916 6.987   3.537   1.00 26.18 ? 154 THR A CB    1 
ATOM   1232 O  OG1   . THR A 1 154 ? -14.847 5.935   3.240   1.00 23.97 ? 154 THR A OG1   1 
ATOM   1233 C  CG2   . THR A 1 154 ? -14.557 7.967   4.511   1.00 23.55 ? 154 THR A CG2   1 
ATOM   1234 N  N     . PHE A 1 155 ? -11.976 6.006   1.374   1.00 25.99 ? 155 PHE A N     1 
ATOM   1235 C  CA    . PHE A 1 155 ? -11.559 4.971   0.432   1.00 22.63 ? 155 PHE A CA    1 
ATOM   1236 C  C     . PHE A 1 155 ? -12.551 3.807   0.431   1.00 23.04 ? 155 PHE A C     1 
ATOM   1237 O  O     . PHE A 1 155 ? -12.790 3.187   -0.602  1.00 23.32 ? 155 PHE A O     1 
ATOM   1238 C  CB    . PHE A 1 155 ? -10.163 4.434   0.788   1.00 21.83 ? 155 PHE A CB    1 
ATOM   1239 C  CG    . PHE A 1 155 ? -9.019  5.227   0.196   1.00 19.40 ? 155 PHE A CG    1 
ATOM   1240 C  CD1   . PHE A 1 155 ? -9.221  6.088   -0.881  1.00 20.54 ? 155 PHE A CD1   1 
ATOM   1241 C  CD2   . PHE A 1 155 ? -7.727  5.061   0.680   1.00 19.29 ? 155 PHE A CD2   1 
ATOM   1242 C  CE1   . PHE A 1 155 ? -8.152  6.767   -1.466  1.00 19.71 ? 155 PHE A CE1   1 
ATOM   1243 C  CE2   . PHE A 1 155 ? -6.651  5.733   0.102   1.00 18.62 ? 155 PHE A CE2   1 
ATOM   1244 C  CZ    . PHE A 1 155 ? -6.864  6.587   -0.974  1.00 20.89 ? 155 PHE A CZ    1 
ATOM   1245 N  N     . ALA A 1 156 ? -13.122 3.512   1.594   1.00 23.33 ? 156 ALA A N     1 
ATOM   1246 C  CA    . ALA A 1 156 ? -14.075 2.417   1.725   1.00 25.72 ? 156 ALA A CA    1 
ATOM   1247 C  C     . ALA A 1 156 ? -15.357 2.641   0.929   1.00 28.50 ? 156 ALA A C     1 
ATOM   1248 O  O     . ALA A 1 156 ? -16.128 1.705   0.718   1.00 29.31 ? 156 ALA A O     1 
ATOM   1249 C  CB    . ALA A 1 156 ? -14.412 2.194   3.197   1.00 24.81 ? 156 ALA A CB    1 
ATOM   1250 N  N     . GLU A 1 157 ? -15.592 3.873   0.485   1.00 28.79 ? 157 GLU A N     1 
ATOM   1251 C  CA    . GLU A 1 157 ? -16.798 4.170   -0.280  1.00 30.85 ? 157 GLU A CA    1 
ATOM   1252 C  C     . GLU A 1 157 ? -16.541 4.153   -1.775  1.00 31.03 ? 157 GLU A C     1 
ATOM   1253 O  O     . GLU A 1 157 ? -17.398 4.547   -2.556  1.00 31.45 ? 157 GLU A O     1 
ATOM   1254 C  CB    . GLU A 1 157 ? -17.360 5.536   0.114   1.00 31.35 ? 157 GLU A CB    1 
ATOM   1255 C  CG    . GLU A 1 157 ? -17.872 5.613   1.534   1.00 33.01 ? 157 GLU A CG    1 
ATOM   1256 C  CD    . GLU A 1 157 ? -18.396 6.989   1.874   1.00 35.51 ? 157 GLU A CD    1 
ATOM   1257 O  OE1   . GLU A 1 157 ? -17.599 7.951   1.831   1.00 36.13 ? 157 GLU A OE1   1 
ATOM   1258 O  OE2   . GLU A 1 157 ? -19.604 7.108   2.177   1.00 36.97 ? 157 GLU A OE2   1 
ATOM   1259 N  N     . MET A 1 158 ? -15.360 3.692   -2.171  1.00 30.99 ? 158 MET A N     1 
ATOM   1260 C  CA    . MET A 1 158 ? -14.998 3.645   -3.580  1.00 30.41 ? 158 MET A CA    1 
ATOM   1261 C  C     . MET A 1 158 ? -14.804 2.218   -4.056  1.00 30.91 ? 158 MET A C     1 
ATOM   1262 O  O     . MET A 1 158 ? -14.647 1.298   -3.254  1.00 30.53 ? 158 MET A O     1 
ATOM   1263 C  CB    . MET A 1 158 ? -13.696 4.412   -3.822  1.00 29.84 ? 158 MET A CB    1 
ATOM   1264 C  CG    . MET A 1 158 ? -13.707 5.855   -3.369  1.00 28.65 ? 158 MET A CG    1 
ATOM   1265 S  SD    . MET A 1 158 ? -12.089 6.626   -3.595  1.00 28.06 ? 158 MET A SD    1 
ATOM   1266 C  CE    . MET A 1 158 ? -12.423 8.314   -2.968  1.00 29.08 ? 158 MET A CE    1 
ATOM   1267 N  N     . THR A 1 159 ? -14.814 2.049   -5.374  1.00 30.97 ? 159 THR A N     1 
ATOM   1268 C  CA    . THR A 1 159 ? -14.597 0.746   -5.986  1.00 28.55 ? 159 THR A CA    1 
ATOM   1269 C  C     . THR A 1 159 ? -13.089 0.618   -6.167  1.00 28.69 ? 159 THR A C     1 
ATOM   1270 O  O     . THR A 1 159 ? -12.344 1.571   -5.922  1.00 28.09 ? 159 THR A O     1 
ATOM   1271 C  CB    . THR A 1 159 ? -15.254 0.655   -7.375  1.00 28.05 ? 159 THR A CB    1 
ATOM   1272 O  OG1   . THR A 1 159 ? -14.669 1.638   -8.242  1.00 23.87 ? 159 THR A OG1   1 
ATOM   1273 C  CG2   . THR A 1 159 ? -16.768 0.893   -7.273  1.00 27.18 ? 159 THR A CG2   1 
ATOM   1274 N  N     . ILE A 1 160 ? -12.643 -0.551  -6.604  1.00 29.16 ? 160 ILE A N     1 
ATOM   1275 C  CA    . ILE A 1 160 ? -11.225 -0.776  -6.824  1.00 28.51 ? 160 ILE A CA    1 
ATOM   1276 C  C     . ILE A 1 160 ? -10.694 0.194   -7.875  1.00 30.45 ? 160 ILE A C     1 
ATOM   1277 O  O     . ILE A 1 160 ? -9.656  0.835   -7.672  1.00 30.24 ? 160 ILE A O     1 
ATOM   1278 C  CB    . ILE A 1 160 ? -10.966 -2.235  -7.264  1.00 27.49 ? 160 ILE A CB    1 
ATOM   1279 C  CG1   . ILE A 1 160 ? -11.255 -3.181  -6.091  1.00 27.10 ? 160 ILE A CG1   1 
ATOM   1280 C  CG2   . ILE A 1 160 ? -9.536  -2.397  -7.747  1.00 26.95 ? 160 ILE A CG2   1 
ATOM   1281 C  CD1   . ILE A 1 160 ? -11.118 -4.660  -6.426  1.00 24.35 ? 160 ILE A CD1   1 
ATOM   1282 N  N     . GLU A 1 161 ? -11.406 0.324   -8.991  1.00 30.75 ? 161 GLU A N     1 
ATOM   1283 C  CA    . GLU A 1 161 ? -10.964 1.225   -10.053 1.00 32.10 ? 161 GLU A CA    1 
ATOM   1284 C  C     . GLU A 1 161 ? -10.855 2.668   -9.556  1.00 31.05 ? 161 GLU A C     1 
ATOM   1285 O  O     . GLU A 1 161 ? -9.871  3.360   -9.827  1.00 30.22 ? 161 GLU A O     1 
ATOM   1286 C  CB    . GLU A 1 161 ? -11.926 1.167   -11.252 1.00 36.94 ? 161 GLU A CB    1 
ATOM   1287 C  CG    . GLU A 1 161 ? -11.492 2.053   -12.421 1.00 42.76 ? 161 GLU A CG    1 
ATOM   1288 C  CD    . GLU A 1 161 ? -12.495 2.074   -13.574 1.00 48.12 ? 161 GLU A CD    1 
ATOM   1289 O  OE1   . GLU A 1 161 ? -12.772 1.003   -14.157 1.00 50.41 ? 161 GLU A OE1   1 
ATOM   1290 O  OE2   . GLU A 1 161 ? -13.003 3.170   -13.903 1.00 50.46 ? 161 GLU A OE2   1 
ATOM   1291 N  N     . GLU A 1 162 ? -11.871 3.117   -8.828  1.00 30.40 ? 162 GLU A N     1 
ATOM   1292 C  CA    . GLU A 1 162 ? -11.890 4.476   -8.305  1.00 31.89 ? 162 GLU A CA    1 
ATOM   1293 C  C     . GLU A 1 162 ? -10.771 4.703   -7.298  1.00 31.13 ? 162 GLU A C     1 
ATOM   1294 O  O     . GLU A 1 162 ? -10.072 5.714   -7.357  1.00 30.95 ? 162 GLU A O     1 
ATOM   1295 C  CB    . GLU A 1 162 ? -13.240 4.768   -7.643  1.00 34.49 ? 162 GLU A CB    1 
ATOM   1296 C  CG    . GLU A 1 162 ? -14.437 4.509   -8.546  1.00 38.04 ? 162 GLU A CG    1 
ATOM   1297 C  CD    . GLU A 1 162 ? -15.754 4.879   -7.892  1.00 40.29 ? 162 GLU A CD    1 
ATOM   1298 O  OE1   . GLU A 1 162 ? -16.038 4.364   -6.788  1.00 40.92 ? 162 GLU A OE1   1 
ATOM   1299 O  OE2   . GLU A 1 162 ? -16.505 5.683   -8.487  1.00 43.49 ? 162 GLU A OE2   1 
ATOM   1300 N  N     . LYS A 1 163 ? -10.597 3.764   -6.372  1.00 29.63 ? 163 LYS A N     1 
ATOM   1301 C  CA    . LYS A 1 163 ? -9.547  3.903   -5.368  1.00 28.68 ? 163 LYS A CA    1 
ATOM   1302 C  C     . LYS A 1 163 ? -8.178  3.951   -6.043  1.00 29.26 ? 163 LYS A C     1 
ATOM   1303 O  O     . LYS A 1 163 ? -7.363  4.831   -5.747  1.00 30.13 ? 163 LYS A O     1 
ATOM   1304 C  CB    . LYS A 1 163 ? -9.596  2.745   -4.369  1.00 26.62 ? 163 LYS A CB    1 
ATOM   1305 C  CG    . LYS A 1 163 ? -8.544  2.848   -3.269  1.00 24.86 ? 163 LYS A CG    1 
ATOM   1306 C  CD    . LYS A 1 163 ? -8.609  1.666   -2.323  1.00 21.39 ? 163 LYS A CD    1 
ATOM   1307 C  CE    . LYS A 1 163 ? -7.464  1.694   -1.313  1.00 19.90 ? 163 LYS A CE    1 
ATOM   1308 N  NZ    . LYS A 1 163 ? -7.484  0.481   -0.445  1.00 19.41 ? 163 LYS A NZ    1 
ATOM   1309 N  N     . ASN A 1 164 ? -7.936  3.018   -6.962  1.00 27.25 ? 164 ASN A N     1 
ATOM   1310 C  CA    . ASN A 1 164 ? -6.664  2.957   -7.676  1.00 27.86 ? 164 ASN A CA    1 
ATOM   1311 C  C     . ASN A 1 164 ? -6.309  4.252   -8.405  1.00 26.51 ? 164 ASN A C     1 
ATOM   1312 O  O     . ASN A 1 164 ? -5.135  4.606   -8.528  1.00 25.40 ? 164 ASN A O     1 
ATOM   1313 C  CB    . ASN A 1 164 ? -6.658  1.793   -8.686  1.00 27.19 ? 164 ASN A CB    1 
ATOM   1314 C  CG    . ASN A 1 164 ? -6.183  0.484   -8.071  1.00 29.75 ? 164 ASN A CG    1 
ATOM   1315 O  OD1   . ASN A 1 164 ? -5.668  0.459   -6.950  1.00 27.67 ? 164 ASN A OD1   1 
ATOM   1316 N  ND2   . ASN A 1 164 ? -6.336  -0.612  -8.815  1.00 27.55 ? 164 ASN A ND2   1 
ATOM   1317 N  N     . ALA A 1 165 ? -7.323  4.954   -8.895  1.00 27.03 ? 165 ALA A N     1 
ATOM   1318 C  CA    . ALA A 1 165 ? -7.097  6.202   -9.618  1.00 27.39 ? 165 ALA A CA    1 
ATOM   1319 C  C     . ALA A 1 165 ? -6.665  7.337   -8.696  1.00 27.62 ? 165 ALA A C     1 
ATOM   1320 O  O     . ALA A 1 165 ? -6.136  8.344   -9.157  1.00 28.48 ? 165 ALA A O     1 
ATOM   1321 C  CB    . ALA A 1 165 ? -8.371  6.605   -10.373 1.00 27.09 ? 165 ALA A CB    1 
ATOM   1322 N  N     . LEU A 1 166 ? -6.874  7.162   -7.396  1.00 28.09 ? 166 LEU A N     1 
ATOM   1323 C  CA    . LEU A 1 166 ? -6.543  8.196   -6.417  1.00 27.55 ? 166 LEU A CA    1 
ATOM   1324 C  C     . LEU A 1 166 ? -5.529  7.810   -5.343  1.00 26.38 ? 166 LEU A C     1 
ATOM   1325 O  O     . LEU A 1 166 ? -4.775  8.653   -4.856  1.00 26.18 ? 166 LEU A O     1 
ATOM   1326 C  CB    . LEU A 1 166 ? -7.822  8.645   -5.700  1.00 28.65 ? 166 LEU A CB    1 
ATOM   1327 C  CG    . LEU A 1 166 ? -8.844  9.506   -6.440  1.00 29.21 ? 166 LEU A CG    1 
ATOM   1328 C  CD1   . LEU A 1 166 ? -10.116 9.620   -5.606  1.00 26.93 ? 166 LEU A CD1   1 
ATOM   1329 C  CD2   . LEU A 1 166 ? -8.244  10.878  -6.700  1.00 29.20 ? 166 LEU A CD2   1 
ATOM   1330 N  N     . SER A 1 167 ? -5.522  6.538   -4.972  1.00 23.28 ? 167 SER A N     1 
ATOM   1331 C  CA    . SER A 1 167 ? -4.661  6.059   -3.898  1.00 22.11 ? 167 SER A CA    1 
ATOM   1332 C  C     . SER A 1 167 ? -3.153  6.120   -4.080  1.00 21.20 ? 167 SER A C     1 
ATOM   1333 O  O     . SER A 1 167 ? -2.630  6.402   -5.161  1.00 19.78 ? 167 SER A O     1 
ATOM   1334 C  CB    . SER A 1 167 ? -5.039  4.618   -3.549  1.00 20.20 ? 167 SER A CB    1 
ATOM   1335 O  OG    . SER A 1 167 ? -4.497  3.724   -4.500  1.00 17.66 ? 167 SER A OG    1 
ATOM   1336 N  N     . HIS A 1 168 ? -2.468  5.837   -2.977  1.00 22.07 ? 168 HIS A N     1 
ATOM   1337 C  CA    . HIS A 1 168 ? -1.015  5.787   -2.925  1.00 20.61 ? 168 HIS A CA    1 
ATOM   1338 C  C     . HIS A 1 168 ? -0.552  4.578   -3.755  1.00 20.92 ? 168 HIS A C     1 
ATOM   1339 O  O     . HIS A 1 168 ? 0.407   4.665   -4.516  1.00 21.21 ? 168 HIS A O     1 
ATOM   1340 C  CB    . HIS A 1 168 ? -0.578  5.628   -1.469  1.00 20.68 ? 168 HIS A CB    1 
ATOM   1341 C  CG    . HIS A 1 168 ? -1.326  4.557   -0.735  1.00 20.18 ? 168 HIS A CG    1 
ATOM   1342 N  ND1   . HIS A 1 168 ? -2.703  4.519   -0.684  1.00 21.14 ? 168 HIS A ND1   1 
ATOM   1343 C  CD2   . HIS A 1 168 ? -0.892  3.475   -0.046  1.00 19.14 ? 168 HIS A CD2   1 
ATOM   1344 C  CE1   . HIS A 1 168 ? -3.085  3.457   0.004   1.00 19.39 ? 168 HIS A CE1   1 
ATOM   1345 N  NE2   . HIS A 1 168 ? -2.006  2.807   0.401   1.00 16.57 ? 168 HIS A NE2   1 
ATOM   1346 N  N     . ARG A 1 169 ? -1.248  3.455   -3.599  1.00 21.24 ? 169 ARG A N     1 
ATOM   1347 C  CA    . ARG A 1 169 ? -0.924  2.232   -4.327  1.00 21.72 ? 169 ARG A CA    1 
ATOM   1348 C  C     . ARG A 1 169 ? -1.075  2.460   -5.843  1.00 23.35 ? 169 ARG A C     1 
ATOM   1349 O  O     . ARG A 1 169 ? -0.246  2.008   -6.635  1.00 23.06 ? 169 ARG A O     1 
ATOM   1350 C  CB    . ARG A 1 169 ? -1.839  1.090   -3.847  1.00 21.50 ? 169 ARG A CB    1 
ATOM   1351 C  CG    . ARG A 1 169 ? -1.560  -0.288  -4.463  1.00 20.49 ? 169 ARG A CG    1 
ATOM   1352 C  CD    . ARG A 1 169 ? -2.188  -1.420  -3.636  1.00 18.87 ? 169 ARG A CD    1 
ATOM   1353 N  NE    . ARG A 1 169 ? -1.596  -1.469  -2.302  1.00 17.63 ? 169 ARG A NE    1 
ATOM   1354 C  CZ    . ARG A 1 169 ? -2.175  -1.015  -1.195  1.00 19.41 ? 169 ARG A CZ    1 
ATOM   1355 N  NH1   . ARG A 1 169 ? -3.391  -0.488  -1.236  1.00 16.76 ? 169 ARG A NH1   1 
ATOM   1356 N  NH2   . ARG A 1 169 ? -1.506  -1.037  -0.046  1.00 19.08 ? 169 ARG A NH2   1 
ATOM   1357 N  N     . GLY A 1 170 ? -2.128  3.168   -6.242  1.00 23.52 ? 170 GLY A N     1 
ATOM   1358 C  CA    . GLY A 1 170 ? -2.337  3.437   -7.654  1.00 22.89 ? 170 GLY A CA    1 
ATOM   1359 C  C     . GLY A 1 170 ? -1.183  4.241   -8.230  1.00 23.26 ? 170 GLY A C     1 
ATOM   1360 O  O     . GLY A 1 170 ? -0.714  3.973   -9.336  1.00 22.47 ? 170 GLY A O     1 
ATOM   1361 N  N     . LYS A 1 171 ? -0.716  5.230   -7.473  1.00 22.92 ? 171 LYS A N     1 
ATOM   1362 C  CA    . LYS A 1 171 ? 0.389   6.070   -7.909  1.00 22.58 ? 171 LYS A CA    1 
ATOM   1363 C  C     . LYS A 1 171 ? 1.689   5.274   -8.015  1.00 23.56 ? 171 LYS A C     1 
ATOM   1364 O  O     . LYS A 1 171 ? 2.464   5.463   -8.955  1.00 22.76 ? 171 LYS A O     1 
ATOM   1365 C  CB    . LYS A 1 171 ? 0.555   7.255   -6.957  1.00 21.32 ? 171 LYS A CB    1 
ATOM   1366 C  CG    . LYS A 1 171 ? -0.557  8.284   -7.093  1.00 23.20 ? 171 LYS A CG    1 
ATOM   1367 C  CD    . LYS A 1 171 ? -0.471  9.372   -6.033  1.00 22.26 ? 171 LYS A CD    1 
ATOM   1368 C  CE    . LYS A 1 171 ? -1.645  10.328  -6.152  1.00 23.28 ? 171 LYS A CE    1 
ATOM   1369 N  NZ    . LYS A 1 171 ? -1.712  11.287  -5.011  1.00 26.50 ? 171 LYS A NZ    1 
ATOM   1370 N  N     . ALA A 1 172 ? 1.931   4.385   -7.055  1.00 22.23 ? 172 ALA A N     1 
ATOM   1371 C  CA    . ALA A 1 172 ? 3.136   3.564   -7.095  1.00 22.28 ? 172 ALA A CA    1 
ATOM   1372 C  C     . ALA A 1 172 ? 3.031   2.604   -8.279  1.00 22.63 ? 172 ALA A C     1 
ATOM   1373 O  O     . ALA A 1 172 ? 4.019   2.341   -8.965  1.00 24.47 ? 172 ALA A O     1 
ATOM   1374 C  CB    . ALA A 1 172 ? 3.292   2.775   -5.788  1.00 19.43 ? 172 ALA A CB    1 
ATOM   1375 N  N     . LEU A 1 173 ? 1.831   2.081   -8.510  1.00 22.31 ? 173 LEU A N     1 
ATOM   1376 C  CA    . LEU A 1 173 ? 1.601   1.159   -9.618  1.00 25.22 ? 173 LEU A CA    1 
ATOM   1377 C  C     . LEU A 1 173 ? 1.810   1.847   -10.966 1.00 26.14 ? 173 LEU A C     1 
ATOM   1378 O  O     . LEU A 1 173 ? 2.341   1.246   -11.895 1.00 26.87 ? 173 LEU A O     1 
ATOM   1379 C  CB    . LEU A 1 173 ? 0.188   0.577   -9.543  1.00 22.13 ? 173 LEU A CB    1 
ATOM   1380 C  CG    . LEU A 1 173 ? -0.009  -0.531  -8.502  1.00 24.10 ? 173 LEU A CG    1 
ATOM   1381 C  CD1   . LEU A 1 173 ? -1.488  -0.805  -8.294  1.00 21.61 ? 173 LEU A CD1   1 
ATOM   1382 C  CD2   . LEU A 1 173 ? 0.722   -1.785  -8.962  1.00 22.26 ? 173 LEU A CD2   1 
ATOM   1383 N  N     . LYS A 1 174 ? 1.396   3.107   -11.068 1.00 27.06 ? 174 LYS A N     1 
ATOM   1384 C  CA    . LYS A 1 174 ? 1.567   3.858   -12.304 1.00 28.41 ? 174 LYS A CA    1 
ATOM   1385 C  C     . LYS A 1 174 ? 3.049   4.054   -12.597 1.00 28.76 ? 174 LYS A C     1 
ATOM   1386 O  O     . LYS A 1 174 ? 3.487   3.893   -13.738 1.00 29.25 ? 174 LYS A O     1 
ATOM   1387 C  CB    . LYS A 1 174 ? 0.869   5.218   -12.211 1.00 30.97 ? 174 LYS A CB    1 
ATOM   1388 C  CG    . LYS A 1 174 ? -0.634  5.103   -12.030 1.00 35.88 ? 174 LYS A CG    1 
ATOM   1389 C  CD    . LYS A 1 174 ? -1.355  6.431   -12.204 1.00 37.81 ? 174 LYS A CD    1 
ATOM   1390 C  CE    . LYS A 1 174 ? -2.867  6.228   -12.118 1.00 39.82 ? 174 LYS A CE    1 
ATOM   1391 N  NZ    . LYS A 1 174 ? -3.640  7.457   -12.476 1.00 41.06 ? 174 LYS A NZ    1 
ATOM   1392 N  N     . ALA A 1 175 ? 3.822   4.403   -11.570 1.00 26.71 ? 175 ALA A N     1 
ATOM   1393 C  CA    . ALA A 1 175 ? 5.256   4.601   -11.746 1.00 27.87 ? 175 ALA A CA    1 
ATOM   1394 C  C     . ALA A 1 175 ? 5.905   3.273   -12.124 1.00 29.72 ? 175 ALA A C     1 
ATOM   1395 O  O     . ALA A 1 175 ? 6.820   3.225   -12.945 1.00 30.88 ? 175 ALA A O     1 
ATOM   1396 C  CB    . ALA A 1 175 ? 5.880   5.140   -10.462 1.00 25.79 ? 175 ALA A CB    1 
ATOM   1397 N  N     . PHE A 1 176 ? 5.417   2.200   -11.511 1.00 30.41 ? 176 PHE A N     1 
ATOM   1398 C  CA    . PHE A 1 176 ? 5.914   0.855   -11.751 1.00 31.69 ? 176 PHE A CA    1 
ATOM   1399 C  C     . PHE A 1 176 ? 5.631   0.444   -13.189 1.00 34.84 ? 176 PHE A C     1 
ATOM   1400 O  O     . PHE A 1 176 ? 6.523   -0.034  -13.895 1.00 35.18 ? 176 PHE A O     1 
ATOM   1401 C  CB    . PHE A 1 176 ? 5.240   -0.117  -10.773 1.00 30.89 ? 176 PHE A CB    1 
ATOM   1402 C  CG    . PHE A 1 176 ? 5.627   -1.562  -10.966 1.00 30.25 ? 176 PHE A CG    1 
ATOM   1403 C  CD1   . PHE A 1 176 ? 6.897   -1.912  -11.411 1.00 29.47 ? 176 PHE A CD1   1 
ATOM   1404 C  CD2   . PHE A 1 176 ? 4.722   -2.578  -10.668 1.00 30.60 ? 176 PHE A CD2   1 
ATOM   1405 C  CE1   . PHE A 1 176 ? 7.263   -3.249  -11.555 1.00 28.82 ? 176 PHE A CE1   1 
ATOM   1406 C  CE2   . PHE A 1 176 ? 5.081   -3.922  -10.810 1.00 30.51 ? 176 PHE A CE2   1 
ATOM   1407 C  CZ    . PHE A 1 176 ? 6.354   -4.255  -11.255 1.00 28.47 ? 176 PHE A CZ    1 
ATOM   1408 N  N     . PHE A 1 177 ? 4.389   0.631   -13.621 1.00 37.26 ? 177 PHE A N     1 
ATOM   1409 C  CA    . PHE A 1 177 ? 4.015   0.273   -14.979 1.00 40.23 ? 177 PHE A CA    1 
ATOM   1410 C  C     . PHE A 1 177 ? 4.843   1.033   -16.001 1.00 40.95 ? 177 PHE A C     1 
ATOM   1411 O  O     . PHE A 1 177 ? 5.414   0.440   -16.915 1.00 41.98 ? 177 PHE A O     1 
ATOM   1412 C  CB    . PHE A 1 177 ? 2.537   0.554   -15.236 1.00 41.39 ? 177 PHE A CB    1 
ATOM   1413 C  CG    . PHE A 1 177 ? 2.124   0.300   -16.655 1.00 44.26 ? 177 PHE A CG    1 
ATOM   1414 C  CD1   . PHE A 1 177 ? 2.398   -0.926  -17.261 1.00 45.07 ? 177 PHE A CD1   1 
ATOM   1415 C  CD2   . PHE A 1 177 ? 1.485   1.288   -17.395 1.00 45.04 ? 177 PHE A CD2   1 
ATOM   1416 C  CE1   . PHE A 1 177 ? 2.043   -1.165  -18.585 1.00 45.06 ? 177 PHE A CE1   1 
ATOM   1417 C  CE2   . PHE A 1 177 ? 1.125   1.059   -18.720 1.00 45.61 ? 177 PHE A CE2   1 
ATOM   1418 C  CZ    . PHE A 1 177 ? 1.405   -0.170  -19.316 1.00 45.90 ? 177 PHE A CZ    1 
ATOM   1419 N  N     . GLU A 1 178 ? 4.898   2.351   -15.852 1.00 41.08 ? 178 GLU A N     1 
ATOM   1420 C  CA    . GLU A 1 178 ? 5.664   3.170   -16.775 1.00 41.87 ? 178 GLU A CA    1 
ATOM   1421 C  C     . GLU A 1 178 ? 7.074   2.623   -16.910 1.00 41.11 ? 178 GLU A C     1 
ATOM   1422 O  O     . GLU A 1 178 ? 7.610   2.524   -18.013 1.00 40.25 ? 178 GLU A O     1 
ATOM   1423 C  CB    . GLU A 1 178 ? 5.700   4.619   -16.288 1.00 44.03 ? 178 GLU A CB    1 
ATOM   1424 C  CG    . GLU A 1 178 ? 4.378   5.342   -16.488 1.00 49.67 ? 178 GLU A CG    1 
ATOM   1425 C  CD    . GLU A 1 178 ? 4.050   5.549   -17.961 1.00 52.84 ? 178 GLU A CD    1 
ATOM   1426 O  OE1   . GLU A 1 178 ? 2.887   5.891   -18.276 1.00 54.97 ? 178 GLU A OE1   1 
ATOM   1427 O  OE2   . GLU A 1 178 ? 4.960   5.378   -18.804 1.00 53.39 ? 178 GLU A OE2   1 
ATOM   1428 N  N     . TRP A 1 179 ? 7.672   2.259   -15.781 1.00 40.31 ? 179 TRP A N     1 
ATOM   1429 C  CA    . TRP A 1 179 ? 9.024   1.717   -15.787 1.00 39.89 ? 179 TRP A CA    1 
ATOM   1430 C  C     . TRP A 1 179 ? 9.071   0.418   -16.585 1.00 40.13 ? 179 TRP A C     1 
ATOM   1431 O  O     . TRP A 1 179 ? 10.046  0.153   -17.285 1.00 40.55 ? 179 TRP A O     1 
ATOM   1432 C  CB    . TRP A 1 179 ? 9.502   1.451   -14.359 1.00 39.05 ? 179 TRP A CB    1 
ATOM   1433 C  CG    . TRP A 1 179 ? 10.861  0.839   -14.312 1.00 36.79 ? 179 TRP A CG    1 
ATOM   1434 C  CD1   . TRP A 1 179 ? 12.055  1.491   -14.200 1.00 36.20 ? 179 TRP A CD1   1 
ATOM   1435 C  CD2   . TRP A 1 179 ? 11.173  -0.551  -14.444 1.00 35.40 ? 179 TRP A CD2   1 
ATOM   1436 N  NE1   . TRP A 1 179 ? 13.094  0.591   -14.259 1.00 36.10 ? 179 TRP A NE1   1 
ATOM   1437 C  CE2   . TRP A 1 179 ? 12.579  -0.669  -14.409 1.00 35.78 ? 179 TRP A CE2   1 
ATOM   1438 C  CE3   . TRP A 1 179 ? 10.399  -1.709  -14.593 1.00 35.65 ? 179 TRP A CE3   1 
ATOM   1439 C  CZ2   . TRP A 1 179 ? 13.231  -1.904  -14.514 1.00 35.51 ? 179 TRP A CZ2   1 
ATOM   1440 C  CZ3   . TRP A 1 179 ? 11.047  -2.938  -14.699 1.00 35.63 ? 179 TRP A CZ3   1 
ATOM   1441 C  CH2   . TRP A 1 179 ? 12.449  -3.024  -14.659 1.00 35.82 ? 179 TRP A CH2   1 
ATOM   1442 N  N     . LEU A 1 180 ? 8.017   -0.387  -16.470 1.00 39.73 ? 180 LEU A N     1 
ATOM   1443 C  CA    . LEU A 1 180 ? 7.932   -1.663  -17.175 1.00 41.32 ? 180 LEU A CA    1 
ATOM   1444 C  C     . LEU A 1 180 ? 7.866   -1.496  -18.692 1.00 43.33 ? 180 LEU A C     1 
ATOM   1445 O  O     . LEU A 1 180 ? 8.513   -2.239  -19.433 1.00 43.42 ? 180 LEU A O     1 
ATOM   1446 C  CB    . LEU A 1 180 ? 6.701   -2.449  -16.707 1.00 41.39 ? 180 LEU A CB    1 
ATOM   1447 C  CG    . LEU A 1 180 ? 6.708   -3.093  -15.316 1.00 40.69 ? 180 LEU A CG    1 
ATOM   1448 C  CD1   . LEU A 1 180 ? 5.328   -3.635  -15.005 1.00 39.86 ? 180 LEU A CD1   1 
ATOM   1449 C  CD2   . LEU A 1 180 ? 7.740   -4.206  -15.265 1.00 39.13 ? 180 LEU A CD2   1 
ATOM   1450 N  N     . LYS A 1 181 ? 7.075   -0.528  -19.145 1.00 44.24 ? 181 LYS A N     1 
ATOM   1451 C  CA    . LYS A 1 181 ? 6.911   -0.255  -20.568 1.00 45.61 ? 181 LYS A CA    1 
ATOM   1452 C  C     . LYS A 1 181 ? 8.232   0.086   -21.237 1.00 45.66 ? 181 LYS A C     1 
ATOM   1453 O  O     . LYS A 1 181 ? 8.548   -0.421  -22.312 1.00 46.48 ? 181 LYS A O     1 
ATOM   1454 C  CB    . LYS A 1 181 ? 5.949   0.915   -20.776 1.00 46.93 ? 181 LYS A CB    1 
ATOM   1455 C  CG    . LYS A 1 181 ? 4.513   0.644   -20.386 1.00 49.42 ? 181 LYS A CG    1 
ATOM   1456 C  CD    . LYS A 1 181 ? 3.669   1.910   -20.528 1.00 52.79 ? 181 LYS A CD    1 
ATOM   1457 C  CE    . LYS A 1 181 ? 3.650   2.432   -21.961 1.00 53.77 ? 181 LYS A CE    1 
ATOM   1458 N  NZ    . LYS A 1 181 ? 2.833   3.674   -22.078 1.00 54.15 ? 181 LYS A NZ    1 
ATOM   1459 N  N     . VAL A 1 182 ? 8.996   0.955   -20.590 1.00 46.03 ? 182 VAL A N     1 
ATOM   1460 C  CA    . VAL A 1 182 ? 10.277  1.408   -21.114 1.00 47.40 ? 182 VAL A CA    1 
ATOM   1461 C  C     . VAL A 1 182 ? 11.421  0.402   -20.990 1.00 49.14 ? 182 VAL A C     1 
ATOM   1462 O  O     . VAL A 1 182 ? 12.166  0.172   -21.946 1.00 49.63 ? 182 VAL A O     1 
ATOM   1463 C  CB    . VAL A 1 182 ? 10.708  2.714   -20.421 1.00 46.80 ? 182 VAL A CB    1 
ATOM   1464 C  CG1   . VAL A 1 182 ? 11.993  3.232   -21.039 1.00 47.38 ? 182 VAL A CG1   1 
ATOM   1465 C  CG2   . VAL A 1 182 ? 9.598   3.747   -20.533 1.00 46.52 ? 182 VAL A CG2   1 
ATOM   1466 N  N     . ASN A 1 183 ? 11.559  -0.189  -19.809 1.00 49.74 ? 183 ASN A N     1 
ATOM   1467 C  CA    . ASN A 1 183 ? 12.633  -1.139  -19.544 1.00 50.66 ? 183 ASN A CA    1 
ATOM   1468 C  C     . ASN A 1 183 ? 12.386  -2.579  -19.990 1.00 52.22 ? 183 ASN A C     1 
ATOM   1469 O  O     . ASN A 1 183 ? 13.332  -3.291  -20.345 1.00 51.70 ? 183 ASN A O     1 
ATOM   1470 C  CB    . ASN A 1 183 ? 12.964  -1.097  -18.054 1.00 49.27 ? 183 ASN A CB    1 
ATOM   1471 C  CG    . ASN A 1 183 ? 13.374  0.293   -17.594 1.00 48.79 ? 183 ASN A CG    1 
ATOM   1472 O  OD1   . ASN A 1 183 ? 14.535  0.680   -17.713 1.00 48.04 ? 183 ASN A OD1   1 
ATOM   1473 N  ND2   . ASN A 1 183 ? 12.413  1.058   -17.087 1.00 47.80 ? 183 ASN A ND2   1 
ATOM   1474 N  N     . LEU A 1 184 ? 11.125  -3.000  -19.968 1.00 55.05 ? 184 LEU A N     1 
ATOM   1475 C  CA    . LEU A 1 184 ? 10.534  -4.332  -20.032 1.00 58.73 ? 184 LEU A CA    1 
ATOM   1476 C  C     . LEU A 1 184 ? 9.431   -4.409  -21.091 1.00 61.15 ? 184 LEU A C     1 
ATOM   1477 O  O     . LEU A 1 184 ? 8.289   -4.755  -20.821 1.00 62.35 ? 184 LEU A O     1 
ATOM   1478 C  CB    . LEU A 1 184 ? 9.959   -4.665  -18.656 1.00 59.86 ? 184 LEU A CB    1 
ATOM   1479 C  CG    . LEU A 1 184 ? 10.987  -5.332  -17.739 1.00 60.29 ? 184 LEU A CG    1 
ATOM   1480 C  CD1   . LEU A 1 184 ? 10.334  -6.237  -16.692 1.00 60.68 ? 184 LEU A CD1   1 
ATOM   1481 C  CD2   . LEU A 1 184 ? 11.981  -6.207  -18.501 1.00 60.70 ? 184 LEU A CD2   1 
ATOM   1482 N  N     . LYS A 1 185 ? 9.803   -4.029  -22.328 1.00 62.81 ? 185 LYS A N     1 
ATOM   1483 C  CA    . LYS A 1 185 ? 8.831   -4.067  -23.413 1.00 64.40 ? 185 LYS A CA    1 
ATOM   1484 C  C     . LYS A 1 185 ? 8.168   -5.441  -23.528 1.00 65.44 ? 185 LYS A C     1 
ATOM   1485 O  O     . LYS A 1 185 ? 7.080   -5.593  -24.067 1.00 66.31 ? 185 LYS A O     1 
ATOM   1486 C  CB    . LYS A 1 185 ? 9.556   -3.727  -24.716 1.00 64.29 ? 185 LYS A CB    1 
ATOM   1487 C  CG    . LYS A 1 185 ? 10.439  -2.484  -24.583 1.00 64.12 ? 185 LYS A CG    1 
ATOM   1488 C  CD    . LYS A 1 185 ? 11.784  -2.649  -25.293 1.00 64.88 ? 185 LYS A CD    1 
ATOM   1489 C  CE    . LYS A 1 185 ? 12.882  -1.773  -24.680 1.00 64.56 ? 185 LYS A CE    1 
ATOM   1490 N  NZ    . LYS A 1 185 ? 13.962  -1.590  -25.648 1.00 64.71 ? 185 LYS A NZ    1 
HETATM 1491 NA NA    . NA  B 2 .   ? 4.595   -5.570  3.598   1.00 31.02 ? 301 NA  A NA    1 
HETATM 1492 P  PG    . ITT C 3 .   ? 2.040   -8.151  3.355   1.00 22.52 ? 201 ITT A PG    1 
HETATM 1493 O  O1G   . ITT C 3 .   ? 2.193   -7.546  2.076   1.00 22.01 ? 201 ITT A O1G   1 
HETATM 1494 O  O2G   . ITT C 3 .   ? 3.060   -7.696  4.321   1.00 18.24 ? 201 ITT A O2G   1 
HETATM 1495 O  O3G   . ITT C 3 .   ? 2.134   -9.606  3.265   1.00 22.80 ? 201 ITT A O3G   1 
HETATM 1496 P  PB    . ITT C 3 .   ? 0.295   -6.736  5.273   1.00 28.07 ? 201 ITT A PB    1 
HETATM 1497 O  O1B   . ITT C 3 .   ? -0.850  -6.009  4.790   1.00 31.28 ? 201 ITT A O1B   1 
HETATM 1498 O  O2B   . ITT C 3 .   ? 0.219   -7.428  6.562   1.00 37.38 ? 201 ITT A O2B   1 
HETATM 1499 O  O3B   . ITT C 3 .   ? 0.714   -7.743  4.233   1.00 27.26 ? 201 ITT A O3B   1 
HETATM 1500 P  PA    . ITT C 3 .   ? 1.726   -4.290  5.333   1.00 34.07 ? 201 ITT A PA    1 
HETATM 1501 O  O1A   . ITT C 3 .   ? 2.998   -4.339  6.218   1.00 30.87 ? 201 ITT A O1A   1 
HETATM 1502 O  O2A   . ITT C 3 .   ? 2.136   -3.681  3.983   1.00 29.52 ? 201 ITT A O2A   1 
HETATM 1503 O  O3A   . ITT C 3 .   ? 1.498   -5.848  5.521   1.00 33.62 ? 201 ITT A O3A   1 
HETATM 1504 O  "O5'" . ITT C 3 .   ? 0.568   -3.560  6.154   1.00 31.81 ? 201 ITT A "O5'" 1 
HETATM 1505 C  "C5'" . ITT C 3 .   ? 0.310   -2.094  6.312   1.00 29.84 ? 201 ITT A "C5'" 1 
HETATM 1506 C  "C4'" . ITT C 3 .   ? -0.973  -1.916  6.692   1.00 28.98 ? 201 ITT A "C4'" 1 
HETATM 1507 O  "O4'" . ITT C 3 .   ? -1.095  -0.594  5.974   1.00 26.21 ? 201 ITT A "O4'" 1 
HETATM 1508 C  "C3'" . ITT C 3 .   ? -2.038  -2.975  6.298   1.00 27.82 ? 201 ITT A "C3'" 1 
HETATM 1509 O  "O3'" . ITT C 3 .   ? -2.225  -4.097  7.053   1.00 30.28 ? 201 ITT A "O3'" 1 
HETATM 1510 C  "C2'" . ITT C 3 .   ? -3.207  -1.945  6.058   1.00 28.23 ? 201 ITT A "C2'" 1 
HETATM 1511 O  "O2'" . ITT C 3 .   ? -3.909  -1.971  7.380   1.00 30.10 ? 201 ITT A "O2'" 1 
HETATM 1512 C  "C1'" . ITT C 3 .   ? -2.580  -0.610  5.701   1.00 23.67 ? 201 ITT A "C1'" 1 
HETATM 1513 N  N9    . ITT C 3 .   ? -2.918  -0.229  4.401   1.00 21.87 ? 201 ITT A N9    1 
HETATM 1514 C  C8    . ITT C 3 .   ? -2.142  -0.185  3.233   1.00 20.78 ? 201 ITT A C8    1 
HETATM 1515 N  N7    . ITT C 3 .   ? -2.674  0.211   2.118   1.00 22.69 ? 201 ITT A N7    1 
HETATM 1516 C  C5    . ITT C 3 .   ? -3.943  0.477   2.587   1.00 21.73 ? 201 ITT A C5    1 
HETATM 1517 C  C6    . ITT C 3 .   ? -5.054  0.948   1.910   1.00 21.08 ? 201 ITT A C6    1 
HETATM 1518 O  O6    . ITT C 3 .   ? -5.145  1.247   0.625   1.00 24.55 ? 201 ITT A O6    1 
HETATM 1519 N  N1    . ITT C 3 .   ? -6.311  1.139   2.668   1.00 21.22 ? 201 ITT A N1    1 
HETATM 1520 C  C2    . ITT C 3 .   ? -6.326  0.841   4.059   1.00 20.20 ? 201 ITT A C2    1 
HETATM 1521 N  N3    . ITT C 3 .   ? -5.286  0.392   4.777   1.00 18.94 ? 201 ITT A N3    1 
HETATM 1522 C  C4    . ITT C 3 .   ? -4.114  0.217   3.986   1.00 21.46 ? 201 ITT A C4    1 
HETATM 1523 O  O     . HOH D 4 .   ? 12.191  -6.246  5.737   1.00 10.67 ? 302 HOH A O     1 
HETATM 1524 O  O     . HOH D 4 .   ? 9.123   -0.594  17.942  1.00 15.81 ? 303 HOH A O     1 
HETATM 1525 O  O     . HOH D 4 .   ? 16.812  -2.311  4.874   1.00 19.52 ? 304 HOH A O     1 
HETATM 1526 O  O     . HOH D 4 .   ? 6.653   4.387   10.621  1.00 19.27 ? 305 HOH A O     1 
HETATM 1527 O  O     . HOH D 4 .   ? -3.466  14.549  11.821  1.00 20.42 ? 306 HOH A O     1 
HETATM 1528 O  O     . HOH D 4 .   ? 2.217   -2.732  8.943   1.00 15.83 ? 307 HOH A O     1 
HETATM 1529 O  O     . HOH D 4 .   ? -14.920 17.362  8.559   1.00 21.23 ? 308 HOH A O     1 
HETATM 1530 O  O     . HOH D 4 .   ? -11.417 -5.334  -2.505  1.00 24.59 ? 309 HOH A O     1 
HETATM 1531 O  O     . HOH D 4 .   ? 15.057  -3.720  12.599  1.00 18.15 ? 310 HOH A O     1 
HETATM 1532 O  O     . HOH D 4 .   ? -9.038  15.012  2.334   1.00 30.90 ? 311 HOH A O     1 
HETATM 1533 O  O     . HOH D 4 .   ? -14.145 17.481  12.146  1.00 43.14 ? 312 HOH A O     1 
HETATM 1534 O  O     . HOH D 4 .   ? 17.372  -5.406  -1.820  1.00 26.04 ? 313 HOH A O     1 
HETATM 1535 O  O     . HOH D 4 .   ? 8.245   5.815   5.082   1.00 31.60 ? 314 HOH A O     1 
HETATM 1536 O  O     . HOH D 4 .   ? 3.043   10.107  -5.094  1.00 22.31 ? 315 HOH A O     1 
HETATM 1537 O  O     . HOH D 4 .   ? 14.228  -15.339 -6.428  1.00 25.16 ? 316 HOH A O     1 
HETATM 1538 O  O     . HOH D 4 .   ? -16.899 14.468  3.379   1.00 24.84 ? 317 HOH A O     1 
HETATM 1539 O  O     . HOH D 4 .   ? 4.038   -11.366 3.195   1.00 26.18 ? 318 HOH A O     1 
HETATM 1540 O  O     . HOH D 4 .   ? -11.607 11.448  16.131  1.00 20.67 ? 319 HOH A O     1 
HETATM 1541 O  O     . HOH D 4 .   ? 18.347  -16.545 4.552   1.00 33.89 ? 320 HOH A O     1 
HETATM 1542 O  O     . HOH D 4 .   ? 18.325  -14.077 -0.518  1.00 31.38 ? 321 HOH A O     1 
HETATM 1543 O  O     . HOH D 4 .   ? 5.718   -14.455 -18.472 1.00 40.00 ? 322 HOH A O     1 
HETATM 1544 O  O     . HOH D 4 .   ? 3.472   -13.665 1.918   1.00 19.66 ? 323 HOH A O     1 
HETATM 1545 O  O     . HOH D 4 .   ? 10.653  1.736   13.958  1.00 25.02 ? 324 HOH A O     1 
HETATM 1546 O  O     . HOH D 4 .   ? 4.368   -7.765  0.205   1.00 18.37 ? 325 HOH A O     1 
HETATM 1547 O  O     . HOH D 4 .   ? 11.521  -18.002 -12.006 1.00 35.56 ? 326 HOH A O     1 
HETATM 1548 O  O     . HOH D 4 .   ? 12.290  -15.819 -14.440 1.00 29.57 ? 327 HOH A O     1 
HETATM 1549 O  O     . HOH D 4 .   ? 0.544   -19.194 -2.244  1.00 36.09 ? 328 HOH A O     1 
HETATM 1550 O  O     . HOH D 4 .   ? -7.117  -7.387  3.063   1.00 36.71 ? 329 HOH A O     1 
HETATM 1551 O  O     . HOH D 4 .   ? 17.820  0.657   -8.067  1.00 43.10 ? 330 HOH A O     1 
HETATM 1552 O  O     . HOH D 4 .   ? -2.441  13.605  -2.599  1.00 26.93 ? 331 HOH A O     1 
HETATM 1553 O  O     . HOH D 4 .   ? -14.471 8.554   18.403  1.00 43.54 ? 332 HOH A O     1 
HETATM 1554 O  O     . HOH D 4 .   ? -3.646  6.897   -7.761  1.00 24.03 ? 333 HOH A O     1 
HETATM 1555 O  O     . HOH D 4 .   ? -10.208 -5.561  7.412   1.00 43.74 ? 334 HOH A O     1 
HETATM 1556 O  O     . HOH D 4 .   ? 5.722   -2.793  7.650   1.00 35.49 ? 335 HOH A O     1 
HETATM 1557 O  O     . HOH D 4 .   ? -11.595 -2.031  7.500   1.00 28.41 ? 336 HOH A O     1 
HETATM 1558 O  O     . HOH D 4 .   ? 5.589   11.068  8.415   1.00 31.22 ? 337 HOH A O     1 
HETATM 1559 O  O     . HOH D 4 .   ? -22.392 -0.705  0.650   1.00 42.68 ? 338 HOH A O     1 
HETATM 1560 O  O     . HOH D 4 .   ? -16.671 16.296  6.700   1.00 27.04 ? 339 HOH A O     1 
HETATM 1561 O  O     . HOH D 4 .   ? -15.754 1.708   -10.857 1.00 38.00 ? 340 HOH A O     1 
HETATM 1562 O  O     . HOH D 4 .   ? -4.314  -4.550  8.516   1.00 32.88 ? 341 HOH A O     1 
HETATM 1563 O  O     . HOH D 4 .   ? 5.100   12.653  21.438  1.00 46.62 ? 342 HOH A O     1 
HETATM 1564 O  O     . HOH D 4 .   ? 7.069   -13.219 -16.620 1.00 35.98 ? 343 HOH A O     1 
HETATM 1565 O  O     . HOH D 4 .   ? -16.827 8.212   15.656  1.00 34.02 ? 344 HOH A O     1 
HETATM 1566 O  O     . HOH D 4 .   ? -13.234 15.463  17.663  1.00 34.70 ? 345 HOH A O     1 
HETATM 1567 O  O     . HOH D 4 .   ? 3.442   -8.852  7.340   1.00 36.08 ? 346 HOH A O     1 
HETATM 1568 O  O     . HOH D 4 .   ? 18.600  -7.429  -3.429  1.00 39.89 ? 347 HOH A O     1 
HETATM 1569 O  O     . HOH D 4 .   ? -9.679  -7.882  2.351   1.00 37.89 ? 348 HOH A O     1 
HETATM 1570 O  O     . HOH D 4 .   ? -5.515  1.560   -4.534  1.00 27.92 ? 349 HOH A O     1 
HETATM 1571 O  O     . HOH D 4 .   ? -7.531  -0.354  -11.601 1.00 29.71 ? 350 HOH A O     1 
HETATM 1572 O  O     . HOH D 4 .   ? 5.823   -11.554 5.045   1.00 24.33 ? 351 HOH A O     1 
HETATM 1573 O  O     . HOH D 4 .   ? 15.017  4.594   0.045   1.00 41.99 ? 352 HOH A O     1 
HETATM 1574 O  O     . HOH D 4 .   ? 18.656  -4.178  3.482   1.00 34.27 ? 353 HOH A O     1 
HETATM 1575 O  O     . HOH D 4 .   ? 20.713  -8.000  3.718   1.00 39.88 ? 354 HOH A O     1 
HETATM 1576 O  O     . HOH D 4 .   ? 18.322  -9.329  3.808   1.00 51.04 ? 355 HOH A O     1 
HETATM 1577 O  O     . HOH D 4 .   ? -11.395 -1.972  13.461  1.00 31.92 ? 356 HOH A O     1 
HETATM 1578 O  O     . HOH D 4 .   ? -12.362 -0.751  15.565  1.00 31.95 ? 357 HOH A O     1 
HETATM 1579 O  O     . HOH D 4 .   ? -13.273 5.900   18.880  1.00 41.41 ? 358 HOH A O     1 
HETATM 1580 O  O     . HOH D 4 .   ? -11.777 15.040  8.703   1.00 25.75 ? 359 HOH A O     1 
HETATM 1581 O  O     . HOH D 4 .   ? -10.763 17.770  9.175   1.00 27.38 ? 360 HOH A O     1 
HETATM 1582 O  O     . HOH D 4 .   ? -14.321 14.877  9.296   1.00 31.28 ? 361 HOH A O     1 
HETATM 1583 O  O     . HOH D 4 .   ? 6.205   8.048   12.482  1.00 35.47 ? 362 HOH A O     1 
HETATM 1584 O  O     . HOH D 4 .   ? 13.951  1.151   13.897  1.00 31.23 ? 363 HOH A O     1 
HETATM 1585 O  O     . HOH D 4 .   ? 6.554   8.352   5.087   1.00 40.24 ? 364 HOH A O     1 
HETATM 1586 O  O     . HOH D 4 .   ? -4.329  20.275  2.833   1.00 39.60 ? 365 HOH A O     1 
HETATM 1587 O  O     . HOH D 4 .   ? -12.089 0.958   -1.682  1.00 37.55 ? 366 HOH A O     1 
HETATM 1588 O  O     . HOH D 4 .   ? -10.465 -1.261  -3.266  1.00 36.25 ? 367 HOH A O     1 
HETATM 1589 O  O     . HOH D 4 .   ? -9.346  -3.777  -1.800  1.00 42.65 ? 368 HOH A O     1 
HETATM 1590 O  O     . HOH D 4 .   ? -14.956 -3.045  -6.563  1.00 32.82 ? 369 HOH A O     1 
HETATM 1591 O  O     . HOH D 4 .   ? -14.287 -4.318  -8.918  1.00 50.86 ? 370 HOH A O     1 
HETATM 1592 O  O     . HOH D 4 .   ? -13.533 -1.591  -10.250 1.00 41.07 ? 371 HOH A O     1 
HETATM 1593 O  O     . HOH D 4 .   ? 3.063   7.836   -9.849  1.00 41.08 ? 372 HOH A O     1 
HETATM 1594 O  O     . HOH D 4 .   ? 4.476   8.199   -12.611 1.00 38.01 ? 373 HOH A O     1 
HETATM 1595 O  O     . HOH D 4 .   ? 5.982   9.247   -3.590  1.00 47.63 ? 374 HOH A O     1 
HETATM 1596 O  O     . HOH D 4 .   ? -2.749  9.140   -10.099 1.00 51.57 ? 375 HOH A O     1 
HETATM 1597 O  O     . HOH D 4 .   ? -4.672  11.399  -5.069  1.00 36.48 ? 376 HOH A O     1 
HETATM 1598 O  O     . HOH D 4 .   ? -6.217  13.275  -3.834  1.00 56.15 ? 377 HOH A O     1 
HETATM 1599 O  O     . HOH D 4 .   ? -13.787 17.617  1.850   1.00 44.06 ? 378 HOH A O     1 
HETATM 1600 O  O     . HOH D 4 .   ? -20.549 2.020   0.200   1.00 47.57 ? 379 HOH A O     1 
HETATM 1601 O  O     . HOH D 4 .   ? -9.681  -4.337  14.231  1.00 44.44 ? 380 HOH A O     1 
HETATM 1602 O  O     . HOH D 4 .   ? -10.643 -6.250  12.388  1.00 45.75 ? 381 HOH A O     1 
# 
loop_
_pdbx_poly_seq_scheme.asym_id 
_pdbx_poly_seq_scheme.entity_id 
_pdbx_poly_seq_scheme.seq_id 
_pdbx_poly_seq_scheme.mon_id 
_pdbx_poly_seq_scheme.ndb_seq_num 
_pdbx_poly_seq_scheme.pdb_seq_num 
_pdbx_poly_seq_scheme.auth_seq_num 
_pdbx_poly_seq_scheme.pdb_mon_id 
_pdbx_poly_seq_scheme.auth_mon_id 
_pdbx_poly_seq_scheme.pdb_strand_id 
_pdbx_poly_seq_scheme.pdb_ins_code 
_pdbx_poly_seq_scheme.hetero 
A 1 1   MET 1   1   1   MET MET A . n 
A 1 2   LYS 2   2   2   LYS LYS A . n 
A 1 3   ILE 3   3   3   ILE ILE A . n 
A 1 4   PHE 4   4   4   PHE PHE A . n 
A 1 5   PHE 5   5   5   PHE PHE A . n 
A 1 6   ILE 6   6   6   ILE ILE A . n 
A 1 7   THR 7   7   7   THR THR A . n 
A 1 8   SER 8   8   8   SER SER A . n 
A 1 9   ASN 9   9   9   ASN ASN A . n 
A 1 10  PRO 10  10  10  PRO PRO A . n 
A 1 11  GLY 11  11  11  GLY GLY A . n 
A 1 12  LYS 12  12  12  LYS LYS A . n 
A 1 13  VAL 13  13  13  VAL VAL A . n 
A 1 14  ARG 14  14  14  ARG ARG A . n 
A 1 15  GLU 15  15  15  GLU GLU A . n 
A 1 16  VAL 16  16  16  VAL VAL A . n 
A 1 17  ALA 17  17  17  ALA ALA A . n 
A 1 18  ASN 18  18  18  ASN ASN A . n 
A 1 19  PHE 19  19  19  PHE PHE A . n 
A 1 20  LEU 20  20  20  LEU LEU A . n 
A 1 21  GLY 21  21  21  GLY GLY A . n 
A 1 22  THR 22  22  22  THR THR A . n 
A 1 23  PHE 23  23  23  PHE PHE A . n 
A 1 24  GLY 24  24  24  GLY GLY A . n 
A 1 25  ILE 25  25  25  ILE ILE A . n 
A 1 26  GLU 26  26  26  GLU GLU A . n 
A 1 27  ILE 27  27  27  ILE ILE A . n 
A 1 28  VAL 28  28  28  VAL VAL A . n 
A 1 29  GLN 29  29  29  GLN GLN A . n 
A 1 30  LEU 30  30  30  LEU LEU A . n 
A 1 31  LYS 31  31  31  LYS LYS A . n 
A 1 32  HIS 32  32  32  HIS HIS A . n 
A 1 33  GLU 33  33  33  GLU GLU A . n 
A 1 34  TYR 34  34  34  TYR TYR A . n 
A 1 35  PRO 35  35  35  PRO PRO A . n 
A 1 36  GLU 36  36  36  GLU GLU A . n 
A 1 37  ILE 37  37  37  ILE ILE A . n 
A 1 38  GLN 38  38  38  GLN GLN A . n 
A 1 39  ALA 39  39  39  ALA ALA A . n 
A 1 40  GLU 40  40  40  GLU GLU A . n 
A 1 41  LYS 41  41  41  LYS LYS A . n 
A 1 42  LEU 42  42  42  LEU LEU A . n 
A 1 43  GLU 43  43  43  GLU GLU A . n 
A 1 44  ASP 44  44  44  ASP ASP A . n 
A 1 45  VAL 45  45  45  VAL VAL A . n 
A 1 46  VAL 46  46  46  VAL VAL A . n 
A 1 47  ASP 47  47  47  ASP ASP A . n 
A 1 48  PHE 48  48  48  PHE PHE A . n 
A 1 49  GLY 49  49  49  GLY GLY A . n 
A 1 50  ILE 50  50  50  ILE ILE A . n 
A 1 51  SER 51  51  51  SER SER A . n 
A 1 52  TRP 52  52  52  TRP TRP A . n 
A 1 53  LEU 53  53  53  LEU LEU A . n 
A 1 54  LYS 54  54  54  LYS LYS A . n 
A 1 55  GLY 55  55  55  GLY GLY A . n 
A 1 56  LYS 56  56  56  LYS LYS A . n 
A 1 57  VAL 57  57  57  VAL VAL A . n 
A 1 58  PRO 58  58  58  PRO PRO A . n 
A 1 59  GLU 59  59  59  GLU GLU A . n 
A 1 60  PRO 60  60  60  PRO PRO A . n 
A 1 61  PHE 61  61  61  PHE PHE A . n 
A 1 62  MET 62  62  62  MET MET A . n 
A 1 63  ILE 63  63  63  ILE ILE A . n 
A 1 64  GLU 64  64  64  GLU GLU A . n 
A 1 65  ASP 65  65  65  ASP ASP A . n 
A 1 66  SER 66  66  66  SER SER A . n 
A 1 67  GLY 67  67  67  GLY GLY A . n 
A 1 68  LEU 68  68  68  LEU LEU A . n 
A 1 69  PHE 69  69  69  PHE PHE A . n 
A 1 70  ILE 70  70  70  ILE ILE A . n 
A 1 71  GLU 71  71  71  GLU GLU A . n 
A 1 72  SER 72  72  72  SER SER A . n 
A 1 73  LEU 73  73  73  LEU LEU A . n 
A 1 74  LYS 74  74  74  LYS LYS A . n 
A 1 75  GLY 75  75  75  GLY GLY A . n 
A 1 76  PHE 76  76  76  PHE PHE A . n 
A 1 77  PRO 77  77  77  PRO PRO A . n 
A 1 78  GLY 78  78  78  GLY GLY A . n 
A 1 79  VAL 79  79  79  VAL VAL A . n 
A 1 80  TYR 80  80  80  TYR TYR A . n 
A 1 81  SER 81  81  81  SER SER A . n 
A 1 82  SER 82  82  82  SER SER A . n 
A 1 83  TYR 83  83  83  TYR TYR A . n 
A 1 84  VAL 84  84  84  VAL VAL A . n 
A 1 85  TYR 85  85  85  TYR TYR A . n 
A 1 86  ARG 86  86  86  ARG ARG A . n 
A 1 87  THR 87  87  87  THR THR A . n 
A 1 88  ILE 88  88  88  ILE ILE A . n 
A 1 89  GLY 89  89  89  GLY GLY A . n 
A 1 90  LEU 90  90  90  LEU LEU A . n 
A 1 91  GLU 91  91  91  GLU GLU A . n 
A 1 92  GLY 92  92  92  GLY GLY A . n 
A 1 93  ILE 93  93  93  ILE ILE A . n 
A 1 94  LEU 94  94  94  LEU LEU A . n 
A 1 95  LYS 95  95  95  LYS LYS A . n 
A 1 96  LEU 96  96  96  LEU LEU A . n 
A 1 97  MET 97  97  97  MET MET A . n 
A 1 98  GLU 98  98  98  GLU GLU A . n 
A 1 99  GLY 99  99  99  GLY GLY A . n 
A 1 100 ALA 100 100 100 ALA ALA A . n 
A 1 101 GLU 101 101 101 GLU GLU A . n 
A 1 102 ASP 102 102 102 ASP ASP A . n 
A 1 103 ARG 103 103 103 ARG ARG A . n 
A 1 104 ARG 104 104 104 ARG ARG A . n 
A 1 105 ALA 105 105 105 ALA ALA A . n 
A 1 106 TYR 106 106 106 TYR TYR A . n 
A 1 107 PHE 107 107 107 PHE PHE A . n 
A 1 108 LYS 108 108 108 LYS LYS A . n 
A 1 109 SER 109 109 109 SER SER A . n 
A 1 110 VAL 110 110 110 VAL VAL A . n 
A 1 111 ILE 111 111 111 ILE ILE A . n 
A 1 112 GLY 112 112 112 GLY GLY A . n 
A 1 113 PHE 113 113 113 PHE PHE A . n 
A 1 114 TYR 114 114 114 TYR TYR A . n 
A 1 115 ILE 115 115 115 ILE ILE A . n 
A 1 116 ASP 116 116 116 ASP ASP A . n 
A 1 117 GLY 117 117 117 GLY GLY A . n 
A 1 118 LYS 118 118 118 LYS LYS A . n 
A 1 119 ALA 119 119 119 ALA ALA A . n 
A 1 120 TYR 120 120 120 TYR TYR A . n 
A 1 121 LYS 121 121 121 LYS LYS A . n 
A 1 122 PHE 122 122 122 PHE PHE A . n 
A 1 123 SER 123 123 123 SER SER A . n 
A 1 124 GLY 124 124 124 GLY GLY A . n 
A 1 125 VAL 125 125 125 VAL VAL A . n 
A 1 126 THR 126 126 126 THR THR A . n 
A 1 127 TRP 127 127 127 TRP TRP A . n 
A 1 128 GLY 128 128 128 GLY GLY A . n 
A 1 129 ARG 129 129 129 ARG ARG A . n 
A 1 130 ILE 130 130 130 ILE ILE A . n 
A 1 131 SER 131 131 131 SER SER A . n 
A 1 132 ASN 132 132 132 ASN ASN A . n 
A 1 133 GLU 133 133 133 GLU GLU A . n 
A 1 134 LYS 134 134 134 LYS LYS A . n 
A 1 135 ARG 135 135 135 ARG ARG A . n 
A 1 136 GLY 136 136 136 GLY GLY A . n 
A 1 137 THR 137 137 137 THR THR A . n 
A 1 138 HIS 138 138 138 HIS HIS A . n 
A 1 139 GLY 139 139 139 GLY GLY A . n 
A 1 140 PHE 140 140 140 PHE PHE A . n 
A 1 141 GLY 141 141 141 GLY GLY A . n 
A 1 142 TYR 142 142 142 TYR TYR A . n 
A 1 143 ASP 143 143 143 ASP ASP A . n 
A 1 144 PRO 144 144 144 PRO PRO A . n 
A 1 145 ILE 145 145 145 ILE ILE A . n 
A 1 146 PHE 146 146 146 PHE PHE A . n 
A 1 147 ILE 147 147 147 ILE ILE A . n 
A 1 148 PRO 148 148 148 PRO PRO A . n 
A 1 149 GLU 149 149 149 GLU GLU A . n 
A 1 150 GLY 150 150 150 GLY GLY A . n 
A 1 151 SER 151 151 151 SER SER A . n 
A 1 152 GLU 152 152 152 GLU GLU A . n 
A 1 153 LYS 153 153 153 LYS LYS A . n 
A 1 154 THR 154 154 154 THR THR A . n 
A 1 155 PHE 155 155 155 PHE PHE A . n 
A 1 156 ALA 156 156 156 ALA ALA A . n 
A 1 157 GLU 157 157 157 GLU GLU A . n 
A 1 158 MET 158 158 158 MET MET A . n 
A 1 159 THR 159 159 159 THR THR A . n 
A 1 160 ILE 160 160 160 ILE ILE A . n 
A 1 161 GLU 161 161 161 GLU GLU A . n 
A 1 162 GLU 162 162 162 GLU GLU A . n 
A 1 163 LYS 163 163 163 LYS LYS A . n 
A 1 164 ASN 164 164 164 ASN ASN A . n 
A 1 165 ALA 165 165 165 ALA ALA A . n 
A 1 166 LEU 166 166 166 LEU LEU A . n 
A 1 167 SER 167 167 167 SER SER A . n 
A 1 168 HIS 168 168 168 HIS HIS A . n 
A 1 169 ARG 169 169 169 ARG ARG A . n 
A 1 170 GLY 170 170 170 GLY GLY A . n 
A 1 171 LYS 171 171 171 LYS LYS A . n 
A 1 172 ALA 172 172 172 ALA ALA A . n 
A 1 173 LEU 173 173 173 LEU LEU A . n 
A 1 174 LYS 174 174 174 LYS LYS A . n 
A 1 175 ALA 175 175 175 ALA ALA A . n 
A 1 176 PHE 176 176 176 PHE PHE A . n 
A 1 177 PHE 177 177 177 PHE PHE A . n 
A 1 178 GLU 178 178 178 GLU GLU A . n 
A 1 179 TRP 179 179 179 TRP TRP A . n 
A 1 180 LEU 180 180 180 LEU LEU A . n 
A 1 181 LYS 181 181 181 LYS LYS A . n 
A 1 182 VAL 182 182 182 VAL VAL A . n 
A 1 183 ASN 183 183 183 ASN ASN A . n 
A 1 184 LEU 184 184 184 LEU LEU A . n 
A 1 185 LYS 185 185 185 LYS LYS A . n 
A 1 186 TYR 186 186 ?   ?   ?   A . n 
# 
_pdbx_SG_project.id                    1 
_pdbx_SG_project.project_name          'NPPSFA, National Project on Protein Structural and Functional Analyses' 
_pdbx_SG_project.full_name_of_center   'RIKEN Structural Genomics/Proteomics Initiative' 
_pdbx_SG_project.initial_of_center     RSGI 
# 
loop_
_pdbx_nonpoly_scheme.asym_id 
_pdbx_nonpoly_scheme.entity_id 
_pdbx_nonpoly_scheme.mon_id 
_pdbx_nonpoly_scheme.ndb_seq_num 
_pdbx_nonpoly_scheme.pdb_seq_num 
_pdbx_nonpoly_scheme.auth_seq_num 
_pdbx_nonpoly_scheme.pdb_mon_id 
_pdbx_nonpoly_scheme.auth_mon_id 
_pdbx_nonpoly_scheme.pdb_strand_id 
_pdbx_nonpoly_scheme.pdb_ins_code 
B 2 NA  1  301 301 NA  NA  A . 
C 3 ITT 1  201 201 ITT XXX A . 
D 4 HOH 1  302 1   HOH HOH A . 
D 4 HOH 2  303 2   HOH HOH A . 
D 4 HOH 3  304 3   HOH HOH A . 
D 4 HOH 4  305 4   HOH HOH A . 
D 4 HOH 5  306 5   HOH HOH A . 
D 4 HOH 6  307 6   HOH HOH A . 
D 4 HOH 7  308 7   HOH HOH A . 
D 4 HOH 8  309 8   HOH HOH A . 
D 4 HOH 9  310 9   HOH HOH A . 
D 4 HOH 10 311 10  HOH HOH A . 
D 4 HOH 11 312 11  HOH HOH A . 
D 4 HOH 12 313 12  HOH HOH A . 
D 4 HOH 13 314 13  HOH HOH A . 
D 4 HOH 14 315 14  HOH HOH A . 
D 4 HOH 15 316 15  HOH HOH A . 
D 4 HOH 16 317 16  HOH HOH A . 
D 4 HOH 17 318 17  HOH HOH A . 
D 4 HOH 18 319 18  HOH HOH A . 
D 4 HOH 19 320 19  HOH HOH A . 
D 4 HOH 20 321 20  HOH HOH A . 
D 4 HOH 21 322 21  HOH HOH A . 
D 4 HOH 22 323 22  HOH HOH A . 
D 4 HOH 23 324 23  HOH HOH A . 
D 4 HOH 24 325 24  HOH HOH A . 
D 4 HOH 25 326 25  HOH HOH A . 
D 4 HOH 26 327 26  HOH HOH A . 
D 4 HOH 27 328 27  HOH HOH A . 
D 4 HOH 28 329 28  HOH HOH A . 
D 4 HOH 29 330 29  HOH HOH A . 
D 4 HOH 30 331 30  HOH HOH A . 
D 4 HOH 31 332 31  HOH HOH A . 
D 4 HOH 32 333 32  HOH HOH A . 
D 4 HOH 33 334 33  HOH HOH A . 
D 4 HOH 34 335 34  HOH HOH A . 
D 4 HOH 35 336 35  HOH HOH A . 
D 4 HOH 36 337 36  HOH HOH A . 
D 4 HOH 37 338 37  HOH HOH A . 
D 4 HOH 38 339 38  HOH HOH A . 
D 4 HOH 39 340 39  HOH HOH A . 
D 4 HOH 40 341 40  HOH HOH A . 
D 4 HOH 41 342 41  HOH HOH A . 
D 4 HOH 42 343 42  HOH HOH A . 
D 4 HOH 43 344 43  HOH HOH A . 
D 4 HOH 44 345 44  HOH HOH A . 
D 4 HOH 45 346 45  HOH HOH A . 
D 4 HOH 46 347 46  HOH HOH A . 
D 4 HOH 47 348 47  HOH HOH A . 
D 4 HOH 48 349 48  HOH HOH A . 
D 4 HOH 49 350 49  HOH HOH A . 
D 4 HOH 50 351 50  HOH HOH A . 
D 4 HOH 51 352 51  HOH HOH A . 
D 4 HOH 52 353 52  HOH HOH A . 
D 4 HOH 53 354 53  HOH HOH A . 
D 4 HOH 54 355 54  HOH HOH A . 
D 4 HOH 55 356 55  HOH HOH A . 
D 4 HOH 56 357 56  HOH HOH A . 
D 4 HOH 57 358 57  HOH HOH A . 
D 4 HOH 58 359 58  HOH HOH A . 
D 4 HOH 59 360 59  HOH HOH A . 
D 4 HOH 60 361 60  HOH HOH A . 
D 4 HOH 61 362 61  HOH HOH A . 
D 4 HOH 62 363 62  HOH HOH A . 
D 4 HOH 63 364 63  HOH HOH A . 
D 4 HOH 64 365 64  HOH HOH A . 
D 4 HOH 65 366 65  HOH HOH A . 
D 4 HOH 66 367 66  HOH HOH A . 
D 4 HOH 67 368 67  HOH HOH A . 
D 4 HOH 68 369 68  HOH HOH A . 
D 4 HOH 69 370 69  HOH HOH A . 
D 4 HOH 70 371 70  HOH HOH A . 
D 4 HOH 71 372 71  HOH HOH A . 
D 4 HOH 72 373 72  HOH HOH A . 
D 4 HOH 73 374 73  HOH HOH A . 
D 4 HOH 74 375 74  HOH HOH A . 
D 4 HOH 75 376 75  HOH HOH A . 
D 4 HOH 76 377 76  HOH HOH A . 
D 4 HOH 77 378 77  HOH HOH A . 
D 4 HOH 78 379 78  HOH HOH A . 
D 4 HOH 79 380 79  HOH HOH A . 
D 4 HOH 80 381 80  HOH HOH A . 
# 
_pdbx_struct_assembly.id                   1 
_pdbx_struct_assembly.details              author_defined_assembly 
_pdbx_struct_assembly.method_details       ? 
_pdbx_struct_assembly.oligomeric_details   dimeric 
_pdbx_struct_assembly.oligomeric_count     2 
# 
_pdbx_struct_assembly_gen.assembly_id       1 
_pdbx_struct_assembly_gen.oper_expression   1,2 
_pdbx_struct_assembly_gen.asym_id_list      A,B,C,D 
# 
loop_
_pdbx_struct_oper_list.id 
_pdbx_struct_oper_list.type 
_pdbx_struct_oper_list.name 
_pdbx_struct_oper_list.symmetry_operation 
_pdbx_struct_oper_list.matrix[1][1] 
_pdbx_struct_oper_list.matrix[1][2] 
_pdbx_struct_oper_list.matrix[1][3] 
_pdbx_struct_oper_list.vector[1] 
_pdbx_struct_oper_list.matrix[2][1] 
_pdbx_struct_oper_list.matrix[2][2] 
_pdbx_struct_oper_list.matrix[2][3] 
_pdbx_struct_oper_list.vector[2] 
_pdbx_struct_oper_list.matrix[3][1] 
_pdbx_struct_oper_list.matrix[3][2] 
_pdbx_struct_oper_list.matrix[3][3] 
_pdbx_struct_oper_list.vector[3] 
1 'identity operation'         1_555 x,y,z         1.0000000000 0.0000000000  0.0000000000  0.0000000000  0.0000000000  1.0000000000  0.0000000000 0.0000000000  0.0000000000  0.0000000000 1.0000000000  0.0000000000  
2 'crystal symmetry operation' 3_656 -x+1,y,-z+3/2 0.0334091401 -0.7963868731 -0.6038640391 12.8556347204 -0.7963868731 -0.3862720708 0.4653620480 -5.2255961798 -0.6038640391 0.4653620480 -0.6471370694 28.8918125500 
# 
loop_
_pdbx_audit_revision_history.ordinal 
_pdbx_audit_revision_history.data_content_type 
_pdbx_audit_revision_history.major_revision 
_pdbx_audit_revision_history.minor_revision 
_pdbx_audit_revision_history.revision_date 
1 'Structure model' 1 0 2007-09-04 
2 'Structure model' 1 1 2011-07-13 
3 'Structure model' 1 2 2023-10-25 
# 
_pdbx_audit_revision_details.ordinal             1 
_pdbx_audit_revision_details.revision_ordinal    1 
_pdbx_audit_revision_details.data_content_type   'Structure model' 
_pdbx_audit_revision_details.provider            repository 
_pdbx_audit_revision_details.type                'Initial release' 
_pdbx_audit_revision_details.description         ? 
_pdbx_audit_revision_details.details             ? 
# 
loop_
_pdbx_audit_revision_group.ordinal 
_pdbx_audit_revision_group.revision_ordinal 
_pdbx_audit_revision_group.data_content_type 
_pdbx_audit_revision_group.group 
1 2 'Structure model' 'Version format compliance' 
2 3 'Structure model' 'Data collection'           
3 3 'Structure model' 'Database references'       
4 3 'Structure model' 'Derived calculations'      
5 3 'Structure model' 'Refinement description'    
# 
loop_
_pdbx_audit_revision_category.ordinal 
_pdbx_audit_revision_category.revision_ordinal 
_pdbx_audit_revision_category.data_content_type 
_pdbx_audit_revision_category.category 
1 3 'Structure model' chem_comp_atom                
2 3 'Structure model' chem_comp_bond                
3 3 'Structure model' database_2                    
4 3 'Structure model' pdbx_initial_refinement_model 
5 3 'Structure model' struct_conn                   
6 3 'Structure model' struct_site                   
# 
loop_
_pdbx_audit_revision_item.ordinal 
_pdbx_audit_revision_item.revision_ordinal 
_pdbx_audit_revision_item.data_content_type 
_pdbx_audit_revision_item.item 
1  3 'Structure model' '_database_2.pdbx_DOI'                
2  3 'Structure model' '_database_2.pdbx_database_accession' 
3  3 'Structure model' '_struct_conn.ptnr1_auth_comp_id'     
4  3 'Structure model' '_struct_conn.ptnr1_auth_seq_id'      
5  3 'Structure model' '_struct_conn.ptnr1_label_asym_id'    
6  3 'Structure model' '_struct_conn.ptnr1_label_atom_id'    
7  3 'Structure model' '_struct_conn.ptnr1_label_comp_id'    
8  3 'Structure model' '_struct_conn.ptnr1_label_seq_id'     
9  3 'Structure model' '_struct_conn.ptnr2_auth_comp_id'     
10 3 'Structure model' '_struct_conn.ptnr2_auth_seq_id'      
11 3 'Structure model' '_struct_conn.ptnr2_label_asym_id'    
12 3 'Structure model' '_struct_conn.ptnr2_label_atom_id'    
13 3 'Structure model' '_struct_conn.ptnr2_label_comp_id'    
14 3 'Structure model' '_struct_conn.ptnr2_label_seq_id'     
15 3 'Structure model' '_struct_site.pdbx_auth_asym_id'      
16 3 'Structure model' '_struct_site.pdbx_auth_comp_id'      
17 3 'Structure model' '_struct_site.pdbx_auth_seq_id'       
# 
loop_
_software.name 
_software.classification 
_software.version 
_software.citation_id 
_software.pdbx_ordinal 
CNS       refinement       1.1 ? 1 
HKL-2000  'data reduction' .   ? 2 
SCALEPACK 'data scaling'   .   ? 3 
AMoRE     phasing          .   ? 4 
# 
_pdbx_validate_torsion.id              1 
_pdbx_validate_torsion.PDB_model_num   1 
_pdbx_validate_torsion.auth_comp_id    THR 
_pdbx_validate_torsion.auth_asym_id    A 
_pdbx_validate_torsion.auth_seq_id     87 
_pdbx_validate_torsion.PDB_ins_code    ? 
_pdbx_validate_torsion.label_alt_id    ? 
_pdbx_validate_torsion.phi             -101.32 
_pdbx_validate_torsion.psi             -76.57 
# 
_pdbx_unobs_or_zero_occ_residues.id               1 
_pdbx_unobs_or_zero_occ_residues.PDB_model_num    1 
_pdbx_unobs_or_zero_occ_residues.polymer_flag     Y 
_pdbx_unobs_or_zero_occ_residues.occupancy_flag   1 
_pdbx_unobs_or_zero_occ_residues.auth_asym_id     A 
_pdbx_unobs_or_zero_occ_residues.auth_comp_id     TYR 
_pdbx_unobs_or_zero_occ_residues.auth_seq_id      186 
_pdbx_unobs_or_zero_occ_residues.PDB_ins_code     ? 
_pdbx_unobs_or_zero_occ_residues.label_asym_id    A 
_pdbx_unobs_or_zero_occ_residues.label_comp_id    TYR 
_pdbx_unobs_or_zero_occ_residues.label_seq_id     186 
# 
loop_
_chem_comp_atom.comp_id 
_chem_comp_atom.atom_id 
_chem_comp_atom.type_symbol 
_chem_comp_atom.pdbx_aromatic_flag 
_chem_comp_atom.pdbx_stereo_config 
_chem_comp_atom.pdbx_ordinal 
ALA N      N  N N 1   
ALA CA     C  N S 2   
ALA C      C  N N 3   
ALA O      O  N N 4   
ALA CB     C  N N 5   
ALA OXT    O  N N 6   
ALA H      H  N N 7   
ALA H2     H  N N 8   
ALA HA     H  N N 9   
ALA HB1    H  N N 10  
ALA HB2    H  N N 11  
ALA HB3    H  N N 12  
ALA HXT    H  N N 13  
ARG N      N  N N 14  
ARG CA     C  N S 15  
ARG C      C  N N 16  
ARG O      O  N N 17  
ARG CB     C  N N 18  
ARG CG     C  N N 19  
ARG CD     C  N N 20  
ARG NE     N  N N 21  
ARG CZ     C  N N 22  
ARG NH1    N  N N 23  
ARG NH2    N  N N 24  
ARG OXT    O  N N 25  
ARG H      H  N N 26  
ARG H2     H  N N 27  
ARG HA     H  N N 28  
ARG HB2    H  N N 29  
ARG HB3    H  N N 30  
ARG HG2    H  N N 31  
ARG HG3    H  N N 32  
ARG HD2    H  N N 33  
ARG HD3    H  N N 34  
ARG HE     H  N N 35  
ARG HH11   H  N N 36  
ARG HH12   H  N N 37  
ARG HH21   H  N N 38  
ARG HH22   H  N N 39  
ARG HXT    H  N N 40  
ASN N      N  N N 41  
ASN CA     C  N S 42  
ASN C      C  N N 43  
ASN O      O  N N 44  
ASN CB     C  N N 45  
ASN CG     C  N N 46  
ASN OD1    O  N N 47  
ASN ND2    N  N N 48  
ASN OXT    O  N N 49  
ASN H      H  N N 50  
ASN H2     H  N N 51  
ASN HA     H  N N 52  
ASN HB2    H  N N 53  
ASN HB3    H  N N 54  
ASN HD21   H  N N 55  
ASN HD22   H  N N 56  
ASN HXT    H  N N 57  
ASP N      N  N N 58  
ASP CA     C  N S 59  
ASP C      C  N N 60  
ASP O      O  N N 61  
ASP CB     C  N N 62  
ASP CG     C  N N 63  
ASP OD1    O  N N 64  
ASP OD2    O  N N 65  
ASP OXT    O  N N 66  
ASP H      H  N N 67  
ASP H2     H  N N 68  
ASP HA     H  N N 69  
ASP HB2    H  N N 70  
ASP HB3    H  N N 71  
ASP HD2    H  N N 72  
ASP HXT    H  N N 73  
GLN N      N  N N 74  
GLN CA     C  N S 75  
GLN C      C  N N 76  
GLN O      O  N N 77  
GLN CB     C  N N 78  
GLN CG     C  N N 79  
GLN CD     C  N N 80  
GLN OE1    O  N N 81  
GLN NE2    N  N N 82  
GLN OXT    O  N N 83  
GLN H      H  N N 84  
GLN H2     H  N N 85  
GLN HA     H  N N 86  
GLN HB2    H  N N 87  
GLN HB3    H  N N 88  
GLN HG2    H  N N 89  
GLN HG3    H  N N 90  
GLN HE21   H  N N 91  
GLN HE22   H  N N 92  
GLN HXT    H  N N 93  
GLU N      N  N N 94  
GLU CA     C  N S 95  
GLU C      C  N N 96  
GLU O      O  N N 97  
GLU CB     C  N N 98  
GLU CG     C  N N 99  
GLU CD     C  N N 100 
GLU OE1    O  N N 101 
GLU OE2    O  N N 102 
GLU OXT    O  N N 103 
GLU H      H  N N 104 
GLU H2     H  N N 105 
GLU HA     H  N N 106 
GLU HB2    H  N N 107 
GLU HB3    H  N N 108 
GLU HG2    H  N N 109 
GLU HG3    H  N N 110 
GLU HE2    H  N N 111 
GLU HXT    H  N N 112 
GLY N      N  N N 113 
GLY CA     C  N N 114 
GLY C      C  N N 115 
GLY O      O  N N 116 
GLY OXT    O  N N 117 
GLY H      H  N N 118 
GLY H2     H  N N 119 
GLY HA2    H  N N 120 
GLY HA3    H  N N 121 
GLY HXT    H  N N 122 
HIS N      N  N N 123 
HIS CA     C  N S 124 
HIS C      C  N N 125 
HIS O      O  N N 126 
HIS CB     C  N N 127 
HIS CG     C  Y N 128 
HIS ND1    N  Y N 129 
HIS CD2    C  Y N 130 
HIS CE1    C  Y N 131 
HIS NE2    N  Y N 132 
HIS OXT    O  N N 133 
HIS H      H  N N 134 
HIS H2     H  N N 135 
HIS HA     H  N N 136 
HIS HB2    H  N N 137 
HIS HB3    H  N N 138 
HIS HD1    H  N N 139 
HIS HD2    H  N N 140 
HIS HE1    H  N N 141 
HIS HE2    H  N N 142 
HIS HXT    H  N N 143 
HOH O      O  N N 144 
HOH H1     H  N N 145 
HOH H2     H  N N 146 
ILE N      N  N N 147 
ILE CA     C  N S 148 
ILE C      C  N N 149 
ILE O      O  N N 150 
ILE CB     C  N S 151 
ILE CG1    C  N N 152 
ILE CG2    C  N N 153 
ILE CD1    C  N N 154 
ILE OXT    O  N N 155 
ILE H      H  N N 156 
ILE H2     H  N N 157 
ILE HA     H  N N 158 
ILE HB     H  N N 159 
ILE HG12   H  N N 160 
ILE HG13   H  N N 161 
ILE HG21   H  N N 162 
ILE HG22   H  N N 163 
ILE HG23   H  N N 164 
ILE HD11   H  N N 165 
ILE HD12   H  N N 166 
ILE HD13   H  N N 167 
ILE HXT    H  N N 168 
ITT PG     P  N N 169 
ITT O1G    O  N N 170 
ITT O2G    O  N N 171 
ITT O3G    O  N N 172 
ITT PB     P  N R 173 
ITT O1B    O  N N 174 
ITT O2B    O  N N 175 
ITT O3B    O  N N 176 
ITT PA     P  N S 177 
ITT O1A    O  N N 178 
ITT O2A    O  N N 179 
ITT O3A    O  N N 180 
ITT "O5'"  O  N N 181 
ITT "C5'"  C  N N 182 
ITT "C4'"  C  N R 183 
ITT "O4'"  O  N N 184 
ITT "C3'"  C  N S 185 
ITT "O3'"  O  N N 186 
ITT "C2'"  C  N R 187 
ITT "O2'"  O  N N 188 
ITT "C1'"  C  N R 189 
ITT N9     N  Y N 190 
ITT C8     C  Y N 191 
ITT N7     N  Y N 192 
ITT C5     C  Y N 193 
ITT C6     C  Y N 194 
ITT O6     O  N N 195 
ITT N1     N  Y N 196 
ITT C2     C  Y N 197 
ITT N3     N  Y N 198 
ITT C4     C  Y N 199 
ITT H2G    H  N N 200 
ITT H3G    H  N N 201 
ITT H2B    H  N N 202 
ITT H2A    H  N N 203 
ITT "H5'1" H  N N 204 
ITT "H5'2" H  N N 205 
ITT "H4'"  H  N N 206 
ITT "H3'"  H  N N 207 
ITT H1     H  N N 208 
ITT "H2'"  H  N N 209 
ITT H3     H  N N 210 
ITT "H1'"  H  N N 211 
ITT H8     H  N N 212 
ITT HO6    H  N N 213 
ITT H2     H  N N 214 
LEU N      N  N N 215 
LEU CA     C  N S 216 
LEU C      C  N N 217 
LEU O      O  N N 218 
LEU CB     C  N N 219 
LEU CG     C  N N 220 
LEU CD1    C  N N 221 
LEU CD2    C  N N 222 
LEU OXT    O  N N 223 
LEU H      H  N N 224 
LEU H2     H  N N 225 
LEU HA     H  N N 226 
LEU HB2    H  N N 227 
LEU HB3    H  N N 228 
LEU HG     H  N N 229 
LEU HD11   H  N N 230 
LEU HD12   H  N N 231 
LEU HD13   H  N N 232 
LEU HD21   H  N N 233 
LEU HD22   H  N N 234 
LEU HD23   H  N N 235 
LEU HXT    H  N N 236 
LYS N      N  N N 237 
LYS CA     C  N S 238 
LYS C      C  N N 239 
LYS O      O  N N 240 
LYS CB     C  N N 241 
LYS CG     C  N N 242 
LYS CD     C  N N 243 
LYS CE     C  N N 244 
LYS NZ     N  N N 245 
LYS OXT    O  N N 246 
LYS H      H  N N 247 
LYS H2     H  N N 248 
LYS HA     H  N N 249 
LYS HB2    H  N N 250 
LYS HB3    H  N N 251 
LYS HG2    H  N N 252 
LYS HG3    H  N N 253 
LYS HD2    H  N N 254 
LYS HD3    H  N N 255 
LYS HE2    H  N N 256 
LYS HE3    H  N N 257 
LYS HZ1    H  N N 258 
LYS HZ2    H  N N 259 
LYS HZ3    H  N N 260 
LYS HXT    H  N N 261 
MET N      N  N N 262 
MET CA     C  N S 263 
MET C      C  N N 264 
MET O      O  N N 265 
MET CB     C  N N 266 
MET CG     C  N N 267 
MET SD     S  N N 268 
MET CE     C  N N 269 
MET OXT    O  N N 270 
MET H      H  N N 271 
MET H2     H  N N 272 
MET HA     H  N N 273 
MET HB2    H  N N 274 
MET HB3    H  N N 275 
MET HG2    H  N N 276 
MET HG3    H  N N 277 
MET HE1    H  N N 278 
MET HE2    H  N N 279 
MET HE3    H  N N 280 
MET HXT    H  N N 281 
NA  NA     NA N N 282 
PHE N      N  N N 283 
PHE CA     C  N S 284 
PHE C      C  N N 285 
PHE O      O  N N 286 
PHE CB     C  N N 287 
PHE CG     C  Y N 288 
PHE CD1    C  Y N 289 
PHE CD2    C  Y N 290 
PHE CE1    C  Y N 291 
PHE CE2    C  Y N 292 
PHE CZ     C  Y N 293 
PHE OXT    O  N N 294 
PHE H      H  N N 295 
PHE H2     H  N N 296 
PHE HA     H  N N 297 
PHE HB2    H  N N 298 
PHE HB3    H  N N 299 
PHE HD1    H  N N 300 
PHE HD2    H  N N 301 
PHE HE1    H  N N 302 
PHE HE2    H  N N 303 
PHE HZ     H  N N 304 
PHE HXT    H  N N 305 
PRO N      N  N N 306 
PRO CA     C  N S 307 
PRO C      C  N N 308 
PRO O      O  N N 309 
PRO CB     C  N N 310 
PRO CG     C  N N 311 
PRO CD     C  N N 312 
PRO OXT    O  N N 313 
PRO H      H  N N 314 
PRO HA     H  N N 315 
PRO HB2    H  N N 316 
PRO HB3    H  N N 317 
PRO HG2    H  N N 318 
PRO HG3    H  N N 319 
PRO HD2    H  N N 320 
PRO HD3    H  N N 321 
PRO HXT    H  N N 322 
SER N      N  N N 323 
SER CA     C  N S 324 
SER C      C  N N 325 
SER O      O  N N 326 
SER CB     C  N N 327 
SER OG     O  N N 328 
SER OXT    O  N N 329 
SER H      H  N N 330 
SER H2     H  N N 331 
SER HA     H  N N 332 
SER HB2    H  N N 333 
SER HB3    H  N N 334 
SER HG     H  N N 335 
SER HXT    H  N N 336 
THR N      N  N N 337 
THR CA     C  N S 338 
THR C      C  N N 339 
THR O      O  N N 340 
THR CB     C  N R 341 
THR OG1    O  N N 342 
THR CG2    C  N N 343 
THR OXT    O  N N 344 
THR H      H  N N 345 
THR H2     H  N N 346 
THR HA     H  N N 347 
THR HB     H  N N 348 
THR HG1    H  N N 349 
THR HG21   H  N N 350 
THR HG22   H  N N 351 
THR HG23   H  N N 352 
THR HXT    H  N N 353 
TRP N      N  N N 354 
TRP CA     C  N S 355 
TRP C      C  N N 356 
TRP O      O  N N 357 
TRP CB     C  N N 358 
TRP CG     C  Y N 359 
TRP CD1    C  Y N 360 
TRP CD2    C  Y N 361 
TRP NE1    N  Y N 362 
TRP CE2    C  Y N 363 
TRP CE3    C  Y N 364 
TRP CZ2    C  Y N 365 
TRP CZ3    C  Y N 366 
TRP CH2    C  Y N 367 
TRP OXT    O  N N 368 
TRP H      H  N N 369 
TRP H2     H  N N 370 
TRP HA     H  N N 371 
TRP HB2    H  N N 372 
TRP HB3    H  N N 373 
TRP HD1    H  N N 374 
TRP HE1    H  N N 375 
TRP HE3    H  N N 376 
TRP HZ2    H  N N 377 
TRP HZ3    H  N N 378 
TRP HH2    H  N N 379 
TRP HXT    H  N N 380 
TYR N      N  N N 381 
TYR CA     C  N S 382 
TYR C      C  N N 383 
TYR O      O  N N 384 
TYR CB     C  N N 385 
TYR CG     C  Y N 386 
TYR CD1    C  Y N 387 
TYR CD2    C  Y N 388 
TYR CE1    C  Y N 389 
TYR CE2    C  Y N 390 
TYR CZ     C  Y N 391 
TYR OH     O  N N 392 
TYR OXT    O  N N 393 
TYR H      H  N N 394 
TYR H2     H  N N 395 
TYR HA     H  N N 396 
TYR HB2    H  N N 397 
TYR HB3    H  N N 398 
TYR HD1    H  N N 399 
TYR HD2    H  N N 400 
TYR HE1    H  N N 401 
TYR HE2    H  N N 402 
TYR HH     H  N N 403 
TYR HXT    H  N N 404 
VAL N      N  N N 405 
VAL CA     C  N S 406 
VAL C      C  N N 407 
VAL O      O  N N 408 
VAL CB     C  N N 409 
VAL CG1    C  N N 410 
VAL CG2    C  N N 411 
VAL OXT    O  N N 412 
VAL H      H  N N 413 
VAL H2     H  N N 414 
VAL HA     H  N N 415 
VAL HB     H  N N 416 
VAL HG11   H  N N 417 
VAL HG12   H  N N 418 
VAL HG13   H  N N 419 
VAL HG21   H  N N 420 
VAL HG22   H  N N 421 
VAL HG23   H  N N 422 
VAL HXT    H  N N 423 
# 
loop_
_chem_comp_bond.comp_id 
_chem_comp_bond.atom_id_1 
_chem_comp_bond.atom_id_2 
_chem_comp_bond.value_order 
_chem_comp_bond.pdbx_aromatic_flag 
_chem_comp_bond.pdbx_stereo_config 
_chem_comp_bond.pdbx_ordinal 
ALA N     CA     sing N N 1   
ALA N     H      sing N N 2   
ALA N     H2     sing N N 3   
ALA CA    C      sing N N 4   
ALA CA    CB     sing N N 5   
ALA CA    HA     sing N N 6   
ALA C     O      doub N N 7   
ALA C     OXT    sing N N 8   
ALA CB    HB1    sing N N 9   
ALA CB    HB2    sing N N 10  
ALA CB    HB3    sing N N 11  
ALA OXT   HXT    sing N N 12  
ARG N     CA     sing N N 13  
ARG N     H      sing N N 14  
ARG N     H2     sing N N 15  
ARG CA    C      sing N N 16  
ARG CA    CB     sing N N 17  
ARG CA    HA     sing N N 18  
ARG C     O      doub N N 19  
ARG C     OXT    sing N N 20  
ARG CB    CG     sing N N 21  
ARG CB    HB2    sing N N 22  
ARG CB    HB3    sing N N 23  
ARG CG    CD     sing N N 24  
ARG CG    HG2    sing N N 25  
ARG CG    HG3    sing N N 26  
ARG CD    NE     sing N N 27  
ARG CD    HD2    sing N N 28  
ARG CD    HD3    sing N N 29  
ARG NE    CZ     sing N N 30  
ARG NE    HE     sing N N 31  
ARG CZ    NH1    sing N N 32  
ARG CZ    NH2    doub N N 33  
ARG NH1   HH11   sing N N 34  
ARG NH1   HH12   sing N N 35  
ARG NH2   HH21   sing N N 36  
ARG NH2   HH22   sing N N 37  
ARG OXT   HXT    sing N N 38  
ASN N     CA     sing N N 39  
ASN N     H      sing N N 40  
ASN N     H2     sing N N 41  
ASN CA    C      sing N N 42  
ASN CA    CB     sing N N 43  
ASN CA    HA     sing N N 44  
ASN C     O      doub N N 45  
ASN C     OXT    sing N N 46  
ASN CB    CG     sing N N 47  
ASN CB    HB2    sing N N 48  
ASN CB    HB3    sing N N 49  
ASN CG    OD1    doub N N 50  
ASN CG    ND2    sing N N 51  
ASN ND2   HD21   sing N N 52  
ASN ND2   HD22   sing N N 53  
ASN OXT   HXT    sing N N 54  
ASP N     CA     sing N N 55  
ASP N     H      sing N N 56  
ASP N     H2     sing N N 57  
ASP CA    C      sing N N 58  
ASP CA    CB     sing N N 59  
ASP CA    HA     sing N N 60  
ASP C     O      doub N N 61  
ASP C     OXT    sing N N 62  
ASP CB    CG     sing N N 63  
ASP CB    HB2    sing N N 64  
ASP CB    HB3    sing N N 65  
ASP CG    OD1    doub N N 66  
ASP CG    OD2    sing N N 67  
ASP OD2   HD2    sing N N 68  
ASP OXT   HXT    sing N N 69  
GLN N     CA     sing N N 70  
GLN N     H      sing N N 71  
GLN N     H2     sing N N 72  
GLN CA    C      sing N N 73  
GLN CA    CB     sing N N 74  
GLN CA    HA     sing N N 75  
GLN C     O      doub N N 76  
GLN C     OXT    sing N N 77  
GLN CB    CG     sing N N 78  
GLN CB    HB2    sing N N 79  
GLN CB    HB3    sing N N 80  
GLN CG    CD     sing N N 81  
GLN CG    HG2    sing N N 82  
GLN CG    HG3    sing N N 83  
GLN CD    OE1    doub N N 84  
GLN CD    NE2    sing N N 85  
GLN NE2   HE21   sing N N 86  
GLN NE2   HE22   sing N N 87  
GLN OXT   HXT    sing N N 88  
GLU N     CA     sing N N 89  
GLU N     H      sing N N 90  
GLU N     H2     sing N N 91  
GLU CA    C      sing N N 92  
GLU CA    CB     sing N N 93  
GLU CA    HA     sing N N 94  
GLU C     O      doub N N 95  
GLU C     OXT    sing N N 96  
GLU CB    CG     sing N N 97  
GLU CB    HB2    sing N N 98  
GLU CB    HB3    sing N N 99  
GLU CG    CD     sing N N 100 
GLU CG    HG2    sing N N 101 
GLU CG    HG3    sing N N 102 
GLU CD    OE1    doub N N 103 
GLU CD    OE2    sing N N 104 
GLU OE2   HE2    sing N N 105 
GLU OXT   HXT    sing N N 106 
GLY N     CA     sing N N 107 
GLY N     H      sing N N 108 
GLY N     H2     sing N N 109 
GLY CA    C      sing N N 110 
GLY CA    HA2    sing N N 111 
GLY CA    HA3    sing N N 112 
GLY C     O      doub N N 113 
GLY C     OXT    sing N N 114 
GLY OXT   HXT    sing N N 115 
HIS N     CA     sing N N 116 
HIS N     H      sing N N 117 
HIS N     H2     sing N N 118 
HIS CA    C      sing N N 119 
HIS CA    CB     sing N N 120 
HIS CA    HA     sing N N 121 
HIS C     O      doub N N 122 
HIS C     OXT    sing N N 123 
HIS CB    CG     sing N N 124 
HIS CB    HB2    sing N N 125 
HIS CB    HB3    sing N N 126 
HIS CG    ND1    sing Y N 127 
HIS CG    CD2    doub Y N 128 
HIS ND1   CE1    doub Y N 129 
HIS ND1   HD1    sing N N 130 
HIS CD2   NE2    sing Y N 131 
HIS CD2   HD2    sing N N 132 
HIS CE1   NE2    sing Y N 133 
HIS CE1   HE1    sing N N 134 
HIS NE2   HE2    sing N N 135 
HIS OXT   HXT    sing N N 136 
HOH O     H1     sing N N 137 
HOH O     H2     sing N N 138 
ILE N     CA     sing N N 139 
ILE N     H      sing N N 140 
ILE N     H2     sing N N 141 
ILE CA    C      sing N N 142 
ILE CA    CB     sing N N 143 
ILE CA    HA     sing N N 144 
ILE C     O      doub N N 145 
ILE C     OXT    sing N N 146 
ILE CB    CG1    sing N N 147 
ILE CB    CG2    sing N N 148 
ILE CB    HB     sing N N 149 
ILE CG1   CD1    sing N N 150 
ILE CG1   HG12   sing N N 151 
ILE CG1   HG13   sing N N 152 
ILE CG2   HG21   sing N N 153 
ILE CG2   HG22   sing N N 154 
ILE CG2   HG23   sing N N 155 
ILE CD1   HD11   sing N N 156 
ILE CD1   HD12   sing N N 157 
ILE CD1   HD13   sing N N 158 
ILE OXT   HXT    sing N N 159 
ITT PG    O1G    doub N N 160 
ITT PG    O2G    sing N N 161 
ITT PG    O3G    sing N N 162 
ITT PG    O3B    sing N N 163 
ITT O2G   H2G    sing N N 164 
ITT O3G   H3G    sing N N 165 
ITT PB    O1B    doub N N 166 
ITT PB    O2B    sing N N 167 
ITT PB    O3B    sing N N 168 
ITT PB    O3A    sing N N 169 
ITT O2B   H2B    sing N N 170 
ITT PA    O1A    doub N N 171 
ITT PA    O2A    sing N N 172 
ITT PA    O3A    sing N N 173 
ITT PA    "O5'"  sing N N 174 
ITT O2A   H2A    sing N N 175 
ITT "O5'" "C5'"  sing N N 176 
ITT "C5'" "C4'"  sing N N 177 
ITT "C5'" "H5'1" sing N N 178 
ITT "C5'" "H5'2" sing N N 179 
ITT "C4'" "O4'"  sing N N 180 
ITT "C4'" "C3'"  sing N N 181 
ITT "C4'" "H4'"  sing N N 182 
ITT "O4'" "C1'"  sing N N 183 
ITT "C3'" "O3'"  sing N N 184 
ITT "C3'" "C2'"  sing N N 185 
ITT "C3'" "H3'"  sing N N 186 
ITT "O3'" H1     sing N N 187 
ITT "C2'" "O2'"  sing N N 188 
ITT "C2'" "C1'"  sing N N 189 
ITT "C2'" "H2'"  sing N N 190 
ITT "O2'" H3     sing N N 191 
ITT "C1'" N9     sing N N 192 
ITT "C1'" "H1'"  sing N N 193 
ITT N9    C8     sing Y N 194 
ITT N9    C4     sing Y N 195 
ITT C8    N7     doub Y N 196 
ITT C8    H8     sing N N 197 
ITT N7    C5     sing Y N 198 
ITT C5    C6     sing Y N 199 
ITT C5    C4     doub Y N 200 
ITT C6    O6     sing N N 201 
ITT C6    N1     doub Y N 202 
ITT O6    HO6    sing N N 203 
ITT N1    C2     sing Y N 204 
ITT C2    N3     doub Y N 205 
ITT C2    H2     sing N N 206 
ITT N3    C4     sing Y N 207 
LEU N     CA     sing N N 208 
LEU N     H      sing N N 209 
LEU N     H2     sing N N 210 
LEU CA    C      sing N N 211 
LEU CA    CB     sing N N 212 
LEU CA    HA     sing N N 213 
LEU C     O      doub N N 214 
LEU C     OXT    sing N N 215 
LEU CB    CG     sing N N 216 
LEU CB    HB2    sing N N 217 
LEU CB    HB3    sing N N 218 
LEU CG    CD1    sing N N 219 
LEU CG    CD2    sing N N 220 
LEU CG    HG     sing N N 221 
LEU CD1   HD11   sing N N 222 
LEU CD1   HD12   sing N N 223 
LEU CD1   HD13   sing N N 224 
LEU CD2   HD21   sing N N 225 
LEU CD2   HD22   sing N N 226 
LEU CD2   HD23   sing N N 227 
LEU OXT   HXT    sing N N 228 
LYS N     CA     sing N N 229 
LYS N     H      sing N N 230 
LYS N     H2     sing N N 231 
LYS CA    C      sing N N 232 
LYS CA    CB     sing N N 233 
LYS CA    HA     sing N N 234 
LYS C     O      doub N N 235 
LYS C     OXT    sing N N 236 
LYS CB    CG     sing N N 237 
LYS CB    HB2    sing N N 238 
LYS CB    HB3    sing N N 239 
LYS CG    CD     sing N N 240 
LYS CG    HG2    sing N N 241 
LYS CG    HG3    sing N N 242 
LYS CD    CE     sing N N 243 
LYS CD    HD2    sing N N 244 
LYS CD    HD3    sing N N 245 
LYS CE    NZ     sing N N 246 
LYS CE    HE2    sing N N 247 
LYS CE    HE3    sing N N 248 
LYS NZ    HZ1    sing N N 249 
LYS NZ    HZ2    sing N N 250 
LYS NZ    HZ3    sing N N 251 
LYS OXT   HXT    sing N N 252 
MET N     CA     sing N N 253 
MET N     H      sing N N 254 
MET N     H2     sing N N 255 
MET CA    C      sing N N 256 
MET CA    CB     sing N N 257 
MET CA    HA     sing N N 258 
MET C     O      doub N N 259 
MET C     OXT    sing N N 260 
MET CB    CG     sing N N 261 
MET CB    HB2    sing N N 262 
MET CB    HB3    sing N N 263 
MET CG    SD     sing N N 264 
MET CG    HG2    sing N N 265 
MET CG    HG3    sing N N 266 
MET SD    CE     sing N N 267 
MET CE    HE1    sing N N 268 
MET CE    HE2    sing N N 269 
MET CE    HE3    sing N N 270 
MET OXT   HXT    sing N N 271 
PHE N     CA     sing N N 272 
PHE N     H      sing N N 273 
PHE N     H2     sing N N 274 
PHE CA    C      sing N N 275 
PHE CA    CB     sing N N 276 
PHE CA    HA     sing N N 277 
PHE C     O      doub N N 278 
PHE C     OXT    sing N N 279 
PHE CB    CG     sing N N 280 
PHE CB    HB2    sing N N 281 
PHE CB    HB3    sing N N 282 
PHE CG    CD1    doub Y N 283 
PHE CG    CD2    sing Y N 284 
PHE CD1   CE1    sing Y N 285 
PHE CD1   HD1    sing N N 286 
PHE CD2   CE2    doub Y N 287 
PHE CD2   HD2    sing N N 288 
PHE CE1   CZ     doub Y N 289 
PHE CE1   HE1    sing N N 290 
PHE CE2   CZ     sing Y N 291 
PHE CE2   HE2    sing N N 292 
PHE CZ    HZ     sing N N 293 
PHE OXT   HXT    sing N N 294 
PRO N     CA     sing N N 295 
PRO N     CD     sing N N 296 
PRO N     H      sing N N 297 
PRO CA    C      sing N N 298 
PRO CA    CB     sing N N 299 
PRO CA    HA     sing N N 300 
PRO C     O      doub N N 301 
PRO C     OXT    sing N N 302 
PRO CB    CG     sing N N 303 
PRO CB    HB2    sing N N 304 
PRO CB    HB3    sing N N 305 
PRO CG    CD     sing N N 306 
PRO CG    HG2    sing N N 307 
PRO CG    HG3    sing N N 308 
PRO CD    HD2    sing N N 309 
PRO CD    HD3    sing N N 310 
PRO OXT   HXT    sing N N 311 
SER N     CA     sing N N 312 
SER N     H      sing N N 313 
SER N     H2     sing N N 314 
SER CA    C      sing N N 315 
SER CA    CB     sing N N 316 
SER CA    HA     sing N N 317 
SER C     O      doub N N 318 
SER C     OXT    sing N N 319 
SER CB    OG     sing N N 320 
SER CB    HB2    sing N N 321 
SER CB    HB3    sing N N 322 
SER OG    HG     sing N N 323 
SER OXT   HXT    sing N N 324 
THR N     CA     sing N N 325 
THR N     H      sing N N 326 
THR N     H2     sing N N 327 
THR CA    C      sing N N 328 
THR CA    CB     sing N N 329 
THR CA    HA     sing N N 330 
THR C     O      doub N N 331 
THR C     OXT    sing N N 332 
THR CB    OG1    sing N N 333 
THR CB    CG2    sing N N 334 
THR CB    HB     sing N N 335 
THR OG1   HG1    sing N N 336 
THR CG2   HG21   sing N N 337 
THR CG2   HG22   sing N N 338 
THR CG2   HG23   sing N N 339 
THR OXT   HXT    sing N N 340 
TRP N     CA     sing N N 341 
TRP N     H      sing N N 342 
TRP N     H2     sing N N 343 
TRP CA    C      sing N N 344 
TRP CA    CB     sing N N 345 
TRP CA    HA     sing N N 346 
TRP C     O      doub N N 347 
TRP C     OXT    sing N N 348 
TRP CB    CG     sing N N 349 
TRP CB    HB2    sing N N 350 
TRP CB    HB3    sing N N 351 
TRP CG    CD1    doub Y N 352 
TRP CG    CD2    sing Y N 353 
TRP CD1   NE1    sing Y N 354 
TRP CD1   HD1    sing N N 355 
TRP CD2   CE2    doub Y N 356 
TRP CD2   CE3    sing Y N 357 
TRP NE1   CE2    sing Y N 358 
TRP NE1   HE1    sing N N 359 
TRP CE2   CZ2    sing Y N 360 
TRP CE3   CZ3    doub Y N 361 
TRP CE3   HE3    sing N N 362 
TRP CZ2   CH2    doub Y N 363 
TRP CZ2   HZ2    sing N N 364 
TRP CZ3   CH2    sing Y N 365 
TRP CZ3   HZ3    sing N N 366 
TRP CH2   HH2    sing N N 367 
TRP OXT   HXT    sing N N 368 
TYR N     CA     sing N N 369 
TYR N     H      sing N N 370 
TYR N     H2     sing N N 371 
TYR CA    C      sing N N 372 
TYR CA    CB     sing N N 373 
TYR CA    HA     sing N N 374 
TYR C     O      doub N N 375 
TYR C     OXT    sing N N 376 
TYR CB    CG     sing N N 377 
TYR CB    HB2    sing N N 378 
TYR CB    HB3    sing N N 379 
TYR CG    CD1    doub Y N 380 
TYR CG    CD2    sing Y N 381 
TYR CD1   CE1    sing Y N 382 
TYR CD1   HD1    sing N N 383 
TYR CD2   CE2    doub Y N 384 
TYR CD2   HD2    sing N N 385 
TYR CE1   CZ     doub Y N 386 
TYR CE1   HE1    sing N N 387 
TYR CE2   CZ     sing Y N 388 
TYR CE2   HE2    sing N N 389 
TYR CZ    OH     sing N N 390 
TYR OH    HH     sing N N 391 
TYR OXT   HXT    sing N N 392 
VAL N     CA     sing N N 393 
VAL N     H      sing N N 394 
VAL N     H2     sing N N 395 
VAL CA    C      sing N N 396 
VAL CA    CB     sing N N 397 
VAL CA    HA     sing N N 398 
VAL C     O      doub N N 399 
VAL C     OXT    sing N N 400 
VAL CB    CG1    sing N N 401 
VAL CB    CG2    sing N N 402 
VAL CB    HB     sing N N 403 
VAL CG1   HG11   sing N N 404 
VAL CG1   HG12   sing N N 405 
VAL CG1   HG13   sing N N 406 
VAL CG2   HG21   sing N N 407 
VAL CG2   HG22   sing N N 408 
VAL CG2   HG23   sing N N 409 
VAL OXT   HXT    sing N N 410 
# 
loop_
_pdbx_entity_nonpoly.entity_id 
_pdbx_entity_nonpoly.name 
_pdbx_entity_nonpoly.comp_id 
2 'SODIUM ION'              NA  
3 
;INOSINE 5'-TRIPHOSPHATE
;
ITT 
4 water                     HOH 
# 
_pdbx_initial_refinement_model.id               1 
_pdbx_initial_refinement_model.entity_id_list   ? 
_pdbx_initial_refinement_model.type             'experimental model' 
_pdbx_initial_refinement_model.source_name      PDB 
_pdbx_initial_refinement_model.accession_code   1V7R 
_pdbx_initial_refinement_model.details          'PDB ENTRY 1V7R' 
# 
